data_1AYW
# 
_entry.id   1AYW 
# 
_audit_conform.dict_name       mmcif_pdbx.dic 
_audit_conform.dict_version    5.399 
_audit_conform.dict_location   http://mmcif.pdb.org/dictionaries/ascii/mmcif_pdbx.dic 
# 
loop_
_database_2.database_id 
_database_2.database_code 
_database_2.pdbx_database_accession 
_database_2.pdbx_DOI 
PDB   1AYW         pdb_00001ayw 10.2210/pdb1ayw/pdb 
WWPDB D_1000171423 ?            ?                   
# 
loop_
_pdbx_audit_revision_history.ordinal 
_pdbx_audit_revision_history.data_content_type 
_pdbx_audit_revision_history.major_revision 
_pdbx_audit_revision_history.minor_revision 
_pdbx_audit_revision_history.revision_date 
1 'Structure model' 1 0 1998-11-25 
2 'Structure model' 1 1 2008-03-24 
3 'Structure model' 1 2 2011-07-13 
4 'Structure model' 1 3 2012-02-29 
5 'Structure model' 1 4 2018-03-07 
6 'Structure model' 1 5 2023-08-02 
7 'Structure model' 1 6 2024-11-20 
# 
_pdbx_audit_revision_details.ordinal             1 
_pdbx_audit_revision_details.revision_ordinal    1 
_pdbx_audit_revision_details.data_content_type   'Structure model' 
_pdbx_audit_revision_details.provider            repository 
_pdbx_audit_revision_details.type                'Initial release' 
_pdbx_audit_revision_details.description         ? 
_pdbx_audit_revision_details.details             ? 
# 
loop_
_pdbx_audit_revision_group.ordinal 
_pdbx_audit_revision_group.revision_ordinal 
_pdbx_audit_revision_group.data_content_type 
_pdbx_audit_revision_group.group 
1  2 'Structure model' 'Version format compliance' 
2  3 'Structure model' 'Version format compliance' 
3  4 'Structure model' 'Database references'       
4  5 'Structure model' 'Data collection'           
5  5 'Structure model' Other                       
6  6 'Structure model' 'Database references'       
7  6 'Structure model' 'Derived calculations'      
8  6 'Structure model' 'Refinement description'    
9  7 'Structure model' 'Data collection'           
10 7 'Structure model' 'Structure summary'         
# 
loop_
_pdbx_audit_revision_category.ordinal 
_pdbx_audit_revision_category.revision_ordinal 
_pdbx_audit_revision_category.data_content_type 
_pdbx_audit_revision_category.category 
1  5 'Structure model' diffrn_source                 
2  5 'Structure model' pdbx_database_status          
3  6 'Structure model' database_2                    
4  6 'Structure model' pdbx_initial_refinement_model 
5  6 'Structure model' struct_conn                   
6  6 'Structure model' struct_site                   
7  7 'Structure model' chem_comp_atom                
8  7 'Structure model' chem_comp_bond                
9  7 'Structure model' pdbx_entry_details            
10 7 'Structure model' pdbx_modification_feature     
# 
loop_
_pdbx_audit_revision_item.ordinal 
_pdbx_audit_revision_item.revision_ordinal 
_pdbx_audit_revision_item.data_content_type 
_pdbx_audit_revision_item.item 
1  5 'Structure model' '_diffrn_source.source'               
2  5 'Structure model' '_pdbx_database_status.process_site'  
3  6 'Structure model' '_database_2.pdbx_DOI'                
4  6 'Structure model' '_database_2.pdbx_database_accession' 
5  6 'Structure model' '_struct_conn.pdbx_leaving_atom_flag' 
6  6 'Structure model' '_struct_conn.ptnr1_auth_comp_id'     
7  6 'Structure model' '_struct_conn.ptnr1_auth_seq_id'      
8  6 'Structure model' '_struct_conn.ptnr1_label_asym_id'    
9  6 'Structure model' '_struct_conn.ptnr1_label_atom_id'    
10 6 'Structure model' '_struct_conn.ptnr1_label_comp_id'    
11 6 'Structure model' '_struct_conn.ptnr1_label_seq_id'     
12 6 'Structure model' '_struct_conn.ptnr2_auth_comp_id'     
13 6 'Structure model' '_struct_conn.ptnr2_auth_seq_id'      
14 6 'Structure model' '_struct_conn.ptnr2_label_asym_id'    
15 6 'Structure model' '_struct_conn.ptnr2_label_atom_id'    
16 6 'Structure model' '_struct_conn.ptnr2_label_comp_id'    
17 6 'Structure model' '_struct_conn.ptnr2_label_seq_id'     
18 6 'Structure model' '_struct_site.pdbx_auth_asym_id'      
19 6 'Structure model' '_struct_site.pdbx_auth_comp_id'      
20 6 'Structure model' '_struct_site.pdbx_auth_seq_id'       
# 
_pdbx_database_status.status_code                     REL 
_pdbx_database_status.entry_id                        1AYW 
_pdbx_database_status.recvd_initial_deposition_date   1997-11-10 
_pdbx_database_status.deposit_site                    ? 
_pdbx_database_status.process_site                    BNL 
_pdbx_database_status.SG_entry                        . 
_pdbx_database_status.status_code_sf                  ? 
_pdbx_database_status.status_code_mr                  ? 
_pdbx_database_status.status_code_cs                  ? 
_pdbx_database_status.pdb_format_compatible           Y 
_pdbx_database_status.methods_development_category    ? 
_pdbx_database_status.status_code_nmr_data            ? 
# 
loop_
_audit_author.name 
_audit_author.pdbx_ordinal 
'Zhao, B.'           1 
'Smith, W.W.'        2 
'Janson, C.A.'       3 
'Abdel-Meguid, S.S.' 4 
# 
_citation.id                        primary 
_citation.title                     'Design of potent and selective human cathepsin K inhibitors that span the active site.' 
_citation.journal_abbrev            Proc.Natl.Acad.Sci.USA 
_citation.journal_volume            94 
_citation.page_first                14249 
_citation.page_last                 14254 
_citation.year                      1997 
_citation.journal_id_ASTM           PNASA6 
_citation.country                   US 
_citation.journal_id_ISSN           0027-8424 
_citation.journal_id_CSD            0040 
_citation.book_publisher            ? 
_citation.pdbx_database_id_PubMed   9405598 
_citation.pdbx_database_id_DOI      10.1073/pnas.94.26.14249 
# 
loop_
_citation_author.citation_id 
_citation_author.name 
_citation_author.ordinal 
_citation_author.identifier_ORCID 
primary 'Thompson, S.K.'      1  ? 
primary 'Halbert, S.M.'       2  ? 
primary 'Bossard, M.J.'       3  ? 
primary 'Tomaszek, T.A.'      4  ? 
primary 'Levy, M.A.'          5  ? 
primary 'Zhao, B.'            6  ? 
primary 'Smith, W.W.'         7  ? 
primary 'Abdel-Meguid, S.S.'  8  ? 
primary 'Janson, C.A.'        9  ? 
primary 
;D'Alessio, K.J.
;
10 ? 
primary 'McQueney, M.S.'      11 ? 
primary 'Amegadzie, B.Y.'     12 ? 
primary 'Hanning, C.R.'       13 ? 
primary 'DesJarlais, R.L.'    14 ? 
primary 'Briand, J.'          15 ? 
primary 'Sarkar, S.K.'        16 ? 
primary 'Huddleston, M.J.'    17 ? 
primary 'Ijames, C.F.'        18 ? 
primary 'Carr, S.A.'          19 ? 
primary 'Garnes, K.T.'        20 ? 
primary 'Shu, A.'             21 ? 
primary 'Heys, J.R.'          22 ? 
primary 'Bradbeer, J.'        23 ? 
primary 'Zembryki, D.'        24 ? 
primary 'Lee-Rykaczewski, L.' 25 ? 
primary 'James, I.E.'         26 ? 
primary 'Lark, M.W.'          27 ? 
primary 'Drake, F.H.'         28 ? 
primary 'Gowen, M.'           29 ? 
primary 'Gleason, J.G.'       30 ? 
primary 'Veber, D.F.'         31 ? 
# 
loop_
_entity.id 
_entity.type 
_entity.src_method 
_entity.pdbx_description 
_entity.formula_weight 
_entity.pdbx_number_of_molecules 
_entity.pdbx_ec 
_entity.pdbx_mutation 
_entity.pdbx_fragment 
_entity.details 
1 polymer     man 'CATHEPSIN K'                                                              23523.480 1  3.4.22.38 ? ? 
'INHIBITOR COVALENTLY BOUND TO ACTIVE SITE CYS 25' 
2 non-polymer syn '1-(N-BENZYLOXYCARBONYL-L-LEUCINYL)-5-(3-BENZYLOXY BENZOYL)CARBOHYDRAZIDE' 547.602   1  ?         ? ? ? 
3 water       nat water                                                                      18.015    62 ?         ? ? ? 
# 
_entity_poly.entity_id                      1 
_entity_poly.type                           'polypeptide(L)' 
_entity_poly.nstd_linkage                   no 
_entity_poly.nstd_monomer                   no 
_entity_poly.pdbx_seq_one_letter_code       
;APDSVDYRKKGYVTPVKNQGQCGSCWAFSSVGALEGQLKKKTGKLLNLSPQNLVDCVSENDGCGGGYMTNAFQYVQKNRG
IDSEDAYPYVGQEESCMYNPTGKAAKCRGYREIPEGNEKALKRAVARVGPVSVAIDASLTSFQFYSKGVYYDESCNSDNL
NHAVLAVGYGIQKGNKHWIIKNSWGENWGNKGYILMARNKNNACGIANLASFPKM
;
_entity_poly.pdbx_seq_one_letter_code_can   
;APDSVDYRKKGYVTPVKNQGQCGSCWAFSSVGALEGQLKKKTGKLLNLSPQNLVDCVSENDGCGGGYMTNAFQYVQKNRG
IDSEDAYPYVGQEESCMYNPTGKAAKCRGYREIPEGNEKALKRAVARVGPVSVAIDASLTSFQFYSKGVYYDESCNSDNL
NHAVLAVGYGIQKGNKHWIIKNSWGENWGNKGYILMARNKNNACGIANLASFPKM
;
_entity_poly.pdbx_strand_id                 A 
_entity_poly.pdbx_target_identifier         ? 
# 
loop_
_pdbx_entity_nonpoly.entity_id 
_pdbx_entity_nonpoly.name 
_pdbx_entity_nonpoly.comp_id 
2 '1-(N-BENZYLOXYCARBONYL-L-LEUCINYL)-5-(3-BENZYLOXY BENZOYL)CARBOHYDRAZIDE' IN3 
3 water                                                                      HOH 
# 
loop_
_entity_poly_seq.entity_id 
_entity_poly_seq.num 
_entity_poly_seq.mon_id 
_entity_poly_seq.hetero 
1 1   ALA n 
1 2   PRO n 
1 3   ASP n 
1 4   SER n 
1 5   VAL n 
1 6   ASP n 
1 7   TYR n 
1 8   ARG n 
1 9   LYS n 
1 10  LYS n 
1 11  GLY n 
1 12  TYR n 
1 13  VAL n 
1 14  THR n 
1 15  PRO n 
1 16  VAL n 
1 17  LYS n 
1 18  ASN n 
1 19  GLN n 
1 20  GLY n 
1 21  GLN n 
1 22  CYS n 
1 23  GLY n 
1 24  SER n 
1 25  CYS n 
1 26  TRP n 
1 27  ALA n 
1 28  PHE n 
1 29  SER n 
1 30  SER n 
1 31  VAL n 
1 32  GLY n 
1 33  ALA n 
1 34  LEU n 
1 35  GLU n 
1 36  GLY n 
1 37  GLN n 
1 38  LEU n 
1 39  LYS n 
1 40  LYS n 
1 41  LYS n 
1 42  THR n 
1 43  GLY n 
1 44  LYS n 
1 45  LEU n 
1 46  LEU n 
1 47  ASN n 
1 48  LEU n 
1 49  SER n 
1 50  PRO n 
1 51  GLN n 
1 52  ASN n 
1 53  LEU n 
1 54  VAL n 
1 55  ASP n 
1 56  CYS n 
1 57  VAL n 
1 58  SER n 
1 59  GLU n 
1 60  ASN n 
1 61  ASP n 
1 62  GLY n 
1 63  CYS n 
1 64  GLY n 
1 65  GLY n 
1 66  GLY n 
1 67  TYR n 
1 68  MET n 
1 69  THR n 
1 70  ASN n 
1 71  ALA n 
1 72  PHE n 
1 73  GLN n 
1 74  TYR n 
1 75  VAL n 
1 76  GLN n 
1 77  LYS n 
1 78  ASN n 
1 79  ARG n 
1 80  GLY n 
1 81  ILE n 
1 82  ASP n 
1 83  SER n 
1 84  GLU n 
1 85  ASP n 
1 86  ALA n 
1 87  TYR n 
1 88  PRO n 
1 89  TYR n 
1 90  VAL n 
1 91  GLY n 
1 92  GLN n 
1 93  GLU n 
1 94  GLU n 
1 95  SER n 
1 96  CYS n 
1 97  MET n 
1 98  TYR n 
1 99  ASN n 
1 100 PRO n 
1 101 THR n 
1 102 GLY n 
1 103 LYS n 
1 104 ALA n 
1 105 ALA n 
1 106 LYS n 
1 107 CYS n 
1 108 ARG n 
1 109 GLY n 
1 110 TYR n 
1 111 ARG n 
1 112 GLU n 
1 113 ILE n 
1 114 PRO n 
1 115 GLU n 
1 116 GLY n 
1 117 ASN n 
1 118 GLU n 
1 119 LYS n 
1 120 ALA n 
1 121 LEU n 
1 122 LYS n 
1 123 ARG n 
1 124 ALA n 
1 125 VAL n 
1 126 ALA n 
1 127 ARG n 
1 128 VAL n 
1 129 GLY n 
1 130 PRO n 
1 131 VAL n 
1 132 SER n 
1 133 VAL n 
1 134 ALA n 
1 135 ILE n 
1 136 ASP n 
1 137 ALA n 
1 138 SER n 
1 139 LEU n 
1 140 THR n 
1 141 SER n 
1 142 PHE n 
1 143 GLN n 
1 144 PHE n 
1 145 TYR n 
1 146 SER n 
1 147 LYS n 
1 148 GLY n 
1 149 VAL n 
1 150 TYR n 
1 151 TYR n 
1 152 ASP n 
1 153 GLU n 
1 154 SER n 
1 155 CYS n 
1 156 ASN n 
1 157 SER n 
1 158 ASP n 
1 159 ASN n 
1 160 LEU n 
1 161 ASN n 
1 162 HIS n 
1 163 ALA n 
1 164 VAL n 
1 165 LEU n 
1 166 ALA n 
1 167 VAL n 
1 168 GLY n 
1 169 TYR n 
1 170 GLY n 
1 171 ILE n 
1 172 GLN n 
1 173 LYS n 
1 174 GLY n 
1 175 ASN n 
1 176 LYS n 
1 177 HIS n 
1 178 TRP n 
1 179 ILE n 
1 180 ILE n 
1 181 LYS n 
1 182 ASN n 
1 183 SER n 
1 184 TRP n 
1 185 GLY n 
1 186 GLU n 
1 187 ASN n 
1 188 TRP n 
1 189 GLY n 
1 190 ASN n 
1 191 LYS n 
1 192 GLY n 
1 193 TYR n 
1 194 ILE n 
1 195 LEU n 
1 196 MET n 
1 197 ALA n 
1 198 ARG n 
1 199 ASN n 
1 200 LYS n 
1 201 ASN n 
1 202 ASN n 
1 203 ALA n 
1 204 CYS n 
1 205 GLY n 
1 206 ILE n 
1 207 ALA n 
1 208 ASN n 
1 209 LEU n 
1 210 ALA n 
1 211 SER n 
1 212 PHE n 
1 213 PRO n 
1 214 LYS n 
1 215 MET n 
# 
_entity_src_gen.entity_id                          1 
_entity_src_gen.pdbx_src_id                        1 
_entity_src_gen.pdbx_alt_source_flag               sample 
_entity_src_gen.pdbx_seq_type                      ? 
_entity_src_gen.pdbx_beg_seq_num                   ? 
_entity_src_gen.pdbx_end_seq_num                   ? 
_entity_src_gen.gene_src_common_name               human 
_entity_src_gen.gene_src_genus                     Homo 
_entity_src_gen.pdbx_gene_src_gene                 ? 
_entity_src_gen.gene_src_species                   ? 
_entity_src_gen.gene_src_strain                    ? 
_entity_src_gen.gene_src_tissue                    ? 
_entity_src_gen.gene_src_tissue_fraction           ? 
_entity_src_gen.gene_src_details                   ? 
_entity_src_gen.pdbx_gene_src_fragment             ? 
_entity_src_gen.pdbx_gene_src_scientific_name      'Homo sapiens' 
_entity_src_gen.pdbx_gene_src_ncbi_taxonomy_id     9606 
_entity_src_gen.pdbx_gene_src_variant              ? 
_entity_src_gen.pdbx_gene_src_cell_line            SF21 
_entity_src_gen.pdbx_gene_src_atcc                 ? 
_entity_src_gen.pdbx_gene_src_organ                ? 
_entity_src_gen.pdbx_gene_src_organelle            ? 
_entity_src_gen.pdbx_gene_src_cell                 OSTEOCLAST 
_entity_src_gen.pdbx_gene_src_cellular_location    ? 
_entity_src_gen.host_org_common_name               'fall armyworm' 
_entity_src_gen.pdbx_host_org_scientific_name      'Spodoptera frugiperda' 
_entity_src_gen.pdbx_host_org_ncbi_taxonomy_id     7108 
_entity_src_gen.host_org_genus                     Spodoptera 
_entity_src_gen.pdbx_host_org_gene                 ? 
_entity_src_gen.pdbx_host_org_organ                ? 
_entity_src_gen.host_org_species                   ? 
_entity_src_gen.pdbx_host_org_tissue               ? 
_entity_src_gen.pdbx_host_org_tissue_fraction      ? 
_entity_src_gen.pdbx_host_org_strain               ? 
_entity_src_gen.pdbx_host_org_variant              ? 
_entity_src_gen.pdbx_host_org_cell_line            SF21 
_entity_src_gen.pdbx_host_org_atcc                 ? 
_entity_src_gen.pdbx_host_org_culture_collection   ? 
_entity_src_gen.pdbx_host_org_cell                 ? 
_entity_src_gen.pdbx_host_org_organelle            ? 
_entity_src_gen.pdbx_host_org_cellular_location    ? 
_entity_src_gen.pdbx_host_org_vector_type          ? 
_entity_src_gen.pdbx_host_org_vector               BACULOVIRUS 
_entity_src_gen.host_org_details                   ? 
_entity_src_gen.expression_system_id               ? 
_entity_src_gen.plasmid_name                       ? 
_entity_src_gen.plasmid_details                    ? 
_entity_src_gen.pdbx_description                   ? 
# 
loop_
_chem_comp.id 
_chem_comp.type 
_chem_comp.mon_nstd_flag 
_chem_comp.name 
_chem_comp.pdbx_synonyms 
_chem_comp.formula 
_chem_comp.formula_weight 
ALA 'L-peptide linking' y ALANINE                                                                    ? 'C3 H7 N O2'     89.093  
ARG 'L-peptide linking' y ARGININE                                                                   ? 'C6 H15 N4 O2 1' 175.209 
ASN 'L-peptide linking' y ASPARAGINE                                                                 ? 'C4 H8 N2 O3'    132.118 
ASP 'L-peptide linking' y 'ASPARTIC ACID'                                                            ? 'C4 H7 N O4'     133.103 
CYS 'L-peptide linking' y CYSTEINE                                                                   ? 'C3 H7 N O2 S'   121.158 
GLN 'L-peptide linking' y GLUTAMINE                                                                  ? 'C5 H10 N2 O3'   146.144 
GLU 'L-peptide linking' y 'GLUTAMIC ACID'                                                            ? 'C5 H9 N O4'     147.129 
GLY 'peptide linking'   y GLYCINE                                                                    ? 'C2 H5 N O2'     75.067  
HIS 'L-peptide linking' y HISTIDINE                                                                  ? 'C6 H10 N3 O2 1' 156.162 
HOH non-polymer         . WATER                                                                      ? 'H2 O'           18.015  
ILE 'L-peptide linking' y ISOLEUCINE                                                                 ? 'C6 H13 N O2'    131.173 
IN3 non-polymer         . '1-(N-BENZYLOXYCARBONYL-L-LEUCINYL)-5-(3-BENZYLOXY BENZOYL)CARBOHYDRAZIDE' ? 'C29 H33 N5 O6'  547.602 
LEU 'L-peptide linking' y LEUCINE                                                                    ? 'C6 H13 N O2'    131.173 
LYS 'L-peptide linking' y LYSINE                                                                     ? 'C6 H15 N2 O2 1' 147.195 
MET 'L-peptide linking' y METHIONINE                                                                 ? 'C5 H11 N O2 S'  149.211 
PHE 'L-peptide linking' y PHENYLALANINE                                                              ? 'C9 H11 N O2'    165.189 
PRO 'L-peptide linking' y PROLINE                                                                    ? 'C5 H9 N O2'     115.130 
SER 'L-peptide linking' y SERINE                                                                     ? 'C3 H7 N O3'     105.093 
THR 'L-peptide linking' y THREONINE                                                                  ? 'C4 H9 N O3'     119.119 
TRP 'L-peptide linking' y TRYPTOPHAN                                                                 ? 'C11 H12 N2 O2'  204.225 
TYR 'L-peptide linking' y TYROSINE                                                                   ? 'C9 H11 N O3'    181.189 
VAL 'L-peptide linking' y VALINE                                                                     ? 'C5 H11 N O2'    117.146 
# 
loop_
_pdbx_poly_seq_scheme.asym_id 
_pdbx_poly_seq_scheme.entity_id 
_pdbx_poly_seq_scheme.seq_id 
_pdbx_poly_seq_scheme.mon_id 
_pdbx_poly_seq_scheme.ndb_seq_num 
_pdbx_poly_seq_scheme.pdb_seq_num 
_pdbx_poly_seq_scheme.auth_seq_num 
_pdbx_poly_seq_scheme.pdb_mon_id 
_pdbx_poly_seq_scheme.auth_mon_id 
_pdbx_poly_seq_scheme.pdb_strand_id 
_pdbx_poly_seq_scheme.pdb_ins_code 
_pdbx_poly_seq_scheme.hetero 
A 1 1   ALA 1   1   1   ALA ALA A . n 
A 1 2   PRO 2   2   2   PRO PRO A . n 
A 1 3   ASP 3   3   3   ASP ASP A . n 
A 1 4   SER 4   4   4   SER SER A . n 
A 1 5   VAL 5   5   5   VAL VAL A . n 
A 1 6   ASP 6   6   6   ASP ASP A . n 
A 1 7   TYR 7   7   7   TYR TYR A . n 
A 1 8   ARG 8   8   8   ARG ARG A . n 
A 1 9   LYS 9   9   9   LYS LYS A . n 
A 1 10  LYS 10  10  10  LYS LYS A . n 
A 1 11  GLY 11  11  11  GLY GLY A . n 
A 1 12  TYR 12  12  12  TYR TYR A . n 
A 1 13  VAL 13  13  13  VAL VAL A . n 
A 1 14  THR 14  14  14  THR THR A . n 
A 1 15  PRO 15  15  15  PRO PRO A . n 
A 1 16  VAL 16  16  16  VAL VAL A . n 
A 1 17  LYS 17  17  17  LYS LYS A . n 
A 1 18  ASN 18  18  18  ASN ASN A . n 
A 1 19  GLN 19  19  19  GLN GLN A . n 
A 1 20  GLY 20  20  20  GLY GLY A . n 
A 1 21  GLN 21  21  21  GLN GLN A . n 
A 1 22  CYS 22  22  22  CYS CYS A . n 
A 1 23  GLY 23  23  23  GLY GLY A . n 
A 1 24  SER 24  24  24  SER SER A . n 
A 1 25  CYS 25  25  25  CYS CYS A . n 
A 1 26  TRP 26  26  26  TRP TRP A . n 
A 1 27  ALA 27  27  27  ALA ALA A . n 
A 1 28  PHE 28  28  28  PHE PHE A . n 
A 1 29  SER 29  29  29  SER SER A . n 
A 1 30  SER 30  30  30  SER SER A . n 
A 1 31  VAL 31  31  31  VAL VAL A . n 
A 1 32  GLY 32  32  32  GLY GLY A . n 
A 1 33  ALA 33  33  33  ALA ALA A . n 
A 1 34  LEU 34  34  34  LEU LEU A . n 
A 1 35  GLU 35  35  35  GLU GLU A . n 
A 1 36  GLY 36  36  36  GLY GLY A . n 
A 1 37  GLN 37  37  37  GLN GLN A . n 
A 1 38  LEU 38  38  38  LEU LEU A . n 
A 1 39  LYS 39  39  39  LYS LYS A . n 
A 1 40  LYS 40  40  40  LYS LYS A . n 
A 1 41  LYS 41  41  41  LYS LYS A . n 
A 1 42  THR 42  42  42  THR THR A . n 
A 1 43  GLY 43  43  43  GLY GLY A . n 
A 1 44  LYS 44  44  44  LYS LYS A . n 
A 1 45  LEU 45  45  45  LEU LEU A . n 
A 1 46  LEU 46  46  46  LEU LEU A . n 
A 1 47  ASN 47  47  47  ASN ASN A . n 
A 1 48  LEU 48  48  48  LEU LEU A . n 
A 1 49  SER 49  49  49  SER SER A . n 
A 1 50  PRO 50  50  50  PRO PRO A . n 
A 1 51  GLN 51  51  51  GLN GLN A . n 
A 1 52  ASN 52  52  52  ASN ASN A . n 
A 1 53  LEU 53  53  53  LEU LEU A . n 
A 1 54  VAL 54  54  54  VAL VAL A . n 
A 1 55  ASP 55  55  55  ASP ASP A . n 
A 1 56  CYS 56  56  56  CYS CYS A . n 
A 1 57  VAL 57  57  57  VAL VAL A . n 
A 1 58  SER 58  58  58  SER SER A . n 
A 1 59  GLU 59  59  59  GLU GLU A . n 
A 1 60  ASN 60  60  60  ASN ASN A . n 
A 1 61  ASP 61  61  61  ASP ASP A . n 
A 1 62  GLY 62  62  62  GLY GLY A . n 
A 1 63  CYS 63  63  63  CYS CYS A . n 
A 1 64  GLY 64  64  64  GLY GLY A . n 
A 1 65  GLY 65  65  65  GLY GLY A . n 
A 1 66  GLY 66  66  66  GLY GLY A . n 
A 1 67  TYR 67  67  67  TYR TYR A . n 
A 1 68  MET 68  68  68  MET MET A . n 
A 1 69  THR 69  69  69  THR THR A . n 
A 1 70  ASN 70  70  70  ASN ASN A . n 
A 1 71  ALA 71  71  71  ALA ALA A . n 
A 1 72  PHE 72  72  72  PHE PHE A . n 
A 1 73  GLN 73  73  73  GLN GLN A . n 
A 1 74  TYR 74  74  74  TYR TYR A . n 
A 1 75  VAL 75  75  75  VAL VAL A . n 
A 1 76  GLN 76  76  76  GLN GLN A . n 
A 1 77  LYS 77  77  77  LYS LYS A . n 
A 1 78  ASN 78  78  78  ASN ASN A . n 
A 1 79  ARG 79  79  79  ARG ARG A . n 
A 1 80  GLY 80  80  80  GLY GLY A . n 
A 1 81  ILE 81  81  81  ILE ILE A . n 
A 1 82  ASP 82  82  82  ASP ASP A . n 
A 1 83  SER 83  83  83  SER SER A . n 
A 1 84  GLU 84  84  84  GLU GLU A . n 
A 1 85  ASP 85  85  85  ASP ASP A . n 
A 1 86  ALA 86  86  86  ALA ALA A . n 
A 1 87  TYR 87  87  87  TYR TYR A . n 
A 1 88  PRO 88  88  88  PRO PRO A . n 
A 1 89  TYR 89  89  89  TYR TYR A . n 
A 1 90  VAL 90  90  90  VAL VAL A . n 
A 1 91  GLY 91  91  91  GLY GLY A . n 
A 1 92  GLN 92  92  92  GLN GLN A . n 
A 1 93  GLU 93  93  93  GLU GLU A . n 
A 1 94  GLU 94  94  94  GLU GLU A . n 
A 1 95  SER 95  95  95  SER SER A . n 
A 1 96  CYS 96  96  96  CYS CYS A . n 
A 1 97  MET 97  97  97  MET MET A . n 
A 1 98  TYR 98  98  98  TYR TYR A . n 
A 1 99  ASN 99  99  99  ASN ASN A . n 
A 1 100 PRO 100 100 100 PRO PRO A . n 
A 1 101 THR 101 101 101 THR THR A . n 
A 1 102 GLY 102 102 102 GLY GLY A . n 
A 1 103 LYS 103 103 103 LYS LYS A . n 
A 1 104 ALA 104 104 104 ALA ALA A . n 
A 1 105 ALA 105 105 105 ALA ALA A . n 
A 1 106 LYS 106 106 106 LYS LYS A . n 
A 1 107 CYS 107 107 107 CYS CYS A . n 
A 1 108 ARG 108 108 108 ARG ARG A . n 
A 1 109 GLY 109 109 109 GLY GLY A . n 
A 1 110 TYR 110 110 110 TYR TYR A . n 
A 1 111 ARG 111 111 111 ARG ARG A . n 
A 1 112 GLU 112 112 112 GLU GLU A . n 
A 1 113 ILE 113 113 113 ILE ILE A . n 
A 1 114 PRO 114 114 114 PRO PRO A . n 
A 1 115 GLU 115 115 115 GLU GLU A . n 
A 1 116 GLY 116 116 116 GLY GLY A . n 
A 1 117 ASN 117 117 117 ASN ASN A . n 
A 1 118 GLU 118 118 118 GLU GLU A . n 
A 1 119 LYS 119 119 119 LYS LYS A . n 
A 1 120 ALA 120 120 120 ALA ALA A . n 
A 1 121 LEU 121 121 121 LEU LEU A . n 
A 1 122 LYS 122 122 122 LYS LYS A . n 
A 1 123 ARG 123 123 123 ARG ARG A . n 
A 1 124 ALA 124 124 124 ALA ALA A . n 
A 1 125 VAL 125 125 125 VAL VAL A . n 
A 1 126 ALA 126 126 126 ALA ALA A . n 
A 1 127 ARG 127 127 127 ARG ARG A . n 
A 1 128 VAL 128 128 128 VAL VAL A . n 
A 1 129 GLY 129 129 129 GLY GLY A . n 
A 1 130 PRO 130 130 130 PRO PRO A . n 
A 1 131 VAL 131 131 131 VAL VAL A . n 
A 1 132 SER 132 132 132 SER SER A . n 
A 1 133 VAL 133 133 133 VAL VAL A . n 
A 1 134 ALA 134 134 134 ALA ALA A . n 
A 1 135 ILE 135 135 135 ILE ILE A . n 
A 1 136 ASP 136 136 136 ASP ASP A . n 
A 1 137 ALA 137 137 137 ALA ALA A . n 
A 1 138 SER 138 138 138 SER SER A . n 
A 1 139 LEU 139 139 139 LEU LEU A . n 
A 1 140 THR 140 140 140 THR THR A . n 
A 1 141 SER 141 141 141 SER SER A . n 
A 1 142 PHE 142 142 142 PHE PHE A . n 
A 1 143 GLN 143 143 143 GLN GLN A . n 
A 1 144 PHE 144 144 144 PHE PHE A . n 
A 1 145 TYR 145 145 145 TYR TYR A . n 
A 1 146 SER 146 146 146 SER SER A . n 
A 1 147 LYS 147 147 147 LYS LYS A . n 
A 1 148 GLY 148 148 148 GLY GLY A . n 
A 1 149 VAL 149 149 149 VAL VAL A . n 
A 1 150 TYR 150 150 150 TYR TYR A . n 
A 1 151 TYR 151 151 151 TYR TYR A . n 
A 1 152 ASP 152 152 152 ASP ASP A . n 
A 1 153 GLU 153 153 153 GLU GLU A . n 
A 1 154 SER 154 154 154 SER SER A . n 
A 1 155 CYS 155 155 155 CYS CYS A . n 
A 1 156 ASN 156 156 156 ASN ASN A . n 
A 1 157 SER 157 157 157 SER SER A . n 
A 1 158 ASP 158 158 158 ASP ASP A . n 
A 1 159 ASN 159 159 159 ASN ASN A . n 
A 1 160 LEU 160 160 160 LEU LEU A . n 
A 1 161 ASN 161 161 161 ASN ASN A . n 
A 1 162 HIS 162 162 162 HIS HIS A . n 
A 1 163 ALA 163 163 163 ALA ALA A . n 
A 1 164 VAL 164 164 164 VAL VAL A . n 
A 1 165 LEU 165 165 165 LEU LEU A . n 
A 1 166 ALA 166 166 166 ALA ALA A . n 
A 1 167 VAL 167 167 167 VAL VAL A . n 
A 1 168 GLY 168 168 168 GLY GLY A . n 
A 1 169 TYR 169 169 169 TYR TYR A . n 
A 1 170 GLY 170 170 170 GLY GLY A . n 
A 1 171 ILE 171 171 171 ILE ILE A . n 
A 1 172 GLN 172 172 172 GLN GLN A . n 
A 1 173 LYS 173 173 173 LYS LYS A . n 
A 1 174 GLY 174 174 174 GLY GLY A . n 
A 1 175 ASN 175 175 175 ASN ASN A . n 
A 1 176 LYS 176 176 176 LYS LYS A . n 
A 1 177 HIS 177 177 177 HIS HIS A . n 
A 1 178 TRP 178 178 178 TRP TRP A . n 
A 1 179 ILE 179 179 179 ILE ILE A . n 
A 1 180 ILE 180 180 180 ILE ILE A . n 
A 1 181 LYS 181 181 181 LYS LYS A . n 
A 1 182 ASN 182 182 182 ASN ASN A . n 
A 1 183 SER 183 183 183 SER SER A . n 
A 1 184 TRP 184 184 184 TRP TRP A . n 
A 1 185 GLY 185 185 185 GLY GLY A . n 
A 1 186 GLU 186 186 186 GLU GLU A . n 
A 1 187 ASN 187 187 187 ASN ASN A . n 
A 1 188 TRP 188 188 188 TRP TRP A . n 
A 1 189 GLY 189 189 189 GLY GLY A . n 
A 1 190 ASN 190 190 190 ASN ASN A . n 
A 1 191 LYS 191 191 191 LYS LYS A . n 
A 1 192 GLY 192 192 192 GLY GLY A . n 
A 1 193 TYR 193 193 193 TYR TYR A . n 
A 1 194 ILE 194 194 194 ILE ILE A . n 
A 1 195 LEU 195 195 195 LEU LEU A . n 
A 1 196 MET 196 196 196 MET MET A . n 
A 1 197 ALA 197 197 197 ALA ALA A . n 
A 1 198 ARG 198 198 198 ARG ARG A . n 
A 1 199 ASN 199 199 199 ASN ASN A . n 
A 1 200 LYS 200 200 200 LYS LYS A . n 
A 1 201 ASN 201 201 201 ASN ASN A . n 
A 1 202 ASN 202 202 202 ASN ASN A . n 
A 1 203 ALA 203 203 203 ALA ALA A . n 
A 1 204 CYS 204 204 204 CYS CYS A . n 
A 1 205 GLY 205 205 205 GLY GLY A . n 
A 1 206 ILE 206 206 206 ILE ILE A . n 
A 1 207 ALA 207 207 207 ALA ALA A . n 
A 1 208 ASN 208 208 208 ASN ASN A . n 
A 1 209 LEU 209 209 209 LEU LEU A . n 
A 1 210 ALA 210 210 210 ALA ALA A . n 
A 1 211 SER 211 211 211 SER SER A . n 
A 1 212 PHE 212 212 212 PHE PHE A . n 
A 1 213 PRO 213 213 213 PRO PRO A . n 
A 1 214 LYS 214 214 214 LYS LYS A . n 
A 1 215 MET 215 215 215 MET MET A . n 
# 
loop_
_pdbx_nonpoly_scheme.asym_id 
_pdbx_nonpoly_scheme.entity_id 
_pdbx_nonpoly_scheme.mon_id 
_pdbx_nonpoly_scheme.ndb_seq_num 
_pdbx_nonpoly_scheme.pdb_seq_num 
_pdbx_nonpoly_scheme.auth_seq_num 
_pdbx_nonpoly_scheme.pdb_mon_id 
_pdbx_nonpoly_scheme.auth_mon_id 
_pdbx_nonpoly_scheme.pdb_strand_id 
_pdbx_nonpoly_scheme.pdb_ins_code 
B 2 IN3 1  300 300 IN3 IN3 A . 
C 3 HOH 1  302 302 HOH HOH A . 
C 3 HOH 2  303 303 HOH HOH A . 
C 3 HOH 3  304 304 HOH HOH A . 
C 3 HOH 4  305 305 HOH HOH A . 
C 3 HOH 5  306 306 HOH HOH A . 
C 3 HOH 6  307 307 HOH HOH A . 
C 3 HOH 7  308 308 HOH HOH A . 
C 3 HOH 8  309 309 HOH HOH A . 
C 3 HOH 9  310 310 HOH HOH A . 
C 3 HOH 10 311 311 HOH HOH A . 
C 3 HOH 11 312 312 HOH HOH A . 
C 3 HOH 12 313 313 HOH HOH A . 
C 3 HOH 13 314 314 HOH HOH A . 
C 3 HOH 14 315 315 HOH HOH A . 
C 3 HOH 15 317 317 HOH HOH A . 
C 3 HOH 16 318 318 HOH HOH A . 
C 3 HOH 17 319 319 HOH HOH A . 
C 3 HOH 18 320 320 HOH HOH A . 
C 3 HOH 19 321 321 HOH HOH A . 
C 3 HOH 20 322 322 HOH HOH A . 
C 3 HOH 21 323 323 HOH HOH A . 
C 3 HOH 22 324 324 HOH HOH A . 
C 3 HOH 23 325 325 HOH HOH A . 
C 3 HOH 24 326 326 HOH HOH A . 
C 3 HOH 25 327 327 HOH HOH A . 
C 3 HOH 26 329 329 HOH HOH A . 
C 3 HOH 27 330 330 HOH HOH A . 
C 3 HOH 28 331 331 HOH HOH A . 
C 3 HOH 29 332 332 HOH HOH A . 
C 3 HOH 30 333 333 HOH HOH A . 
C 3 HOH 31 334 334 HOH HOH A . 
C 3 HOH 32 335 335 HOH HOH A . 
C 3 HOH 33 336 336 HOH HOH A . 
C 3 HOH 34 338 338 HOH HOH A . 
C 3 HOH 35 339 339 HOH HOH A . 
C 3 HOH 36 341 341 HOH HOH A . 
C 3 HOH 37 342 342 HOH HOH A . 
C 3 HOH 38 343 343 HOH HOH A . 
C 3 HOH 39 351 351 HOH HOH A . 
C 3 HOH 40 352 352 HOH HOH A . 
C 3 HOH 41 353 353 HOH HOH A . 
C 3 HOH 42 354 354 HOH HOH A . 
C 3 HOH 43 356 356 HOH HOH A . 
C 3 HOH 44 357 357 HOH HOH A . 
C 3 HOH 45 359 359 HOH HOH A . 
C 3 HOH 46 361 361 HOH HOH A . 
C 3 HOH 47 362 362 HOH HOH A . 
C 3 HOH 48 363 363 HOH HOH A . 
C 3 HOH 49 364 364 HOH HOH A . 
C 3 HOH 50 365 365 HOH HOH A . 
C 3 HOH 51 366 366 HOH HOH A . 
C 3 HOH 52 367 367 HOH HOH A . 
C 3 HOH 53 368 368 HOH HOH A . 
C 3 HOH 54 369 369 HOH HOH A . 
C 3 HOH 55 371 371 HOH HOH A . 
C 3 HOH 56 372 372 HOH HOH A . 
C 3 HOH 57 374 374 HOH HOH A . 
C 3 HOH 58 375 375 HOH HOH A . 
C 3 HOH 59 377 377 HOH HOH A . 
C 3 HOH 60 378 378 HOH HOH A . 
C 3 HOH 61 379 379 HOH HOH A . 
C 3 HOH 62 380 380 HOH HOH A . 
# 
loop_
_software.name 
_software.classification 
_software.version 
_software.citation_id 
_software.pdbx_ordinal 
XENGEN 'data collection' . ? 1 
XENGEN 'data reduction'  . ? 2 
X-PLOR 'model building'  . ? 3 
X-PLOR refinement        . ? 4 
XENGEN 'data scaling'    . ? 5 
X-PLOR phasing           . ? 6 
# 
_cell.entry_id           1AYW 
_cell.length_a           57.680 
_cell.length_b           57.680 
_cell.length_c           131.120 
_cell.angle_alpha        90.00 
_cell.angle_beta         90.00 
_cell.angle_gamma        90.00 
_cell.Z_PDB              8 
_cell.pdbx_unique_axis   ? 
# 
_symmetry.entry_id                         1AYW 
_symmetry.space_group_name_H-M             'P 43 21 2' 
_symmetry.pdbx_full_space_group_name_H-M   ? 
_symmetry.cell_setting                     ? 
_symmetry.Int_Tables_number                96 
# 
_exptl.entry_id          1AYW 
_exptl.method            'X-RAY DIFFRACTION' 
_exptl.crystals_number   1 
# 
_exptl_crystal.id                    1 
_exptl_crystal.density_meas          ? 
_exptl_crystal.density_Matthews      2.3 
_exptl_crystal.density_percent_sol   46.2 
_exptl_crystal.description           ? 
# 
_exptl_crystal_grow.crystal_id      1 
_exptl_crystal_grow.method          ? 
_exptl_crystal_grow.temp            ? 
_exptl_crystal_grow.temp_details    ? 
_exptl_crystal_grow.pH              4.5 
_exptl_crystal_grow.pdbx_pH_range   ? 
_exptl_crystal_grow.pdbx_details    '22.5% PEG 8000, 0.075M SODIUM ACETATE, 0.15M LITHIUM ACETATE, PH4.5' 
# 
_diffrn.id                     1 
_diffrn.ambient_temp           293 
_diffrn.ambient_temp_details   ? 
_diffrn.crystal_id             1 
# 
_diffrn_detector.diffrn_id              1 
_diffrn_detector.detector               'AREA DETECTOR' 
_diffrn_detector.type                   SIEMENS 
_diffrn_detector.pdbx_collection_date   1996-07 
_diffrn_detector.details                COLLIMATOR 
# 
_diffrn_radiation.diffrn_id                        1 
_diffrn_radiation.wavelength_id                    1 
_diffrn_radiation.pdbx_monochromatic_or_laue_m_l   M 
_diffrn_radiation.monochromator                    'GRAPHITE(002)' 
_diffrn_radiation.pdbx_diffrn_protocol             ? 
_diffrn_radiation.pdbx_scattering_type             x-ray 
# 
_diffrn_radiation_wavelength.id           1 
_diffrn_radiation_wavelength.wavelength   1.5418 
_diffrn_radiation_wavelength.wt           1.0 
# 
_diffrn_source.diffrn_id                   1 
_diffrn_source.source                      'ROTATING ANODE' 
_diffrn_source.type                        SIEMENS 
_diffrn_source.pdbx_synchrotron_site       ? 
_diffrn_source.pdbx_synchrotron_beamline   ? 
_diffrn_source.pdbx_wavelength             1.5418 
_diffrn_source.pdbx_wavelength_list        ? 
# 
_reflns.entry_id                     1AYW 
_reflns.observed_criterion_sigma_I   2 
_reflns.observed_criterion_sigma_F   ? 
_reflns.d_resolution_low             25. 
_reflns.d_resolution_high            2.4 
_reflns.number_obs                   8365 
_reflns.number_all                   ? 
_reflns.percent_possible_obs         91 
_reflns.pdbx_Rmerge_I_obs            0.052 
_reflns.pdbx_Rsym_value              0.052 
_reflns.pdbx_netI_over_sigmaI        19.6 
_reflns.B_iso_Wilson_estimate        41.5 
_reflns.pdbx_redundancy              4.0 
_reflns.pdbx_ordinal                 1 
_reflns.pdbx_diffrn_id               1 
# 
_reflns_shell.d_res_high             2.40 
_reflns_shell.d_res_low              2.56 
_reflns_shell.percent_possible_all   61 
_reflns_shell.Rmerge_I_obs           0.23 
_reflns_shell.pdbx_Rsym_value        0.23 
_reflns_shell.meanI_over_sigI_obs    3.0 
_reflns_shell.pdbx_redundancy        2.1 
_reflns_shell.pdbx_ordinal           1 
_reflns_shell.pdbx_diffrn_id         1 
# 
_refine.entry_id                                 1AYW 
_refine.ls_number_reflns_obs                     7323 
_refine.ls_number_reflns_all                     ? 
_refine.pdbx_ls_sigma_I                          ? 
_refine.pdbx_ls_sigma_F                          2 
_refine.pdbx_data_cutoff_high_absF               1000000 
_refine.pdbx_data_cutoff_low_absF                0.001 
_refine.pdbx_data_cutoff_high_rms_absF           ? 
_refine.ls_d_res_low                             8 
_refine.ls_d_res_high                            2.4 
_refine.ls_percent_reflns_obs                    82.1 
_refine.ls_R_factor_obs                          0.237 
_refine.ls_R_factor_all                          ? 
_refine.ls_R_factor_R_work                       0.237 
_refine.ls_R_factor_R_free                       0.379 
_refine.ls_R_factor_R_free_error                 0.014 
_refine.ls_R_factor_R_free_error_details         ? 
_refine.ls_percent_reflns_R_free                 10.5 
_refine.ls_number_reflns_R_free                  769 
_refine.ls_number_parameters                     ? 
_refine.ls_number_restraints                     ? 
_refine.occupancy_min                            ? 
_refine.occupancy_max                            ? 
_refine.B_iso_mean                               15.0 
_refine.aniso_B[1][1]                            0 
_refine.aniso_B[2][2]                            0 
_refine.aniso_B[3][3]                            0 
_refine.aniso_B[1][2]                            0 
_refine.aniso_B[1][3]                            0 
_refine.aniso_B[2][3]                            0 
_refine.solvent_model_details                    ? 
_refine.solvent_model_param_ksol                 ? 
_refine.solvent_model_param_bsol                 ? 
_refine.pdbx_ls_cross_valid_method               THROUGHOUT 
_refine.details                                  ? 
_refine.pdbx_starting_model                      1ATK 
_refine.pdbx_method_to_determine_struct          MR 
_refine.pdbx_isotropic_thermal_model             OVERALL 
_refine.pdbx_stereochemistry_target_values       ? 
_refine.pdbx_stereochem_target_val_spec_case     ? 
_refine.pdbx_R_Free_selection_details            RANDOM 
_refine.pdbx_overall_ESU_R                       ? 
_refine.pdbx_overall_ESU_R_Free                  ? 
_refine.overall_SU_ML                            ? 
_refine.overall_SU_B                             ? 
_refine.pdbx_refine_id                           'X-RAY DIFFRACTION' 
_refine.pdbx_diffrn_id                           1 
_refine.pdbx_TLS_residual_ADP_flag               ? 
_refine.correlation_coeff_Fo_to_Fc               ? 
_refine.correlation_coeff_Fo_to_Fc_free          ? 
_refine.pdbx_solvent_vdw_probe_radii             ? 
_refine.pdbx_solvent_ion_probe_radii             ? 
_refine.pdbx_solvent_shrinkage_radii             ? 
_refine.pdbx_overall_phase_error                 ? 
_refine.overall_SU_R_Cruickshank_DPI             ? 
_refine.pdbx_overall_SU_R_free_Cruickshank_DPI   ? 
_refine.pdbx_overall_SU_R_Blow_DPI               ? 
_refine.pdbx_overall_SU_R_free_Blow_DPI          ? 
# 
_refine_analyze.entry_id                        1AYW 
_refine_analyze.Luzzati_coordinate_error_obs    0.35 
_refine_analyze.Luzzati_sigma_a_obs             0.38 
_refine_analyze.Luzzati_d_res_low_obs           5.00 
_refine_analyze.Luzzati_coordinate_error_free   0.57 
_refine_analyze.Luzzati_sigma_a_free            0.57 
_refine_analyze.Luzzati_d_res_low_free          ? 
_refine_analyze.number_disordered_residues      ? 
_refine_analyze.occupancy_sum_hydrogen          ? 
_refine_analyze.occupancy_sum_non_hydrogen      ? 
_refine_analyze.pdbx_refine_id                  'X-RAY DIFFRACTION' 
# 
_refine_hist.pdbx_refine_id                   'X-RAY DIFFRACTION' 
_refine_hist.cycle_id                         LAST 
_refine_hist.pdbx_number_atoms_protein        1649 
_refine_hist.pdbx_number_atoms_nucleic_acid   0 
_refine_hist.pdbx_number_atoms_ligand         40 
_refine_hist.number_atoms_solvent             62 
_refine_hist.number_atoms_total               1751 
_refine_hist.d_res_high                       2.4 
_refine_hist.d_res_low                        8 
# 
loop_
_refine_ls_restr.type 
_refine_ls_restr.dev_ideal 
_refine_ls_restr.dev_ideal_target 
_refine_ls_restr.weight 
_refine_ls_restr.number 
_refine_ls_restr.pdbx_refine_id 
_refine_ls_restr.pdbx_restraint_function 
x_bond_d                0.008 ? ? ? 'X-RAY DIFFRACTION' ? 
x_bond_d_na             ?     ? ? ? 'X-RAY DIFFRACTION' ? 
x_bond_d_prot           ?     ? ? ? 'X-RAY DIFFRACTION' ? 
x_angle_d               ?     ? ? ? 'X-RAY DIFFRACTION' ? 
x_angle_d_na            ?     ? ? ? 'X-RAY DIFFRACTION' ? 
x_angle_d_prot          ?     ? ? ? 'X-RAY DIFFRACTION' ? 
x_angle_deg             1.4   ? ? ? 'X-RAY DIFFRACTION' ? 
x_angle_deg_na          ?     ? ? ? 'X-RAY DIFFRACTION' ? 
x_angle_deg_prot        ?     ? ? ? 'X-RAY DIFFRACTION' ? 
x_dihedral_angle_d      24.0  ? ? ? 'X-RAY DIFFRACTION' ? 
x_dihedral_angle_d_na   ?     ? ? ? 'X-RAY DIFFRACTION' ? 
x_dihedral_angle_d_prot ?     ? ? ? 'X-RAY DIFFRACTION' ? 
x_improper_angle_d      1.17  ? ? ? 'X-RAY DIFFRACTION' ? 
x_improper_angle_d_na   ?     ? ? ? 'X-RAY DIFFRACTION' ? 
x_improper_angle_d_prot ?     ? ? ? 'X-RAY DIFFRACTION' ? 
x_mcbond_it             ?     ? ? ? 'X-RAY DIFFRACTION' ? 
x_mcangle_it            ?     ? ? ? 'X-RAY DIFFRACTION' ? 
x_scbond_it             ?     ? ? ? 'X-RAY DIFFRACTION' ? 
x_scangle_it            ?     ? ? ? 'X-RAY DIFFRACTION' ? 
# 
_refine_ls_shell.pdbx_total_number_of_bins_used   8 
_refine_ls_shell.d_res_high                       2.4 
_refine_ls_shell.d_res_low                        2.51 
_refine_ls_shell.number_reflns_R_work             302 
_refine_ls_shell.R_factor_R_work                  0.325 
_refine_ls_shell.percent_reflns_obs               30.7 
_refine_ls_shell.R_factor_R_free                  0.557 
_refine_ls_shell.R_factor_R_free_error            0.102 
_refine_ls_shell.percent_reflns_R_free            9.0 
_refine_ls_shell.number_reflns_R_free             30 
_refine_ls_shell.pdbx_refine_id                   'X-RAY DIFFRACTION' 
_refine_ls_shell.number_reflns_all                ? 
_refine_ls_shell.R_factor_all                     ? 
# 
loop_
_pdbx_xplor_file.serial_no 
_pdbx_xplor_file.param_file 
_pdbx_xplor_file.topol_file 
_pdbx_xplor_file.pdbx_refine_id 
1 PARHCSDX.PRO TOPHCSDX.PRO 'X-RAY DIFFRACTION' 
2 PARAM19.SOL  ?            'X-RAY DIFFRACTION' 
# 
_struct.entry_id                  1AYW 
_struct.title                     
'CRYSTAL STRUCTURE OF CYSTEINE PROTEASE HUMAN CATHEPSIN K IN COMPLEX WITH A COVALENT BENZYLOXYBENZOYLCARBOHYDRAZIDE INHIBITOR' 
_struct.pdbx_model_details        ? 
_struct.pdbx_CASP_flag            ? 
_struct.pdbx_model_type_details   ? 
# 
_struct_keywords.entry_id        1AYW 
_struct_keywords.pdbx_keywords   HYDROLASE 
_struct_keywords.text            'HYDROLASE, SULFHYDRYL PROTEINASE' 
# 
loop_
_struct_asym.id 
_struct_asym.pdbx_blank_PDB_chainid_flag 
_struct_asym.pdbx_modified 
_struct_asym.entity_id 
_struct_asym.details 
A N N 1 ? 
B N N 2 ? 
C N N 3 ? 
# 
_struct_ref.id                         1 
_struct_ref.db_name                    UNP 
_struct_ref.db_code                    CATK_HUMAN 
_struct_ref.entity_id                  1 
_struct_ref.pdbx_db_accession          P43235 
_struct_ref.pdbx_align_begin           1 
_struct_ref.pdbx_seq_one_letter_code   
;MWGLKVLLLPVVSFALYPEEILDTHWELWKKTHRKQYNNKVDEISRRLIWEKNLKYISIHNLEASLGVHTYELAMNHLGD
MTSEEVVQKMTGLKVPLSHSRSNDTLYIPEWEGRAPDSVDYRKKGYVTPVKNQGQCGSCWAFSSVGALEGQLKKKTGKLL
NLSPQNLVDCVSENDGCGGGYMTNAFQYVQKNRGIDSEDAYPYVGQEESCMYNPTGKAAKCRGYREIPEGNEKALKRAVA
RVGPVSVAIDASLTSFQFYSKGVYYDESCNSDNLNHAVLAVGYGIQKGNKHWIIKNSWGENWGNKGYILMARNKNNACGI
ANLASFPKM
;
_struct_ref.pdbx_db_isoform            ? 
# 
_struct_ref_seq.align_id                      1 
_struct_ref_seq.ref_id                        1 
_struct_ref_seq.pdbx_PDB_id_code              1AYW 
_struct_ref_seq.pdbx_strand_id                A 
_struct_ref_seq.seq_align_beg                 1 
_struct_ref_seq.pdbx_seq_align_beg_ins_code   ? 
_struct_ref_seq.seq_align_end                 215 
_struct_ref_seq.pdbx_seq_align_end_ins_code   ? 
_struct_ref_seq.pdbx_db_accession             P43235 
_struct_ref_seq.db_align_beg                  115 
_struct_ref_seq.pdbx_db_align_beg_ins_code    ? 
_struct_ref_seq.db_align_end                  329 
_struct_ref_seq.pdbx_db_align_end_ins_code    ? 
_struct_ref_seq.pdbx_auth_seq_align_beg       1 
_struct_ref_seq.pdbx_auth_seq_align_end       215 
# 
_pdbx_struct_assembly.id                   1 
_pdbx_struct_assembly.details              author_defined_assembly 
_pdbx_struct_assembly.method_details       ? 
_pdbx_struct_assembly.oligomeric_details   monomeric 
_pdbx_struct_assembly.oligomeric_count     1 
# 
_pdbx_struct_assembly_gen.assembly_id       1 
_pdbx_struct_assembly_gen.oper_expression   1 
_pdbx_struct_assembly_gen.asym_id_list      A,B,C 
# 
_pdbx_struct_oper_list.id                   1 
_pdbx_struct_oper_list.type                 'identity operation' 
_pdbx_struct_oper_list.name                 1_555 
_pdbx_struct_oper_list.symmetry_operation   x,y,z 
_pdbx_struct_oper_list.matrix[1][1]         1.0000000000 
_pdbx_struct_oper_list.matrix[1][2]         0.0000000000 
_pdbx_struct_oper_list.matrix[1][3]         0.0000000000 
_pdbx_struct_oper_list.vector[1]            0.0000000000 
_pdbx_struct_oper_list.matrix[2][1]         0.0000000000 
_pdbx_struct_oper_list.matrix[2][2]         1.0000000000 
_pdbx_struct_oper_list.matrix[2][3]         0.0000000000 
_pdbx_struct_oper_list.vector[2]            0.0000000000 
_pdbx_struct_oper_list.matrix[3][1]         0.0000000000 
_pdbx_struct_oper_list.matrix[3][2]         0.0000000000 
_pdbx_struct_oper_list.matrix[3][3]         1.0000000000 
_pdbx_struct_oper_list.vector[3]            0.0000000000 
# 
_struct_biol.id   1 
# 
loop_
_struct_conf.conf_type_id 
_struct_conf.id 
_struct_conf.pdbx_PDB_helix_id 
_struct_conf.beg_label_comp_id 
_struct_conf.beg_label_asym_id 
_struct_conf.beg_label_seq_id 
_struct_conf.pdbx_beg_PDB_ins_code 
_struct_conf.end_label_comp_id 
_struct_conf.end_label_asym_id 
_struct_conf.end_label_seq_id 
_struct_conf.pdbx_end_PDB_ins_code 
_struct_conf.beg_auth_comp_id 
_struct_conf.beg_auth_asym_id 
_struct_conf.beg_auth_seq_id 
_struct_conf.end_auth_comp_id 
_struct_conf.end_auth_asym_id 
_struct_conf.end_auth_seq_id 
_struct_conf.pdbx_PDB_helix_class 
_struct_conf.details 
_struct_conf.pdbx_PDB_helix_length 
HELX_P HELX_P1 1 TYR A 7   ? LYS A 10  ? TYR A 7   LYS A 10  1 ? 4  
HELX_P HELX_P2 2 CYS A 25  ? THR A 42  ? CYS A 25  THR A 42  1 ? 18 
HELX_P HELX_P3 3 PRO A 50  ? CYS A 56  ? PRO A 50  CYS A 56  1 ? 7  
HELX_P HELX_P4 4 GLY A 62  ? GLY A 64  ? GLY A 62  GLY A 64  5 ? 3  
HELX_P HELX_P5 5 MET A 68  ? ASN A 78  ? MET A 68  ASN A 78  1 ? 11 
HELX_P HELX_P6 6 PRO A 100 ? GLY A 102 ? PRO A 100 GLY A 102 5 ? 3  
HELX_P HELX_P7 7 GLU A 118 ? ARG A 127 ? GLU A 118 ARG A 127 1 ? 10 
HELX_P HELX_P8 8 THR A 140 ? GLN A 143 ? THR A 140 GLN A 143 1 ? 4  
HELX_P HELX_P9 9 ALA A 203 ? GLY A 205 ? ALA A 203 GLY A 205 5 ? 3  
# 
_struct_conf_type.id          HELX_P 
_struct_conf_type.criteria    ? 
_struct_conf_type.reference   ? 
# 
loop_
_struct_conn.id 
_struct_conn.conn_type_id 
_struct_conn.pdbx_leaving_atom_flag 
_struct_conn.pdbx_PDB_id 
_struct_conn.ptnr1_label_asym_id 
_struct_conn.ptnr1_label_comp_id 
_struct_conn.ptnr1_label_seq_id 
_struct_conn.ptnr1_label_atom_id 
_struct_conn.pdbx_ptnr1_label_alt_id 
_struct_conn.pdbx_ptnr1_PDB_ins_code 
_struct_conn.pdbx_ptnr1_standard_comp_id 
_struct_conn.ptnr1_symmetry 
_struct_conn.ptnr2_label_asym_id 
_struct_conn.ptnr2_label_comp_id 
_struct_conn.ptnr2_label_seq_id 
_struct_conn.ptnr2_label_atom_id 
_struct_conn.pdbx_ptnr2_label_alt_id 
_struct_conn.pdbx_ptnr2_PDB_ins_code 
_struct_conn.ptnr1_auth_asym_id 
_struct_conn.ptnr1_auth_comp_id 
_struct_conn.ptnr1_auth_seq_id 
_struct_conn.ptnr2_auth_asym_id 
_struct_conn.ptnr2_auth_comp_id 
_struct_conn.ptnr2_auth_seq_id 
_struct_conn.ptnr2_symmetry 
_struct_conn.pdbx_ptnr3_label_atom_id 
_struct_conn.pdbx_ptnr3_label_seq_id 
_struct_conn.pdbx_ptnr3_label_comp_id 
_struct_conn.pdbx_ptnr3_label_asym_id 
_struct_conn.pdbx_ptnr3_label_alt_id 
_struct_conn.pdbx_ptnr3_PDB_ins_code 
_struct_conn.details 
_struct_conn.pdbx_dist_value 
_struct_conn.pdbx_value_order 
_struct_conn.pdbx_role 
disulf1 disulf ?    ? A CYS 22  SG ? ? ? 1_555 A CYS 63  SG  ? ? A CYS 22  A CYS 63  1_555 ? ? ? ? ? ? ? 2.025 ? ? 
disulf2 disulf ?    ? A CYS 56  SG ? ? ? 1_555 A CYS 96  SG  ? ? A CYS 56  A CYS 96  1_555 ? ? ? ? ? ? ? 2.023 ? ? 
disulf3 disulf ?    ? A CYS 155 SG ? ? ? 1_555 A CYS 204 SG  ? ? A CYS 155 A CYS 204 1_555 ? ? ? ? ? ? ? 2.025 ? ? 
covale1 covale none ? A CYS 25  SG ? ? ? 1_555 B IN3 .   C21 ? ? A CYS 25  A IN3 300 1_555 ? ? ? ? ? ? ? 1.794 ? ? 
# 
loop_
_struct_conn_type.id 
_struct_conn_type.criteria 
_struct_conn_type.reference 
disulf ? ? 
covale ? ? 
# 
loop_
_pdbx_modification_feature.ordinal 
_pdbx_modification_feature.label_comp_id 
_pdbx_modification_feature.label_asym_id 
_pdbx_modification_feature.label_seq_id 
_pdbx_modification_feature.label_alt_id 
_pdbx_modification_feature.modified_residue_label_comp_id 
_pdbx_modification_feature.modified_residue_label_asym_id 
_pdbx_modification_feature.modified_residue_label_seq_id 
_pdbx_modification_feature.modified_residue_label_alt_id 
_pdbx_modification_feature.auth_comp_id 
_pdbx_modification_feature.auth_asym_id 
_pdbx_modification_feature.auth_seq_id 
_pdbx_modification_feature.PDB_ins_code 
_pdbx_modification_feature.symmetry 
_pdbx_modification_feature.modified_residue_auth_comp_id 
_pdbx_modification_feature.modified_residue_auth_asym_id 
_pdbx_modification_feature.modified_residue_auth_seq_id 
_pdbx_modification_feature.modified_residue_PDB_ins_code 
_pdbx_modification_feature.modified_residue_symmetry 
_pdbx_modification_feature.comp_id_linking_atom 
_pdbx_modification_feature.modified_residue_id_linking_atom 
_pdbx_modification_feature.modified_residue_id 
_pdbx_modification_feature.ref_pcm_id 
_pdbx_modification_feature.ref_comp_id 
_pdbx_modification_feature.type 
_pdbx_modification_feature.category 
1 IN3 B .   ? CYS A 25  ? IN3 A 300 ? 1_555 CYS A 25  ? 1_555 C21 SG CYS 1 IN3 None 'Covalent chemical modification' 
2 CYS A 22  ? CYS A 63  ? CYS A 22  ? 1_555 CYS A 63  ? 1_555 SG  SG .   . .   None 'Disulfide bridge'               
3 CYS A 56  ? CYS A 96  ? CYS A 56  ? 1_555 CYS A 96  ? 1_555 SG  SG .   . .   None 'Disulfide bridge'               
4 CYS A 155 ? CYS A 204 ? CYS A 155 ? 1_555 CYS A 204 ? 1_555 SG  SG .   . .   None 'Disulfide bridge'               
# 
loop_
_struct_sheet.id 
_struct_sheet.type 
_struct_sheet.number_strands 
_struct_sheet.details 
A ? 2 ? 
B ? 4 ? 
# 
loop_
_struct_sheet_order.sheet_id 
_struct_sheet_order.range_id_1 
_struct_sheet_order.range_id_2 
_struct_sheet_order.offset 
_struct_sheet_order.sense 
A 1 2 ? anti-parallel 
B 1 2 ? anti-parallel 
B 2 3 ? anti-parallel 
B 3 4 ? anti-parallel 
# 
loop_
_struct_sheet_range.sheet_id 
_struct_sheet_range.id 
_struct_sheet_range.beg_label_comp_id 
_struct_sheet_range.beg_label_asym_id 
_struct_sheet_range.beg_label_seq_id 
_struct_sheet_range.pdbx_beg_PDB_ins_code 
_struct_sheet_range.end_label_comp_id 
_struct_sheet_range.end_label_asym_id 
_struct_sheet_range.end_label_seq_id 
_struct_sheet_range.pdbx_end_PDB_ins_code 
_struct_sheet_range.beg_auth_comp_id 
_struct_sheet_range.beg_auth_asym_id 
_struct_sheet_range.beg_auth_seq_id 
_struct_sheet_range.end_auth_comp_id 
_struct_sheet_range.end_auth_asym_id 
_struct_sheet_range.end_auth_seq_id 
A 1 TYR A 110 ? GLU A 112 ? TYR A 110 GLU A 112 
A 2 SER A 211 ? PRO A 213 ? SER A 211 PRO A 213 
B 1 VAL A 131 ? ILE A 135 ? VAL A 131 ILE A 135 
B 2 HIS A 162 ? ILE A 171 ? HIS A 162 ILE A 171 
B 3 LYS A 176 ? LYS A 181 ? LYS A 176 LYS A 181 
B 4 TYR A 193 ? ALA A 197 ? TYR A 193 ALA A 197 
# 
loop_
_pdbx_struct_sheet_hbond.sheet_id 
_pdbx_struct_sheet_hbond.range_id_1 
_pdbx_struct_sheet_hbond.range_id_2 
_pdbx_struct_sheet_hbond.range_1_label_atom_id 
_pdbx_struct_sheet_hbond.range_1_label_comp_id 
_pdbx_struct_sheet_hbond.range_1_label_asym_id 
_pdbx_struct_sheet_hbond.range_1_label_seq_id 
_pdbx_struct_sheet_hbond.range_1_PDB_ins_code 
_pdbx_struct_sheet_hbond.range_1_auth_atom_id 
_pdbx_struct_sheet_hbond.range_1_auth_comp_id 
_pdbx_struct_sheet_hbond.range_1_auth_asym_id 
_pdbx_struct_sheet_hbond.range_1_auth_seq_id 
_pdbx_struct_sheet_hbond.range_2_label_atom_id 
_pdbx_struct_sheet_hbond.range_2_label_comp_id 
_pdbx_struct_sheet_hbond.range_2_label_asym_id 
_pdbx_struct_sheet_hbond.range_2_label_seq_id 
_pdbx_struct_sheet_hbond.range_2_PDB_ins_code 
_pdbx_struct_sheet_hbond.range_2_auth_atom_id 
_pdbx_struct_sheet_hbond.range_2_auth_comp_id 
_pdbx_struct_sheet_hbond.range_2_auth_asym_id 
_pdbx_struct_sheet_hbond.range_2_auth_seq_id 
A 1 2 O ARG A 111 ? O ARG A 111 N PHE A 212 ? N PHE A 212 
B 1 2 O VAL A 131 ? O VAL A 131 N ALA A 166 ? N ALA A 166 
B 2 3 O LEU A 165 ? O LEU A 165 N LYS A 181 ? N LYS A 181 
B 3 4 O TRP A 178 ? O TRP A 178 N MET A 196 ? N MET A 196 
# 
_struct_site.id                   AC1 
_struct_site.pdbx_evidence_code   Software 
_struct_site.pdbx_auth_asym_id    A 
_struct_site.pdbx_auth_comp_id    IN3 
_struct_site.pdbx_auth_seq_id     300 
_struct_site.pdbx_auth_ins_code   ? 
_struct_site.pdbx_num_residues    19 
_struct_site.details              'BINDING SITE FOR RESIDUE IN3 A 300' 
# 
loop_
_struct_site_gen.id 
_struct_site_gen.site_id 
_struct_site_gen.pdbx_num_res 
_struct_site_gen.label_comp_id 
_struct_site_gen.label_asym_id 
_struct_site_gen.label_seq_id 
_struct_site_gen.pdbx_auth_ins_code 
_struct_site_gen.auth_comp_id 
_struct_site_gen.auth_asym_id 
_struct_site_gen.auth_seq_id 
_struct_site_gen.label_atom_id 
_struct_site_gen.label_alt_id 
_struct_site_gen.symmetry 
_struct_site_gen.details 
1  AC1 19 ASN A 18  ? ASN A 18  . ? 1_555 ? 
2  AC1 19 GLN A 19  ? GLN A 19  . ? 1_555 ? 
3  AC1 19 GLY A 20  ? GLY A 20  . ? 1_555 ? 
4  AC1 19 GLY A 23  ? GLY A 23  . ? 1_555 ? 
5  AC1 19 CYS A 25  ? CYS A 25  . ? 1_555 ? 
6  AC1 19 GLY A 65  ? GLY A 65  . ? 1_555 ? 
7  AC1 19 GLY A 66  ? GLY A 66  . ? 1_555 ? 
8  AC1 19 TYR A 67  ? TYR A 67  . ? 1_555 ? 
9  AC1 19 ARG A 123 ? ARG A 123 . ? 3_554 ? 
10 AC1 19 ARG A 127 ? ARG A 127 . ? 3_554 ? 
11 AC1 19 ALA A 134 ? ALA A 134 . ? 1_555 ? 
12 AC1 19 ASP A 158 ? ASP A 158 . ? 1_555 ? 
13 AC1 19 LEU A 160 ? LEU A 160 . ? 1_555 ? 
14 AC1 19 ASN A 161 ? ASN A 161 . ? 1_555 ? 
15 AC1 19 HIS A 162 ? HIS A 162 . ? 1_555 ? 
16 AC1 19 ALA A 163 ? ALA A 163 . ? 1_555 ? 
17 AC1 19 TRP A 184 ? TRP A 184 . ? 1_555 ? 
18 AC1 19 LEU A 209 ? LEU A 209 . ? 1_555 ? 
19 AC1 19 HOH C .   ? HOH A 329 . ? 1_555 ? 
# 
_pdbx_entry_details.entry_id                   1AYW 
_pdbx_entry_details.compound_details           ? 
_pdbx_entry_details.source_details             ? 
_pdbx_entry_details.nonpolymer_details         ? 
_pdbx_entry_details.sequence_details           ? 
_pdbx_entry_details.has_ligand_of_interest     ? 
_pdbx_entry_details.has_protein_modification   Y 
# 
loop_
_pdbx_validate_torsion.id 
_pdbx_validate_torsion.PDB_model_num 
_pdbx_validate_torsion.auth_comp_id 
_pdbx_validate_torsion.auth_asym_id 
_pdbx_validate_torsion.auth_seq_id 
_pdbx_validate_torsion.PDB_ins_code 
_pdbx_validate_torsion.label_alt_id 
_pdbx_validate_torsion.phi 
_pdbx_validate_torsion.psi 
1 1 PRO A 2   ? ? -93.39  -132.29 
2 1 ARG A 79  ? ? 65.08   62.00   
3 1 SER A 146 ? ? -132.10 -47.25  
4 1 TYR A 151 ? ? -175.76 111.15  
5 1 GLU A 153 ? ? -56.62  -4.47   
6 1 VAL A 164 ? ? -129.73 -161.82 
7 1 GLN A 172 ? ? -133.14 -120.95 
8 1 LEU A 209 ? ? -153.85 38.47   
# 
loop_
_chem_comp_atom.comp_id 
_chem_comp_atom.atom_id 
_chem_comp_atom.type_symbol 
_chem_comp_atom.pdbx_aromatic_flag 
_chem_comp_atom.pdbx_stereo_config 
_chem_comp_atom.pdbx_ordinal 
ALA N      N N N 1   
ALA CA     C N S 2   
ALA C      C N N 3   
ALA O      O N N 4   
ALA CB     C N N 5   
ALA OXT    O N N 6   
ALA H      H N N 7   
ALA H2     H N N 8   
ALA HA     H N N 9   
ALA HB1    H N N 10  
ALA HB2    H N N 11  
ALA HB3    H N N 12  
ALA HXT    H N N 13  
ARG N      N N N 14  
ARG CA     C N S 15  
ARG C      C N N 16  
ARG O      O N N 17  
ARG CB     C N N 18  
ARG CG     C N N 19  
ARG CD     C N N 20  
ARG NE     N N N 21  
ARG CZ     C N N 22  
ARG NH1    N N N 23  
ARG NH2    N N N 24  
ARG OXT    O N N 25  
ARG H      H N N 26  
ARG H2     H N N 27  
ARG HA     H N N 28  
ARG HB2    H N N 29  
ARG HB3    H N N 30  
ARG HG2    H N N 31  
ARG HG3    H N N 32  
ARG HD2    H N N 33  
ARG HD3    H N N 34  
ARG HE     H N N 35  
ARG HH11   H N N 36  
ARG HH12   H N N 37  
ARG HH21   H N N 38  
ARG HH22   H N N 39  
ARG HXT    H N N 40  
ASN N      N N N 41  
ASN CA     C N S 42  
ASN C      C N N 43  
ASN O      O N N 44  
ASN CB     C N N 45  
ASN CG     C N N 46  
ASN OD1    O N N 47  
ASN ND2    N N N 48  
ASN OXT    O N N 49  
ASN H      H N N 50  
ASN H2     H N N 51  
ASN HA     H N N 52  
ASN HB2    H N N 53  
ASN HB3    H N N 54  
ASN HD21   H N N 55  
ASN HD22   H N N 56  
ASN HXT    H N N 57  
ASP N      N N N 58  
ASP CA     C N S 59  
ASP C      C N N 60  
ASP O      O N N 61  
ASP CB     C N N 62  
ASP CG     C N N 63  
ASP OD1    O N N 64  
ASP OD2    O N N 65  
ASP OXT    O N N 66  
ASP H      H N N 67  
ASP H2     H N N 68  
ASP HA     H N N 69  
ASP HB2    H N N 70  
ASP HB3    H N N 71  
ASP HD2    H N N 72  
ASP HXT    H N N 73  
CYS N      N N N 74  
CYS CA     C N R 75  
CYS C      C N N 76  
CYS O      O N N 77  
CYS CB     C N N 78  
CYS SG     S N N 79  
CYS OXT    O N N 80  
CYS H      H N N 81  
CYS H2     H N N 82  
CYS HA     H N N 83  
CYS HB2    H N N 84  
CYS HB3    H N N 85  
CYS HG     H N N 86  
CYS HXT    H N N 87  
GLN N      N N N 88  
GLN CA     C N S 89  
GLN C      C N N 90  
GLN O      O N N 91  
GLN CB     C N N 92  
GLN CG     C N N 93  
GLN CD     C N N 94  
GLN OE1    O N N 95  
GLN NE2    N N N 96  
GLN OXT    O N N 97  
GLN H      H N N 98  
GLN H2     H N N 99  
GLN HA     H N N 100 
GLN HB2    H N N 101 
GLN HB3    H N N 102 
GLN HG2    H N N 103 
GLN HG3    H N N 104 
GLN HE21   H N N 105 
GLN HE22   H N N 106 
GLN HXT    H N N 107 
GLU N      N N N 108 
GLU CA     C N S 109 
GLU C      C N N 110 
GLU O      O N N 111 
GLU CB     C N N 112 
GLU CG     C N N 113 
GLU CD     C N N 114 
GLU OE1    O N N 115 
GLU OE2    O N N 116 
GLU OXT    O N N 117 
GLU H      H N N 118 
GLU H2     H N N 119 
GLU HA     H N N 120 
GLU HB2    H N N 121 
GLU HB3    H N N 122 
GLU HG2    H N N 123 
GLU HG3    H N N 124 
GLU HE2    H N N 125 
GLU HXT    H N N 126 
GLY N      N N N 127 
GLY CA     C N N 128 
GLY C      C N N 129 
GLY O      O N N 130 
GLY OXT    O N N 131 
GLY H      H N N 132 
GLY H2     H N N 133 
GLY HA2    H N N 134 
GLY HA3    H N N 135 
GLY HXT    H N N 136 
HIS N      N N N 137 
HIS CA     C N S 138 
HIS C      C N N 139 
HIS O      O N N 140 
HIS CB     C N N 141 
HIS CG     C Y N 142 
HIS ND1    N Y N 143 
HIS CD2    C Y N 144 
HIS CE1    C Y N 145 
HIS NE2    N Y N 146 
HIS OXT    O N N 147 
HIS H      H N N 148 
HIS H2     H N N 149 
HIS HA     H N N 150 
HIS HB2    H N N 151 
HIS HB3    H N N 152 
HIS HD1    H N N 153 
HIS HD2    H N N 154 
HIS HE1    H N N 155 
HIS HE2    H N N 156 
HIS HXT    H N N 157 
HOH O      O N N 158 
HOH H1     H N N 159 
HOH H2     H N N 160 
ILE N      N N N 161 
ILE CA     C N S 162 
ILE C      C N N 163 
ILE O      O N N 164 
ILE CB     C N S 165 
ILE CG1    C N N 166 
ILE CG2    C N N 167 
ILE CD1    C N N 168 
ILE OXT    O N N 169 
ILE H      H N N 170 
ILE H2     H N N 171 
ILE HA     H N N 172 
ILE HB     H N N 173 
ILE HG12   H N N 174 
ILE HG13   H N N 175 
ILE HG21   H N N 176 
ILE HG22   H N N 177 
ILE HG23   H N N 178 
ILE HD11   H N N 179 
ILE HD12   H N N 180 
ILE HD13   H N N 181 
ILE HXT    H N N 182 
IN3 C1     C Y N 183 
IN3 C2     C Y N 184 
IN3 C3     C Y N 185 
IN3 C4     C Y N 186 
IN3 C5     C Y N 187 
IN3 C6     C Y N 188 
IN3 C7     C N N 189 
IN3 O8     O N N 190 
IN3 C9     C Y N 191 
IN3 C10    C Y N 192 
IN3 C11    C Y N 193 
IN3 C12    C Y N 194 
IN3 C14    C Y N 195 
IN3 C17    C N N 196 
IN3 O18    O N N 197 
IN3 N19    N N N 198 
IN3 N20    N N N 199 
IN3 C24    C Y N 200 
IN3 C21    C N N 201 
IN3 O22    O N N 202 
IN3 "C1'"  C Y N 203 
IN3 "C2'"  C Y N 204 
IN3 "C3'"  C Y N 205 
IN3 "C4'"  C Y N 206 
IN3 "C5'"  C Y N 207 
IN3 "C6'"  C Y N 208 
IN3 "C7'"  C N N 209 
IN3 "O8'"  O N N 210 
IN3 "C9'"  C N N 211 
IN3 "OA'"  O N N 212 
IN3 "CB'"  C N S 213 
IN3 "CC'"  C N N 214 
IN3 "CE'"  C N N 215 
IN3 "CF'"  C N N 216 
IN3 "CG'"  C N N 217 
IN3 "CH'"  C N N 218 
IN3 "OI'"  O N N 219 
IN3 "NJ'"  N N N 220 
IN3 "NK'"  N N N 221 
IN3 "NO'"  N N N 222 
IN3 H1     H N N 223 
IN3 H2     H N N 224 
IN3 H3     H N N 225 
IN3 H5     H N N 226 
IN3 H6     H N N 227 
IN3 H71    H N N 228 
IN3 H72    H N N 229 
IN3 H10    H N N 230 
IN3 H12    H N N 231 
IN3 H14    H N N 232 
IN3 HN9    H N N 233 
IN3 HN0    H N N 234 
IN3 H24    H N N 235 
IN3 "H1'"  H N N 236 
IN3 "H2'"  H N N 237 
IN3 "H3'"  H N N 238 
IN3 "H5'"  H N N 239 
IN3 "H6'"  H N N 240 
IN3 "H7'1" H N N 241 
IN3 "H7'2" H N N 242 
IN3 "H11'" H N N 243 
IN3 H12A   H N N 244 
IN3 H12B   H N N 245 
IN3 "H14'" H N N 246 
IN3 H15A   H N N 247 
IN3 H15B   H N N 248 
IN3 H15C   H N N 249 
IN3 H16A   H N N 250 
IN3 H16B   H N N 251 
IN3 H16C   H N N 252 
IN3 HN1    H N N 253 
IN3 HN2    H N N 254 
IN3 HN4    H N N 255 
LEU N      N N N 256 
LEU CA     C N S 257 
LEU C      C N N 258 
LEU O      O N N 259 
LEU CB     C N N 260 
LEU CG     C N N 261 
LEU CD1    C N N 262 
LEU CD2    C N N 263 
LEU OXT    O N N 264 
LEU H      H N N 265 
LEU H2     H N N 266 
LEU HA     H N N 267 
LEU HB2    H N N 268 
LEU HB3    H N N 269 
LEU HG     H N N 270 
LEU HD11   H N N 271 
LEU HD12   H N N 272 
LEU HD13   H N N 273 
LEU HD21   H N N 274 
LEU HD22   H N N 275 
LEU HD23   H N N 276 
LEU HXT    H N N 277 
LYS N      N N N 278 
LYS CA     C N S 279 
LYS C      C N N 280 
LYS O      O N N 281 
LYS CB     C N N 282 
LYS CG     C N N 283 
LYS CD     C N N 284 
LYS CE     C N N 285 
LYS NZ     N N N 286 
LYS OXT    O N N 287 
LYS H      H N N 288 
LYS H2     H N N 289 
LYS HA     H N N 290 
LYS HB2    H N N 291 
LYS HB3    H N N 292 
LYS HG2    H N N 293 
LYS HG3    H N N 294 
LYS HD2    H N N 295 
LYS HD3    H N N 296 
LYS HE2    H N N 297 
LYS HE3    H N N 298 
LYS HZ1    H N N 299 
LYS HZ2    H N N 300 
LYS HZ3    H N N 301 
LYS HXT    H N N 302 
MET N      N N N 303 
MET CA     C N S 304 
MET C      C N N 305 
MET O      O N N 306 
MET CB     C N N 307 
MET CG     C N N 308 
MET SD     S N N 309 
MET CE     C N N 310 
MET OXT    O N N 311 
MET H      H N N 312 
MET H2     H N N 313 
MET HA     H N N 314 
MET HB2    H N N 315 
MET HB3    H N N 316 
MET HG2    H N N 317 
MET HG3    H N N 318 
MET HE1    H N N 319 
MET HE2    H N N 320 
MET HE3    H N N 321 
MET HXT    H N N 322 
PHE N      N N N 323 
PHE CA     C N S 324 
PHE C      C N N 325 
PHE O      O N N 326 
PHE CB     C N N 327 
PHE CG     C Y N 328 
PHE CD1    C Y N 329 
PHE CD2    C Y N 330 
PHE CE1    C Y N 331 
PHE CE2    C Y N 332 
PHE CZ     C Y N 333 
PHE OXT    O N N 334 
PHE H      H N N 335 
PHE H2     H N N 336 
PHE HA     H N N 337 
PHE HB2    H N N 338 
PHE HB3    H N N 339 
PHE HD1    H N N 340 
PHE HD2    H N N 341 
PHE HE1    H N N 342 
PHE HE2    H N N 343 
PHE HZ     H N N 344 
PHE HXT    H N N 345 
PRO N      N N N 346 
PRO CA     C N S 347 
PRO C      C N N 348 
PRO O      O N N 349 
PRO CB     C N N 350 
PRO CG     C N N 351 
PRO CD     C N N 352 
PRO OXT    O N N 353 
PRO H      H N N 354 
PRO HA     H N N 355 
PRO HB2    H N N 356 
PRO HB3    H N N 357 
PRO HG2    H N N 358 
PRO HG3    H N N 359 
PRO HD2    H N N 360 
PRO HD3    H N N 361 
PRO HXT    H N N 362 
SER N      N N N 363 
SER CA     C N S 364 
SER C      C N N 365 
SER O      O N N 366 
SER CB     C N N 367 
SER OG     O N N 368 
SER OXT    O N N 369 
SER H      H N N 370 
SER H2     H N N 371 
SER HA     H N N 372 
SER HB2    H N N 373 
SER HB3    H N N 374 
SER HG     H N N 375 
SER HXT    H N N 376 
THR N      N N N 377 
THR CA     C N S 378 
THR C      C N N 379 
THR O      O N N 380 
THR CB     C N R 381 
THR OG1    O N N 382 
THR CG2    C N N 383 
THR OXT    O N N 384 
THR H      H N N 385 
THR H2     H N N 386 
THR HA     H N N 387 
THR HB     H N N 388 
THR HG1    H N N 389 
THR HG21   H N N 390 
THR HG22   H N N 391 
THR HG23   H N N 392 
THR HXT    H N N 393 
TRP N      N N N 394 
TRP CA     C N S 395 
TRP C      C N N 396 
TRP O      O N N 397 
TRP CB     C N N 398 
TRP CG     C Y N 399 
TRP CD1    C Y N 400 
TRP CD2    C Y N 401 
TRP NE1    N Y N 402 
TRP CE2    C Y N 403 
TRP CE3    C Y N 404 
TRP CZ2    C Y N 405 
TRP CZ3    C Y N 406 
TRP CH2    C Y N 407 
TRP OXT    O N N 408 
TRP H      H N N 409 
TRP H2     H N N 410 
TRP HA     H N N 411 
TRP HB2    H N N 412 
TRP HB3    H N N 413 
TRP HD1    H N N 414 
TRP HE1    H N N 415 
TRP HE3    H N N 416 
TRP HZ2    H N N 417 
TRP HZ3    H N N 418 
TRP HH2    H N N 419 
TRP HXT    H N N 420 
TYR N      N N N 421 
TYR CA     C N S 422 
TYR C      C N N 423 
TYR O      O N N 424 
TYR CB     C N N 425 
TYR CG     C Y N 426 
TYR CD1    C Y N 427 
TYR CD2    C Y N 428 
TYR CE1    C Y N 429 
TYR CE2    C Y N 430 
TYR CZ     C Y N 431 
TYR OH     O N N 432 
TYR OXT    O N N 433 
TYR H      H N N 434 
TYR H2     H N N 435 
TYR HA     H N N 436 
TYR HB2    H N N 437 
TYR HB3    H N N 438 
TYR HD1    H N N 439 
TYR HD2    H N N 440 
TYR HE1    H N N 441 
TYR HE2    H N N 442 
TYR HH     H N N 443 
TYR HXT    H N N 444 
VAL N      N N N 445 
VAL CA     C N S 446 
VAL C      C N N 447 
VAL O      O N N 448 
VAL CB     C N N 449 
VAL CG1    C N N 450 
VAL CG2    C N N 451 
VAL OXT    O N N 452 
VAL H      H N N 453 
VAL H2     H N N 454 
VAL HA     H N N 455 
VAL HB     H N N 456 
VAL HG11   H N N 457 
VAL HG12   H N N 458 
VAL HG13   H N N 459 
VAL HG21   H N N 460 
VAL HG22   H N N 461 
VAL HG23   H N N 462 
VAL HXT    H N N 463 
# 
loop_
_chem_comp_bond.comp_id 
_chem_comp_bond.atom_id_1 
_chem_comp_bond.atom_id_2 
_chem_comp_bond.value_order 
_chem_comp_bond.pdbx_aromatic_flag 
_chem_comp_bond.pdbx_stereo_config 
_chem_comp_bond.pdbx_ordinal 
ALA N     CA     sing N N 1   
ALA N     H      sing N N 2   
ALA N     H2     sing N N 3   
ALA CA    C      sing N N 4   
ALA CA    CB     sing N N 5   
ALA CA    HA     sing N N 6   
ALA C     O      doub N N 7   
ALA C     OXT    sing N N 8   
ALA CB    HB1    sing N N 9   
ALA CB    HB2    sing N N 10  
ALA CB    HB3    sing N N 11  
ALA OXT   HXT    sing N N 12  
ARG N     CA     sing N N 13  
ARG N     H      sing N N 14  
ARG N     H2     sing N N 15  
ARG CA    C      sing N N 16  
ARG CA    CB     sing N N 17  
ARG CA    HA     sing N N 18  
ARG C     O      doub N N 19  
ARG C     OXT    sing N N 20  
ARG CB    CG     sing N N 21  
ARG CB    HB2    sing N N 22  
ARG CB    HB3    sing N N 23  
ARG CG    CD     sing N N 24  
ARG CG    HG2    sing N N 25  
ARG CG    HG3    sing N N 26  
ARG CD    NE     sing N N 27  
ARG CD    HD2    sing N N 28  
ARG CD    HD3    sing N N 29  
ARG NE    CZ     sing N N 30  
ARG NE    HE     sing N N 31  
ARG CZ    NH1    sing N N 32  
ARG CZ    NH2    doub N N 33  
ARG NH1   HH11   sing N N 34  
ARG NH1   HH12   sing N N 35  
ARG NH2   HH21   sing N N 36  
ARG NH2   HH22   sing N N 37  
ARG OXT   HXT    sing N N 38  
ASN N     CA     sing N N 39  
ASN N     H      sing N N 40  
ASN N     H2     sing N N 41  
ASN CA    C      sing N N 42  
ASN CA    CB     sing N N 43  
ASN CA    HA     sing N N 44  
ASN C     O      doub N N 45  
ASN C     OXT    sing N N 46  
ASN CB    CG     sing N N 47  
ASN CB    HB2    sing N N 48  
ASN CB    HB3    sing N N 49  
ASN CG    OD1    doub N N 50  
ASN CG    ND2    sing N N 51  
ASN ND2   HD21   sing N N 52  
ASN ND2   HD22   sing N N 53  
ASN OXT   HXT    sing N N 54  
ASP N     CA     sing N N 55  
ASP N     H      sing N N 56  
ASP N     H2     sing N N 57  
ASP CA    C      sing N N 58  
ASP CA    CB     sing N N 59  
ASP CA    HA     sing N N 60  
ASP C     O      doub N N 61  
ASP C     OXT    sing N N 62  
ASP CB    CG     sing N N 63  
ASP CB    HB2    sing N N 64  
ASP CB    HB3    sing N N 65  
ASP CG    OD1    doub N N 66  
ASP CG    OD2    sing N N 67  
ASP OD2   HD2    sing N N 68  
ASP OXT   HXT    sing N N 69  
CYS N     CA     sing N N 70  
CYS N     H      sing N N 71  
CYS N     H2     sing N N 72  
CYS CA    C      sing N N 73  
CYS CA    CB     sing N N 74  
CYS CA    HA     sing N N 75  
CYS C     O      doub N N 76  
CYS C     OXT    sing N N 77  
CYS CB    SG     sing N N 78  
CYS CB    HB2    sing N N 79  
CYS CB    HB3    sing N N 80  
CYS SG    HG     sing N N 81  
CYS OXT   HXT    sing N N 82  
GLN N     CA     sing N N 83  
GLN N     H      sing N N 84  
GLN N     H2     sing N N 85  
GLN CA    C      sing N N 86  
GLN CA    CB     sing N N 87  
GLN CA    HA     sing N N 88  
GLN C     O      doub N N 89  
GLN C     OXT    sing N N 90  
GLN CB    CG     sing N N 91  
GLN CB    HB2    sing N N 92  
GLN CB    HB3    sing N N 93  
GLN CG    CD     sing N N 94  
GLN CG    HG2    sing N N 95  
GLN CG    HG3    sing N N 96  
GLN CD    OE1    doub N N 97  
GLN CD    NE2    sing N N 98  
GLN NE2   HE21   sing N N 99  
GLN NE2   HE22   sing N N 100 
GLN OXT   HXT    sing N N 101 
GLU N     CA     sing N N 102 
GLU N     H      sing N N 103 
GLU N     H2     sing N N 104 
GLU CA    C      sing N N 105 
GLU CA    CB     sing N N 106 
GLU CA    HA     sing N N 107 
GLU C     O      doub N N 108 
GLU C     OXT    sing N N 109 
GLU CB    CG     sing N N 110 
GLU CB    HB2    sing N N 111 
GLU CB    HB3    sing N N 112 
GLU CG    CD     sing N N 113 
GLU CG    HG2    sing N N 114 
GLU CG    HG3    sing N N 115 
GLU CD    OE1    doub N N 116 
GLU CD    OE2    sing N N 117 
GLU OE2   HE2    sing N N 118 
GLU OXT   HXT    sing N N 119 
GLY N     CA     sing N N 120 
GLY N     H      sing N N 121 
GLY N     H2     sing N N 122 
GLY CA    C      sing N N 123 
GLY CA    HA2    sing N N 124 
GLY CA    HA3    sing N N 125 
GLY C     O      doub N N 126 
GLY C     OXT    sing N N 127 
GLY OXT   HXT    sing N N 128 
HIS N     CA     sing N N 129 
HIS N     H      sing N N 130 
HIS N     H2     sing N N 131 
HIS CA    C      sing N N 132 
HIS CA    CB     sing N N 133 
HIS CA    HA     sing N N 134 
HIS C     O      doub N N 135 
HIS C     OXT    sing N N 136 
HIS CB    CG     sing N N 137 
HIS CB    HB2    sing N N 138 
HIS CB    HB3    sing N N 139 
HIS CG    ND1    sing Y N 140 
HIS CG    CD2    doub Y N 141 
HIS ND1   CE1    doub Y N 142 
HIS ND1   HD1    sing N N 143 
HIS CD2   NE2    sing Y N 144 
HIS CD2   HD2    sing N N 145 
HIS CE1   NE2    sing Y N 146 
HIS CE1   HE1    sing N N 147 
HIS NE2   HE2    sing N N 148 
HIS OXT   HXT    sing N N 149 
HOH O     H1     sing N N 150 
HOH O     H2     sing N N 151 
ILE N     CA     sing N N 152 
ILE N     H      sing N N 153 
ILE N     H2     sing N N 154 
ILE CA    C      sing N N 155 
ILE CA    CB     sing N N 156 
ILE CA    HA     sing N N 157 
ILE C     O      doub N N 158 
ILE C     OXT    sing N N 159 
ILE CB    CG1    sing N N 160 
ILE CB    CG2    sing N N 161 
ILE CB    HB     sing N N 162 
ILE CG1   CD1    sing N N 163 
ILE CG1   HG12   sing N N 164 
ILE CG1   HG13   sing N N 165 
ILE CG2   HG21   sing N N 166 
ILE CG2   HG22   sing N N 167 
ILE CG2   HG23   sing N N 168 
ILE CD1   HD11   sing N N 169 
ILE CD1   HD12   sing N N 170 
ILE CD1   HD13   sing N N 171 
ILE OXT   HXT    sing N N 172 
IN3 C1    C2     doub Y N 173 
IN3 C1    C6     sing Y N 174 
IN3 C1    H1     sing N N 175 
IN3 C2    C3     sing Y N 176 
IN3 C2    H2     sing N N 177 
IN3 C3    C4     doub Y N 178 
IN3 C3    H3     sing N N 179 
IN3 C4    C5     sing Y N 180 
IN3 C4    C7     sing N N 181 
IN3 C5    C6     doub Y N 182 
IN3 C5    H5     sing N N 183 
IN3 C6    H6     sing N N 184 
IN3 C7    O8     sing N N 185 
IN3 C7    H71    sing N N 186 
IN3 C7    H72    sing N N 187 
IN3 O8    C9     sing N N 188 
IN3 C9    C10    doub Y N 189 
IN3 C9    C24    sing Y N 190 
IN3 C10   C14    sing Y N 191 
IN3 C10   H10    sing N N 192 
IN3 C11   C12    sing Y N 193 
IN3 C11   C17    sing N N 194 
IN3 C11   C24    doub Y N 195 
IN3 C12   C14    doub Y N 196 
IN3 C12   H12    sing N N 197 
IN3 C14   H14    sing N N 198 
IN3 C17   O18    doub N N 199 
IN3 C17   N19    sing N N 200 
IN3 N19   N20    sing N N 201 
IN3 N19   HN9    sing N N 202 
IN3 N20   C21    sing N N 203 
IN3 N20   HN0    sing N N 204 
IN3 C24   H24    sing N N 205 
IN3 C21   O22    doub N N 206 
IN3 C21   "NK'"  sing N N 207 
IN3 "C1'" "C2'"  doub Y N 208 
IN3 "C1'" "C6'"  sing Y N 209 
IN3 "C1'" "H1'"  sing N N 210 
IN3 "C2'" "C3'"  sing Y N 211 
IN3 "C2'" "H2'"  sing N N 212 
IN3 "C3'" "C4'"  doub Y N 213 
IN3 "C3'" "H3'"  sing N N 214 
IN3 "C4'" "C5'"  sing Y N 215 
IN3 "C4'" "C7'"  sing N N 216 
IN3 "C5'" "C6'"  doub Y N 217 
IN3 "C5'" "H5'"  sing N N 218 
IN3 "C6'" "H6'"  sing N N 219 
IN3 "C7'" "O8'"  sing N N 220 
IN3 "C7'" "H7'1" sing N N 221 
IN3 "C7'" "H7'2" sing N N 222 
IN3 "O8'" "C9'"  sing N N 223 
IN3 "C9'" "OA'"  doub N N 224 
IN3 "C9'" "NO'"  sing N N 225 
IN3 "CB'" "CC'"  sing N N 226 
IN3 "CB'" "CH'"  sing N N 227 
IN3 "CB'" "NO'"  sing N N 228 
IN3 "CB'" "H11'" sing N N 229 
IN3 "CC'" "CE'"  sing N N 230 
IN3 "CC'" H12A   sing N N 231 
IN3 "CC'" H12B   sing N N 232 
IN3 "CE'" "CF'"  sing N N 233 
IN3 "CE'" "CG'"  sing N N 234 
IN3 "CE'" "H14'" sing N N 235 
IN3 "CF'" H15A   sing N N 236 
IN3 "CF'" H15B   sing N N 237 
IN3 "CF'" H15C   sing N N 238 
IN3 "CG'" H16A   sing N N 239 
IN3 "CG'" H16B   sing N N 240 
IN3 "CG'" H16C   sing N N 241 
IN3 "CH'" "OI'"  doub N N 242 
IN3 "CH'" "NJ'"  sing N N 243 
IN3 "NJ'" "NK'"  sing N N 244 
IN3 "NJ'" HN1    sing N N 245 
IN3 "NK'" HN2    sing N N 246 
IN3 "NO'" HN4    sing N N 247 
LEU N     CA     sing N N 248 
LEU N     H      sing N N 249 
LEU N     H2     sing N N 250 
LEU CA    C      sing N N 251 
LEU CA    CB     sing N N 252 
LEU CA    HA     sing N N 253 
LEU C     O      doub N N 254 
LEU C     OXT    sing N N 255 
LEU CB    CG     sing N N 256 
LEU CB    HB2    sing N N 257 
LEU CB    HB3    sing N N 258 
LEU CG    CD1    sing N N 259 
LEU CG    CD2    sing N N 260 
LEU CG    HG     sing N N 261 
LEU CD1   HD11   sing N N 262 
LEU CD1   HD12   sing N N 263 
LEU CD1   HD13   sing N N 264 
LEU CD2   HD21   sing N N 265 
LEU CD2   HD22   sing N N 266 
LEU CD2   HD23   sing N N 267 
LEU OXT   HXT    sing N N 268 
LYS N     CA     sing N N 269 
LYS N     H      sing N N 270 
LYS N     H2     sing N N 271 
LYS CA    C      sing N N 272 
LYS CA    CB     sing N N 273 
LYS CA    HA     sing N N 274 
LYS C     O      doub N N 275 
LYS C     OXT    sing N N 276 
LYS CB    CG     sing N N 277 
LYS CB    HB2    sing N N 278 
LYS CB    HB3    sing N N 279 
LYS CG    CD     sing N N 280 
LYS CG    HG2    sing N N 281 
LYS CG    HG3    sing N N 282 
LYS CD    CE     sing N N 283 
LYS CD    HD2    sing N N 284 
LYS CD    HD3    sing N N 285 
LYS CE    NZ     sing N N 286 
LYS CE    HE2    sing N N 287 
LYS CE    HE3    sing N N 288 
LYS NZ    HZ1    sing N N 289 
LYS NZ    HZ2    sing N N 290 
LYS NZ    HZ3    sing N N 291 
LYS OXT   HXT    sing N N 292 
MET N     CA     sing N N 293 
MET N     H      sing N N 294 
MET N     H2     sing N N 295 
MET CA    C      sing N N 296 
MET CA    CB     sing N N 297 
MET CA    HA     sing N N 298 
MET C     O      doub N N 299 
MET C     OXT    sing N N 300 
MET CB    CG     sing N N 301 
MET CB    HB2    sing N N 302 
MET CB    HB3    sing N N 303 
MET CG    SD     sing N N 304 
MET CG    HG2    sing N N 305 
MET CG    HG3    sing N N 306 
MET SD    CE     sing N N 307 
MET CE    HE1    sing N N 308 
MET CE    HE2    sing N N 309 
MET CE    HE3    sing N N 310 
MET OXT   HXT    sing N N 311 
PHE N     CA     sing N N 312 
PHE N     H      sing N N 313 
PHE N     H2     sing N N 314 
PHE CA    C      sing N N 315 
PHE CA    CB     sing N N 316 
PHE CA    HA     sing N N 317 
PHE C     O      doub N N 318 
PHE C     OXT    sing N N 319 
PHE CB    CG     sing N N 320 
PHE CB    HB2    sing N N 321 
PHE CB    HB3    sing N N 322 
PHE CG    CD1    doub Y N 323 
PHE CG    CD2    sing Y N 324 
PHE CD1   CE1    sing Y N 325 
PHE CD1   HD1    sing N N 326 
PHE CD2   CE2    doub Y N 327 
PHE CD2   HD2    sing N N 328 
PHE CE1   CZ     doub Y N 329 
PHE CE1   HE1    sing N N 330 
PHE CE2   CZ     sing Y N 331 
PHE CE2   HE2    sing N N 332 
PHE CZ    HZ     sing N N 333 
PHE OXT   HXT    sing N N 334 
PRO N     CA     sing N N 335 
PRO N     CD     sing N N 336 
PRO N     H      sing N N 337 
PRO CA    C      sing N N 338 
PRO CA    CB     sing N N 339 
PRO CA    HA     sing N N 340 
PRO C     O      doub N N 341 
PRO C     OXT    sing N N 342 
PRO CB    CG     sing N N 343 
PRO CB    HB2    sing N N 344 
PRO CB    HB3    sing N N 345 
PRO CG    CD     sing N N 346 
PRO CG    HG2    sing N N 347 
PRO CG    HG3    sing N N 348 
PRO CD    HD2    sing N N 349 
PRO CD    HD3    sing N N 350 
PRO OXT   HXT    sing N N 351 
SER N     CA     sing N N 352 
SER N     H      sing N N 353 
SER N     H2     sing N N 354 
SER CA    C      sing N N 355 
SER CA    CB     sing N N 356 
SER CA    HA     sing N N 357 
SER C     O      doub N N 358 
SER C     OXT    sing N N 359 
SER CB    OG     sing N N 360 
SER CB    HB2    sing N N 361 
SER CB    HB3    sing N N 362 
SER OG    HG     sing N N 363 
SER OXT   HXT    sing N N 364 
THR N     CA     sing N N 365 
THR N     H      sing N N 366 
THR N     H2     sing N N 367 
THR CA    C      sing N N 368 
THR CA    CB     sing N N 369 
THR CA    HA     sing N N 370 
THR C     O      doub N N 371 
THR C     OXT    sing N N 372 
THR CB    OG1    sing N N 373 
THR CB    CG2    sing N N 374 
THR CB    HB     sing N N 375 
THR OG1   HG1    sing N N 376 
THR CG2   HG21   sing N N 377 
THR CG2   HG22   sing N N 378 
THR CG2   HG23   sing N N 379 
THR OXT   HXT    sing N N 380 
TRP N     CA     sing N N 381 
TRP N     H      sing N N 382 
TRP N     H2     sing N N 383 
TRP CA    C      sing N N 384 
TRP CA    CB     sing N N 385 
TRP CA    HA     sing N N 386 
TRP C     O      doub N N 387 
TRP C     OXT    sing N N 388 
TRP CB    CG     sing N N 389 
TRP CB    HB2    sing N N 390 
TRP CB    HB3    sing N N 391 
TRP CG    CD1    doub Y N 392 
TRP CG    CD2    sing Y N 393 
TRP CD1   NE1    sing Y N 394 
TRP CD1   HD1    sing N N 395 
TRP CD2   CE2    doub Y N 396 
TRP CD2   CE3    sing Y N 397 
TRP NE1   CE2    sing Y N 398 
TRP NE1   HE1    sing N N 399 
TRP CE2   CZ2    sing Y N 400 
TRP CE3   CZ3    doub Y N 401 
TRP CE3   HE3    sing N N 402 
TRP CZ2   CH2    doub Y N 403 
TRP CZ2   HZ2    sing N N 404 
TRP CZ3   CH2    sing Y N 405 
TRP CZ3   HZ3    sing N N 406 
TRP CH2   HH2    sing N N 407 
TRP OXT   HXT    sing N N 408 
TYR N     CA     sing N N 409 
TYR N     H      sing N N 410 
TYR N     H2     sing N N 411 
TYR CA    C      sing N N 412 
TYR CA    CB     sing N N 413 
TYR CA    HA     sing N N 414 
TYR C     O      doub N N 415 
TYR C     OXT    sing N N 416 
TYR CB    CG     sing N N 417 
TYR CB    HB2    sing N N 418 
TYR CB    HB3    sing N N 419 
TYR CG    CD1    doub Y N 420 
TYR CG    CD2    sing Y N 421 
TYR CD1   CE1    sing Y N 422 
TYR CD1   HD1    sing N N 423 
TYR CD2   CE2    doub Y N 424 
TYR CD2   HD2    sing N N 425 
TYR CE1   CZ     doub Y N 426 
TYR CE1   HE1    sing N N 427 
TYR CE2   CZ     sing Y N 428 
TYR CE2   HE2    sing N N 429 
TYR CZ    OH     sing N N 430 
TYR OH    HH     sing N N 431 
TYR OXT   HXT    sing N N 432 
VAL N     CA     sing N N 433 
VAL N     H      sing N N 434 
VAL N     H2     sing N N 435 
VAL CA    C      sing N N 436 
VAL CA    CB     sing N N 437 
VAL CA    HA     sing N N 438 
VAL C     O      doub N N 439 
VAL C     OXT    sing N N 440 
VAL CB    CG1    sing N N 441 
VAL CB    CG2    sing N N 442 
VAL CB    HB     sing N N 443 
VAL CG1   HG11   sing N N 444 
VAL CG1   HG12   sing N N 445 
VAL CG1   HG13   sing N N 446 
VAL CG2   HG21   sing N N 447 
VAL CG2   HG22   sing N N 448 
VAL CG2   HG23   sing N N 449 
VAL OXT   HXT    sing N N 450 
# 
_pdbx_initial_refinement_model.id               1 
_pdbx_initial_refinement_model.entity_id_list   ? 
_pdbx_initial_refinement_model.type             'experimental model' 
_pdbx_initial_refinement_model.source_name      PDB 
_pdbx_initial_refinement_model.accession_code   1ATK 
_pdbx_initial_refinement_model.details          ? 
# 
_atom_sites.entry_id                    1AYW 
_atom_sites.fract_transf_matrix[1][1]   -0.00285413 
_atom_sites.fract_transf_matrix[1][2]   0.01644623 
_atom_sites.fract_transf_matrix[1][3]   -0.00468476 
_atom_sites.fract_transf_matrix[2][1]   -0.00110157 
_atom_sites.fract_transf_matrix[2][2]   0.00456288 
_atom_sites.fract_transf_matrix[2][3]   0.01668947 
_atom_sites.fract_transf_matrix[3][1]   0.00750731 
_atom_sites.fract_transf_matrix[3][2]   0.00133966 
_atom_sites.fract_transf_matrix[3][3]   0.00012925 
_atom_sites.fract_transf_vector[1]      0.064032 
_atom_sites.fract_transf_vector[2]      0.617698 
_atom_sites.fract_transf_vector[3]      0.597774 
# 
loop_
_atom_type.symbol 
C 
N 
O 
S 
# 
loop_
_atom_site.group_PDB 
_atom_site.id 
_atom_site.type_symbol 
_atom_site.label_atom_id 
_atom_site.label_alt_id 
_atom_site.label_comp_id 
_atom_site.label_asym_id 
_atom_site.label_entity_id 
_atom_site.label_seq_id 
_atom_site.pdbx_PDB_ins_code 
_atom_site.Cartn_x 
_atom_site.Cartn_y 
_atom_site.Cartn_z 
_atom_site.occupancy 
_atom_site.B_iso_or_equiv 
_atom_site.pdbx_formal_charge 
_atom_site.auth_seq_id 
_atom_site.auth_comp_id 
_atom_site.auth_asym_id 
_atom_site.auth_atom_id 
_atom_site.pdbx_PDB_model_num 
ATOM   1    N N     . ALA A 1 1   ? 13.125  -15.828 -16.831 1.00 15.00 ? 1   ALA A N     1 
ATOM   2    C CA    . ALA A 1 1   ? 12.267  -14.677 -16.434 1.00 15.00 ? 1   ALA A CA    1 
ATOM   3    C C     . ALA A 1 1   ? 12.844  -13.376 -16.991 1.00 15.00 ? 1   ALA A C     1 
ATOM   4    O O     . ALA A 1 1   ? 14.062  -13.243 -17.126 1.00 15.00 ? 1   ALA A O     1 
ATOM   5    C CB    . ALA A 1 1   ? 12.155  -14.596 -14.911 1.00 15.00 ? 1   ALA A CB    1 
ATOM   6    N N     . PRO A 1 2   ? 11.964  -12.445 -17.403 1.00 15.00 ? 2   PRO A N     1 
ATOM   7    C CA    . PRO A 1 2   ? 12.345  -11.146 -17.957 1.00 15.00 ? 2   PRO A CA    1 
ATOM   8    C C     . PRO A 1 2   ? 12.358  -10.164 -16.801 1.00 15.00 ? 2   PRO A C     1 
ATOM   9    O O     . PRO A 1 2   ? 12.891  -10.467 -15.735 1.00 15.00 ? 2   PRO A O     1 
ATOM   10   C CB    . PRO A 1 2   ? 11.187  -10.845 -18.898 1.00 15.00 ? 2   PRO A CB    1 
ATOM   11   C CG    . PRO A 1 2   ? 10.001  -11.309 -18.065 1.00 15.00 ? 2   PRO A CG    1 
ATOM   12   C CD    . PRO A 1 2   ? 10.495  -12.634 -17.475 1.00 15.00 ? 2   PRO A CD    1 
ATOM   13   N N     . ASP A 1 3   ? 11.730  -9.010  -17.004 1.00 15.00 ? 3   ASP A N     1 
ATOM   14   C CA    . ASP A 1 3   ? 11.651  -7.984  -15.982 1.00 15.00 ? 3   ASP A CA    1 
ATOM   15   C C     . ASP A 1 3   ? 10.379  -8.210  -15.177 1.00 15.00 ? 3   ASP A C     1 
ATOM   16   O O     . ASP A 1 3   ? 9.304   -7.718  -15.539 1.00 15.00 ? 3   ASP A O     1 
ATOM   17   C CB    . ASP A 1 3   ? 11.621  -6.597  -16.626 1.00 15.00 ? 3   ASP A CB    1 
ATOM   18   C CG    . ASP A 1 3   ? 12.955  -6.195  -17.223 1.00 15.00 ? 3   ASP A CG    1 
ATOM   19   O OD1   . ASP A 1 3   ? 13.455  -6.892  -18.136 1.00 15.00 ? 3   ASP A OD1   1 
ATOM   20   O OD2   . ASP A 1 3   ? 13.504  -5.162  -16.777 1.00 15.00 ? 3   ASP A OD2   1 
ATOM   21   N N     . SER A 1 4   ? 10.492  -9.012  -14.127 1.00 15.00 ? 4   SER A N     1 
ATOM   22   C CA    . SER A 1 4   ? 9.361   -9.298  -13.251 1.00 15.00 ? 4   SER A CA    1 
ATOM   23   C C     . SER A 1 4   ? 9.846   -9.317  -11.808 1.00 15.00 ? 4   SER A C     1 
ATOM   24   O O     . SER A 1 4   ? 10.990  -9.693  -11.530 1.00 15.00 ? 4   SER A O     1 
ATOM   25   C CB    . SER A 1 4   ? 8.738   -10.647 -13.609 1.00 15.00 ? 4   SER A CB    1 
ATOM   26   O OG    . SER A 1 4   ? 8.356   -10.655 -14.972 1.00 15.00 ? 4   SER A OG    1 
ATOM   27   N N     . VAL A 1 5   ? 9.013   -8.833  -10.896 1.00 15.00 ? 5   VAL A N     1 
ATOM   28   C CA    . VAL A 1 5   ? 9.389   -8.856  -9.496  1.00 15.00 ? 5   VAL A CA    1 
ATOM   29   C C     . VAL A 1 5   ? 8.145   -9.026  -8.641  1.00 15.00 ? 5   VAL A C     1 
ATOM   30   O O     . VAL A 1 5   ? 7.119   -8.383  -8.873  1.00 15.00 ? 5   VAL A O     1 
ATOM   31   C CB    . VAL A 1 5   ? 10.234  -7.618  -9.081  1.00 15.00 ? 5   VAL A CB    1 
ATOM   32   C CG1   . VAL A 1 5   ? 9.404   -6.368  -9.054  1.00 15.00 ? 5   VAL A CG1   1 
ATOM   33   C CG2   . VAL A 1 5   ? 10.880  -7.864  -7.737  1.00 15.00 ? 5   VAL A CG2   1 
ATOM   34   N N     . ASP A 1 6   ? 8.207   -9.999  -7.744  1.00 15.00 ? 6   ASP A N     1 
ATOM   35   C CA    . ASP A 1 6   ? 7.116   -10.289 -6.839  1.00 15.00 ? 6   ASP A CA    1 
ATOM   36   C C     . ASP A 1 6   ? 7.770   -10.417 -5.466  1.00 15.00 ? 6   ASP A C     1 
ATOM   37   O O     . ASP A 1 6   ? 8.555   -11.332 -5.204  1.00 15.00 ? 6   ASP A O     1 
ATOM   38   C CB    . ASP A 1 6   ? 6.428   -11.591 -7.252  1.00 15.00 ? 6   ASP A CB    1 
ATOM   39   C CG    . ASP A 1 6   ? 5.142   -11.866 -6.477  1.00 15.00 ? 6   ASP A CG    1 
ATOM   40   O OD1   . ASP A 1 6   ? 4.818   -11.131 -5.524  1.00 15.00 ? 6   ASP A OD1   1 
ATOM   41   O OD2   . ASP A 1 6   ? 4.450   -12.839 -6.829  1.00 15.00 ? 6   ASP A OD2   1 
ATOM   42   N N     . TYR A 1 7   ? 7.478   -9.456  -4.606  1.00 15.00 ? 7   TYR A N     1 
ATOM   43   C CA    . TYR A 1 7   ? 8.043   -9.439  -3.275  1.00 15.00 ? 7   TYR A CA    1 
ATOM   44   C C     . TYR A 1 7   ? 7.421   -10.456 -2.339  1.00 15.00 ? 7   TYR A C     1 
ATOM   45   O O     . TYR A 1 7   ? 7.981   -10.765 -1.289  1.00 15.00 ? 7   TYR A O     1 
ATOM   46   C CB    . TYR A 1 7   ? 7.962   -8.025  -2.710  1.00 15.00 ? 7   TYR A CB    1 
ATOM   47   C CG    . TYR A 1 7   ? 8.976   -7.098  -3.361  1.00 15.00 ? 7   TYR A CG    1 
ATOM   48   C CD1   . TYR A 1 7   ? 10.326  -7.174  -3.023  1.00 15.00 ? 7   TYR A CD1   1 
ATOM   49   C CD2   . TYR A 1 7   ? 8.590   -6.160  -4.319  1.00 15.00 ? 7   TYR A CD2   1 
ATOM   50   C CE1   . TYR A 1 7   ? 11.259  -6.348  -3.612  1.00 15.00 ? 7   TYR A CE1   1 
ATOM   51   C CE2   . TYR A 1 7   ? 9.524   -5.327  -4.921  1.00 15.00 ? 7   TYR A CE2   1 
ATOM   52   C CZ    . TYR A 1 7   ? 10.854  -5.432  -4.560  1.00 15.00 ? 7   TYR A CZ    1 
ATOM   53   O OH    . TYR A 1 7   ? 11.797  -4.646  -5.158  1.00 15.00 ? 7   TYR A OH    1 
ATOM   54   N N     . ARG A 1 8   ? 6.281   -11.007 -2.751  1.00 15.00 ? 8   ARG A N     1 
ATOM   55   C CA    . ARG A 1 8   ? 5.570   -12.011 -1.963  1.00 15.00 ? 8   ARG A CA    1 
ATOM   56   C C     . ARG A 1 8   ? 6.458   -13.226 -1.814  1.00 15.00 ? 8   ARG A C     1 
ATOM   57   O O     . ARG A 1 8   ? 6.643   -13.737 -0.714  1.00 15.00 ? 8   ARG A O     1 
ATOM   58   C CB    . ARG A 1 8   ? 4.244   -12.399 -2.632  1.00 15.00 ? 8   ARG A CB    1 
ATOM   59   C CG    . ARG A 1 8   ? 3.219   -11.260 -2.659  1.00 15.00 ? 8   ARG A CG    1 
ATOM   60   C CD    . ARG A 1 8   ? 1.931   -11.649 -3.345  1.00 15.00 ? 8   ARG A CD    1 
ATOM   61   N NE    . ARG A 1 8   ? 2.099   -11.808 -4.784  1.00 15.00 ? 8   ARG A NE    1 
ATOM   62   C CZ    . ARG A 1 8   ? 1.170   -12.309 -5.593  1.00 15.00 ? 8   ARG A CZ    1 
ATOM   63   N NH1   . ARG A 1 8   ? 0.004   -12.704 -5.102  1.00 15.00 ? 8   ARG A NH1   1 
ATOM   64   N NH2   . ARG A 1 8   ? 1.401   -12.419 -6.896  1.00 15.00 ? 8   ARG A NH2   1 
ATOM   65   N N     . LYS A 1 9   ? 7.062   -13.650 -2.916  1.00 15.00 ? 9   LYS A N     1 
ATOM   66   C CA    . LYS A 1 9   ? 7.946   -14.801 -2.886  1.00 15.00 ? 9   LYS A CA    1 
ATOM   67   C C     . LYS A 1 9   ? 9.160   -14.479 -2.025  1.00 15.00 ? 9   LYS A C     1 
ATOM   68   O O     . LYS A 1 9   ? 9.723   -15.365 -1.383  1.00 15.00 ? 9   LYS A O     1 
ATOM   69   C CB    . LYS A 1 9   ? 8.394   -15.136 -4.299  1.00 15.00 ? 9   LYS A CB    1 
ATOM   70   C CG    . LYS A 1 9   ? 7.261   -15.479 -5.239  1.00 15.00 ? 9   LYS A CG    1 
ATOM   71   C CD    . LYS A 1 9   ? 7.703   -15.312 -6.685  1.00 15.00 ? 9   LYS A CD    1 
ATOM   72   C CE    . LYS A 1 9   ? 6.591   -15.606 -7.666  1.00 15.00 ? 9   LYS A CE    1 
ATOM   73   N NZ    . LYS A 1 9   ? 6.896   -15.014 -9.014  1.00 15.00 ? 9   LYS A NZ    1 
ATOM   74   N N     . LYS A 1 10  ? 9.500   -13.190 -1.972  1.00 15.00 ? 10  LYS A N     1 
ATOM   75   C CA    . LYS A 1 10  ? 10.654  -12.676 -1.234  1.00 15.00 ? 10  LYS A CA    1 
ATOM   76   C C     . LYS A 1 10  ? 10.477  -12.548 0.274   1.00 15.00 ? 10  LYS A C     1 
ATOM   77   O O     . LYS A 1 10  ? 11.462  -12.500 1.006   1.00 15.00 ? 10  LYS A O     1 
ATOM   78   C CB    . LYS A 1 10  ? 11.063  -11.299 -1.780  1.00 15.00 ? 10  LYS A CB    1 
ATOM   79   C CG    . LYS A 1 10  ? 11.319  -11.225 -3.279  1.00 15.00 ? 10  LYS A CG    1 
ATOM   80   C CD    . LYS A 1 10  ? 12.786  -11.355 -3.640  1.00 15.00 ? 10  LYS A CD    1 
ATOM   81   C CE    . LYS A 1 10  ? 13.295  -12.791 -3.490  1.00 15.00 ? 10  LYS A CE    1 
ATOM   82   N NZ    . LYS A 1 10  ? 12.728  -13.745 -4.502  1.00 15.00 ? 10  LYS A NZ    1 
ATOM   83   N N     . GLY A 1 11  ? 9.245   -12.409 0.744   1.00 15.00 ? 11  GLY A N     1 
ATOM   84   C CA    . GLY A 1 11  ? 9.045   -12.266 2.177   1.00 15.00 ? 11  GLY A CA    1 
ATOM   85   C C     . GLY A 1 11  ? 8.947   -10.819 2.625   1.00 15.00 ? 11  GLY A C     1 
ATOM   86   O O     . GLY A 1 11  ? 9.030   -10.529 3.820   1.00 15.00 ? 11  GLY A O     1 
ATOM   87   N N     . TYR A 1 12  ? 8.735   -9.913  1.673   1.00 15.00 ? 12  TYR A N     1 
ATOM   88   C CA    . TYR A 1 12  ? 8.623   -8.488  1.970   1.00 15.00 ? 12  TYR A CA    1 
ATOM   89   C C     . TYR A 1 12  ? 7.172   -8.086  2.216   1.00 15.00 ? 12  TYR A C     1 
ATOM   90   O O     . TYR A 1 12  ? 6.898   -6.960  2.608   1.00 15.00 ? 12  TYR A O     1 
ATOM   91   C CB    . TYR A 1 12  ? 9.135   -7.652  0.791   1.00 15.00 ? 12  TYR A CB    1 
ATOM   92   C CG    . TYR A 1 12  ? 10.641  -7.564  0.588   1.00 15.00 ? 12  TYR A CG    1 
ATOM   93   C CD1   . TYR A 1 12  ? 11.455  -8.698  0.625   1.00 15.00 ? 12  TYR A CD1   1 
ATOM   94   C CD2   . TYR A 1 12  ? 11.241  -6.344  0.299   1.00 15.00 ? 12  TYR A CD2   1 
ATOM   95   C CE1   . TYR A 1 12  ? 12.824  -8.613  0.376   1.00 15.00 ? 12  TYR A CE1   1 
ATOM   96   C CE2   . TYR A 1 12  ? 12.602  -6.252  0.047   1.00 15.00 ? 12  TYR A CE2   1 
ATOM   97   C CZ    . TYR A 1 12  ? 13.383  -7.387  0.084   1.00 15.00 ? 12  TYR A CZ    1 
ATOM   98   O OH    . TYR A 1 12  ? 14.723  -7.297  -0.222  1.00 15.00 ? 12  TYR A OH    1 
ATOM   99   N N     . VAL A 1 13  ? 6.238   -8.996  1.959   1.00 15.00 ? 13  VAL A N     1 
ATOM   100  C CA    . VAL A 1 13  ? 4.814   -8.697  2.112   1.00 15.00 ? 13  VAL A CA    1 
ATOM   101  C C     . VAL A 1 13  ? 4.161   -9.533  3.197   1.00 15.00 ? 13  VAL A C     1 
ATOM   102  O O     . VAL A 1 13  ? 4.345   -10.739 3.251   1.00 15.00 ? 13  VAL A O     1 
ATOM   103  C CB    . VAL A 1 13  ? 4.069   -8.936  0.773   1.00 15.00 ? 13  VAL A CB    1 
ATOM   104  C CG1   . VAL A 1 13  ? 2.627   -8.437  0.848   1.00 15.00 ? 13  VAL A CG1   1 
ATOM   105  C CG2   . VAL A 1 13  ? 4.802   -8.239  -0.355  1.00 15.00 ? 13  VAL A CG2   1 
ATOM   106  N N     . THR A 1 14  ? 3.417   -8.886  4.079   1.00 15.00 ? 14  THR A N     1 
ATOM   107  C CA    . THR A 1 14  ? 2.733   -9.595  5.153   1.00 15.00 ? 14  THR A CA    1 
ATOM   108  C C     . THR A 1 14  ? 1.356   -10.092 4.691   1.00 15.00 ? 14  THR A C     1 
ATOM   109  O O     . THR A 1 14  ? 0.891   -9.744  3.605   1.00 15.00 ? 14  THR A O     1 
ATOM   110  C CB    . THR A 1 14  ? 2.544   -8.688  6.366   1.00 15.00 ? 14  THR A CB    1 
ATOM   111  O OG1   . THR A 1 14  ? 1.792   -7.533  5.984   1.00 15.00 ? 14  THR A OG1   1 
ATOM   112  C CG2   . THR A 1 14  ? 3.878   -8.263  6.914   1.00 15.00 ? 14  THR A CG2   1 
ATOM   113  N N     . PRO A 1 15  ? 0.689   -10.915 5.508   1.00 15.00 ? 15  PRO A N     1 
ATOM   114  C CA    . PRO A 1 15  ? -0.632  -11.434 5.146   1.00 15.00 ? 15  PRO A CA    1 
ATOM   115  C C     . PRO A 1 15  ? -1.665  -10.331 4.874   1.00 15.00 ? 15  PRO A C     1 
ATOM   116  O O     . PRO A 1 15  ? -1.640  -9.278  5.517   1.00 15.00 ? 15  PRO A O     1 
ATOM   117  C CB    . PRO A 1 15  ? -1.014  -12.255 6.375   1.00 15.00 ? 15  PRO A CB    1 
ATOM   118  C CG    . PRO A 1 15  ? 0.314   -12.718 6.908   1.00 15.00 ? 15  PRO A CG    1 
ATOM   119  C CD    . PRO A 1 15  ? 1.135   -11.481 6.798   1.00 15.00 ? 15  PRO A CD    1 
ATOM   120  N N     . VAL A 1 16  ? -2.580  -10.591 3.938   1.00 15.00 ? 16  VAL A N     1 
ATOM   121  C CA    . VAL A 1 16  ? -3.625  -9.631  3.583   1.00 15.00 ? 16  VAL A CA    1 
ATOM   122  C C     . VAL A 1 16  ? -4.614  -9.440  4.716   1.00 15.00 ? 16  VAL A C     1 
ATOM   123  O O     . VAL A 1 16  ? -5.169  -10.403 5.253   1.00 15.00 ? 16  VAL A O     1 
ATOM   124  C CB    . VAL A 1 16  ? -4.396  -10.042 2.311   1.00 15.00 ? 16  VAL A CB    1 
ATOM   125  C CG1   . VAL A 1 16  ? -5.607  -9.143  2.112   1.00 15.00 ? 16  VAL A CG1   1 
ATOM   126  C CG2   . VAL A 1 16  ? -3.507  -9.935  1.104   1.00 15.00 ? 16  VAL A CG2   1 
ATOM   127  N N     . LYS A 1 17  ? -4.822  -8.179  5.072   1.00 15.00 ? 17  LYS A N     1 
ATOM   128  C CA    . LYS A 1 17  ? -5.735  -7.807  6.128   1.00 15.00 ? 17  LYS A CA    1 
ATOM   129  C C     . LYS A 1 17  ? -7.032  -7.270  5.525   1.00 15.00 ? 17  LYS A C     1 
ATOM   130  O O     . LYS A 1 17  ? -7.183  -7.208  4.302   1.00 15.00 ? 17  LYS A O     1 
ATOM   131  C CB    . LYS A 1 17  ? -5.070  -6.756  7.015   1.00 15.00 ? 17  LYS A CB    1 
ATOM   132  C CG    . LYS A 1 17  ? -3.719  -7.182  7.562   1.00 15.00 ? 17  LYS A CG    1 
ATOM   133  C CD    . LYS A 1 17  ? -3.839  -8.527  8.235   1.00 15.00 ? 17  LYS A CD    1 
ATOM   134  C CE    . LYS A 1 17  ? -2.507  -9.060  8.712   1.00 15.00 ? 17  LYS A CE    1 
ATOM   135  N NZ    . LYS A 1 17  ? -2.648  -10.478 9.197   1.00 15.00 ? 17  LYS A NZ    1 
ATOM   136  N N     . ASN A 1 18  ? -7.973  -6.895  6.387   1.00 15.00 ? 18  ASN A N     1 
ATOM   137  C CA    . ASN A 1 18  ? -9.267  -6.359  5.961   1.00 15.00 ? 18  ASN A CA    1 
ATOM   138  C C     . ASN A 1 18  ? -9.540  -5.079  6.746   1.00 15.00 ? 18  ASN A C     1 
ATOM   139  O O     . ASN A 1 18  ? -9.587  -5.109  7.980   1.00 15.00 ? 18  ASN A O     1 
ATOM   140  C CB    . ASN A 1 18  ? -10.367 -7.388  6.249   1.00 15.00 ? 18  ASN A CB    1 
ATOM   141  C CG    . ASN A 1 18  ? -11.750 -6.940  5.772   1.00 15.00 ? 18  ASN A CG    1 
ATOM   142  O OD1   . ASN A 1 18  ? -12.114 -5.771  5.867   1.00 15.00 ? 18  ASN A OD1   1 
ATOM   143  N ND2   . ASN A 1 18  ? -12.530 -7.882  5.267   1.00 15.00 ? 18  ASN A ND2   1 
ATOM   144  N N     . GLN A 1 19  ? -9.714  -3.964  6.042   1.00 15.00 ? 19  GLN A N     1 
ATOM   145  C CA    . GLN A 1 19  ? -9.985  -2.686  6.696   1.00 15.00 ? 19  GLN A CA    1 
ATOM   146  C C     . GLN A 1 19  ? -11.359 -2.607  7.384   1.00 15.00 ? 19  GLN A C     1 
ATOM   147  O O     . GLN A 1 19  ? -11.551 -1.798  8.293   1.00 15.00 ? 19  GLN A O     1 
ATOM   148  C CB    . GLN A 1 19  ? -9.776  -1.505  5.726   1.00 15.00 ? 19  GLN A CB    1 
ATOM   149  C CG    . GLN A 1 19  ? -10.553 -1.578  4.417   1.00 15.00 ? 19  GLN A CG    1 
ATOM   150  C CD    . GLN A 1 19  ? -10.333 -0.363  3.515   1.00 15.00 ? 19  GLN A CD    1 
ATOM   151  O OE1   . GLN A 1 19  ? -9.635  -0.441  2.505   1.00 15.00 ? 19  GLN A OE1   1 
ATOM   152  N NE2   . GLN A 1 19  ? -10.953 0.759   3.868   1.00 15.00 ? 19  GLN A NE2   1 
ATOM   153  N N     . GLY A 1 20  ? -12.314 -3.416  6.935   1.00 15.00 ? 20  GLY A N     1 
ATOM   154  C CA    . GLY A 1 20  ? -13.628 -3.434  7.554   1.00 15.00 ? 20  GLY A CA    1 
ATOM   155  C C     . GLY A 1 20  ? -14.578 -2.379  7.040   1.00 15.00 ? 20  GLY A C     1 
ATOM   156  O O     . GLY A 1 20  ? -14.783 -2.262  5.844   1.00 15.00 ? 20  GLY A O     1 
ATOM   157  N N     . GLN A 1 21  ? -15.214 -1.652  7.948   1.00 15.00 ? 21  GLN A N     1 
ATOM   158  C CA    . GLN A 1 21  ? -16.143 -0.601  7.560   1.00 15.00 ? 21  GLN A CA    1 
ATOM   159  C C     . GLN A 1 21  ? -15.466 0.761   7.678   1.00 15.00 ? 21  GLN A C     1 
ATOM   160  O O     . GLN A 1 21  ? -16.031 1.789   7.304   1.00 15.00 ? 21  GLN A O     1 
ATOM   161  C CB    . GLN A 1 21  ? -17.410 -0.644  8.430   1.00 15.00 ? 21  GLN A CB    1 
ATOM   162  C CG    . GLN A 1 21  ? -18.386 -1.799  8.130   1.00 15.00 ? 21  GLN A CG    1 
ATOM   163  C CD    . GLN A 1 21  ? -18.932 -1.772  6.700   1.00 15.00 ? 21  GLN A CD    1 
ATOM   164  O OE1   . GLN A 1 21  ? -19.596 -0.819  6.283   1.00 15.00 ? 21  GLN A OE1   1 
ATOM   165  N NE2   . GLN A 1 21  ? -18.657 -2.826  5.946   1.00 15.00 ? 21  GLN A NE2   1 
ATOM   166  N N     . CYS A 1 22  ? -14.257 0.765   8.226   1.00 15.00 ? 22  CYS A N     1 
ATOM   167  C CA    . CYS A 1 22  ? -13.469 1.980   8.397   1.00 15.00 ? 22  CYS A CA    1 
ATOM   168  C C     . CYS A 1 22  ? -12.708 2.259   7.087   1.00 15.00 ? 22  CYS A C     1 
ATOM   169  O O     . CYS A 1 22  ? -12.296 1.327   6.384   1.00 15.00 ? 22  CYS A O     1 
ATOM   170  C CB    . CYS A 1 22  ? -12.506 1.772   9.567   1.00 15.00 ? 22  CYS A CB    1 
ATOM   171  S SG    . CYS A 1 22  ? -11.199 3.011   9.811   1.00 15.00 ? 22  CYS A SG    1 
ATOM   172  N N     . GLY A 1 23  ? -12.583 3.534   6.725   1.00 15.00 ? 23  GLY A N     1 
ATOM   173  C CA    . GLY A 1 23  ? -11.892 3.901   5.499   1.00 15.00 ? 23  GLY A CA    1 
ATOM   174  C C     . GLY A 1 23  ? -10.427 4.190   5.746   1.00 15.00 ? 23  GLY A C     1 
ATOM   175  O O     . GLY A 1 23  ? -9.936  5.266   5.427   1.00 15.00 ? 23  GLY A O     1 
ATOM   176  N N     . SER A 1 24  ? -9.731  3.198   6.290   1.00 15.00 ? 24  SER A N     1 
ATOM   177  C CA    . SER A 1 24  ? -8.321  3.284   6.636   1.00 15.00 ? 24  SER A CA    1 
ATOM   178  C C     . SER A 1 24  ? -7.435  2.624   5.583   1.00 15.00 ? 24  SER A C     1 
ATOM   179  O O     . SER A 1 24  ? -6.346  2.125   5.891   1.00 15.00 ? 24  SER A O     1 
ATOM   180  C CB    . SER A 1 24  ? -8.111  2.581   7.970   1.00 15.00 ? 24  SER A CB    1 
ATOM   181  O OG    . SER A 1 24  ? -8.620  1.259   7.886   1.00 15.00 ? 24  SER A OG    1 
ATOM   182  N N     . CYS A 1 25  ? -7.892  2.637   4.337   1.00 15.00 ? 25  CYS A N     1 
ATOM   183  C CA    . CYS A 1 25  ? -7.138  2.042   3.256   1.00 15.00 ? 25  CYS A CA    1 
ATOM   184  C C     . CYS A 1 25  ? -5.765  2.721   3.087   1.00 15.00 ? 25  CYS A C     1 
ATOM   185  O O     . CYS A 1 25  ? -4.816  2.098   2.603   1.00 15.00 ? 25  CYS A O     1 
ATOM   186  C CB    . CYS A 1 25  ? -7.965  2.062   1.967   1.00 15.00 ? 25  CYS A CB    1 
ATOM   187  S SG    . CYS A 1 25  ? -8.318  3.691   1.318   1.00 15.00 ? 25  CYS A SG    1 
ATOM   188  N N     . TRP A 1 26  ? -5.642  3.973   3.529   1.00 15.00 ? 26  TRP A N     1 
ATOM   189  C CA    . TRP A 1 26  ? -4.369  4.691   3.449   1.00 15.00 ? 26  TRP A CA    1 
ATOM   190  C C     . TRP A 1 26  ? -3.382  4.177   4.505   1.00 15.00 ? 26  TRP A C     1 
ATOM   191  O O     . TRP A 1 26  ? -2.194  4.014   4.227   1.00 15.00 ? 26  TRP A O     1 
ATOM   192  C CB    . TRP A 1 26  ? -4.565  6.207   3.604   1.00 15.00 ? 26  TRP A CB    1 
ATOM   193  C CG    . TRP A 1 26  ? -5.181  6.622   4.897   1.00 15.00 ? 26  TRP A CG    1 
ATOM   194  C CD1   . TRP A 1 26  ? -6.508  6.685   5.175   1.00 15.00 ? 26  TRP A CD1   1 
ATOM   195  C CD2   . TRP A 1 26  ? -4.498  6.933   6.117   1.00 15.00 ? 26  TRP A CD2   1 
ATOM   196  N NE1   . TRP A 1 26  ? -6.699  6.991   6.497   1.00 15.00 ? 26  TRP A NE1   1 
ATOM   197  C CE2   . TRP A 1 26  ? -5.481  7.148   7.101   1.00 15.00 ? 26  TRP A CE2   1 
ATOM   198  C CE3   . TRP A 1 26  ? -3.150  7.042   6.478   1.00 15.00 ? 26  TRP A CE3   1 
ATOM   199  C CZ2   . TRP A 1 26  ? -5.162  7.464   8.424   1.00 15.00 ? 26  TRP A CZ2   1 
ATOM   200  C CZ3   . TRP A 1 26  ? -2.829  7.360   7.797   1.00 15.00 ? 26  TRP A CZ3   1 
ATOM   201  C CH2   . TRP A 1 26  ? -3.834  7.564   8.754   1.00 15.00 ? 26  TRP A CH2   1 
ATOM   202  N N     . ALA A 1 27  ? -3.887  3.880   5.701   1.00 15.00 ? 27  ALA A N     1 
ATOM   203  C CA    . ALA A 1 27  ? -3.058  3.389   6.800   1.00 15.00 ? 27  ALA A CA    1 
ATOM   204  C C     . ALA A 1 27  ? -2.489  2.008   6.520   1.00 15.00 ? 27  ALA A C     1 
ATOM   205  O O     . ALA A 1 27  ? -1.343  1.722   6.853   1.00 15.00 ? 27  ALA A O     1 
ATOM   206  C CB    . ALA A 1 27  ? -3.840  3.385   8.096   1.00 15.00 ? 27  ALA A CB    1 
ATOM   207  N N     . PHE A 1 28  ? -3.288  1.150   5.903   1.00 15.00 ? 28  PHE A N     1 
ATOM   208  C CA    . PHE A 1 28  ? -2.832  -0.188  5.559   1.00 15.00 ? 28  PHE A CA    1 
ATOM   209  C C     . PHE A 1 28  ? -1.767  -0.133  4.449   1.00 15.00 ? 28  PHE A C     1 
ATOM   210  O O     . PHE A 1 28  ? -0.752  -0.831  4.504   1.00 15.00 ? 28  PHE A O     1 
ATOM   211  C CB    . PHE A 1 28  ? -4.019  -1.067  5.142   1.00 15.00 ? 28  PHE A CB    1 
ATOM   212  C CG    . PHE A 1 28  ? -4.842  -1.563  6.298   1.00 15.00 ? 28  PHE A CG    1 
ATOM   213  C CD1   . PHE A 1 28  ? -4.509  -2.748  6.946   1.00 15.00 ? 28  PHE A CD1   1 
ATOM   214  C CD2   . PHE A 1 28  ? -5.922  -0.828  6.769   1.00 15.00 ? 28  PHE A CD2   1 
ATOM   215  C CE1   . PHE A 1 28  ? -5.234  -3.181  8.045   1.00 15.00 ? 28  PHE A CE1   1 
ATOM   216  C CE2   . PHE A 1 28  ? -6.649  -1.255  7.865   1.00 15.00 ? 28  PHE A CE2   1 
ATOM   217  C CZ    . PHE A 1 28  ? -6.305  -2.431  8.506   1.00 15.00 ? 28  PHE A CZ    1 
ATOM   218  N N     . SER A 1 29  ? -1.991  0.707   3.451   1.00 15.00 ? 29  SER A N     1 
ATOM   219  C CA    . SER A 1 29  ? -1.047  0.838   2.357   1.00 15.00 ? 29  SER A CA    1 
ATOM   220  C C     . SER A 1 29  ? 0.310   1.345   2.813   1.00 15.00 ? 29  SER A C     1 
ATOM   221  O O     . SER A 1 29  ? 1.331   0.904   2.302   1.00 15.00 ? 29  SER A O     1 
ATOM   222  C CB    . SER A 1 29  ? -1.589  1.780   1.294   1.00 15.00 ? 29  SER A CB    1 
ATOM   223  O OG    . SER A 1 29  ? -0.563  2.113   0.371   1.00 15.00 ? 29  SER A OG    1 
ATOM   224  N N     . SER A 1 30  ? 0.307   2.295   3.745   1.00 15.00 ? 30  SER A N     1 
ATOM   225  C CA    . SER A 1 30  ? 1.529   2.888   4.279   1.00 15.00 ? 30  SER A CA    1 
ATOM   226  C C     . SER A 1 30  ? 2.303   1.848   5.071   1.00 15.00 ? 30  SER A C     1 
ATOM   227  O O     . SER A 1 30  ? 3.529   1.714   4.954   1.00 15.00 ? 30  SER A O     1 
ATOM   228  C CB    . SER A 1 30  ? 1.177   4.051   5.196   1.00 15.00 ? 30  SER A CB    1 
ATOM   229  O OG    . SER A 1 30  ? 0.363   4.984   4.520   1.00 15.00 ? 30  SER A OG    1 
ATOM   230  N N     . VAL A 1 31  ? 1.564   1.133   5.909   1.00 15.00 ? 31  VAL A N     1 
ATOM   231  C CA    . VAL A 1 31  ? 2.116   0.080   6.740   1.00 15.00 ? 31  VAL A CA    1 
ATOM   232  C C     . VAL A 1 31  ? 2.769   -0.941  5.818   1.00 15.00 ? 31  VAL A C     1 
ATOM   233  O O     . VAL A 1 31  ? 3.867   -1.425  6.095   1.00 15.00 ? 31  VAL A O     1 
ATOM   234  C CB    . VAL A 1 31  ? 0.986   -0.533  7.601   1.00 15.00 ? 31  VAL A CB    1 
ATOM   235  C CG1   . VAL A 1 31  ? 1.100   -2.030  7.688   1.00 15.00 ? 31  VAL A CG1   1 
ATOM   236  C CG2   . VAL A 1 31  ? 1.014   0.093   8.986   1.00 15.00 ? 31  VAL A CG2   1 
ATOM   237  N N     . GLY A 1 32  ? 2.116   -1.214  4.691   1.00 15.00 ? 32  GLY A N     1 
ATOM   238  C CA    . GLY A 1 32  ? 2.654   -2.157  3.728   1.00 15.00 ? 32  GLY A CA    1 
ATOM   239  C C     . GLY A 1 32  ? 4.013   -1.704  3.228   1.00 15.00 ? 32  GLY A C     1 
ATOM   240  O O     . GLY A 1 32  ? 4.946   -2.500  3.111   1.00 15.00 ? 32  GLY A O     1 
ATOM   241  N N     . ALA A 1 33  ? 4.114   -0.421  2.909   1.00 15.00 ? 33  ALA A N     1 
ATOM   242  C CA    . ALA A 1 33  ? 5.364   0.153   2.443   1.00 15.00 ? 33  ALA A CA    1 
ATOM   243  C C     . ALA A 1 33  ? 6.404   -0.010  3.550   1.00 15.00 ? 33  ALA A C     1 
ATOM   244  O O     . ALA A 1 33  ? 7.429   -0.661  3.350   1.00 15.00 ? 33  ALA A O     1 
ATOM   245  C CB    . ALA A 1 33  ? 5.173   1.618   2.096   1.00 15.00 ? 33  ALA A CB    1 
ATOM   246  N N     . LEU A 1 34  ? 6.106   0.515   4.735   1.00 15.00 ? 34  LEU A N     1 
ATOM   247  C CA    . LEU A 1 34  ? 7.025   0.415   5.869   1.00 15.00 ? 34  LEU A CA    1 
ATOM   248  C C     . LEU A 1 34  ? 7.520   -1.015  6.094   1.00 15.00 ? 34  LEU A C     1 
ATOM   249  O O     . LEU A 1 34  ? 8.727   -1.252  6.220   1.00 15.00 ? 34  LEU A O     1 
ATOM   250  C CB    . LEU A 1 34  ? 6.363   0.932   7.147   1.00 15.00 ? 34  LEU A CB    1 
ATOM   251  C CG    . LEU A 1 34  ? 6.043   2.426   7.237   1.00 15.00 ? 34  LEU A CG    1 
ATOM   252  C CD1   . LEU A 1 34  ? 5.221   2.699   8.486   1.00 15.00 ? 34  LEU A CD1   1 
ATOM   253  C CD2   . LEU A 1 34  ? 7.323   3.236   7.255   1.00 15.00 ? 34  LEU A CD2   1 
ATOM   254  N N     . GLU A 1 35  ? 6.588   -1.966  6.094   1.00 15.00 ? 35  GLU A N     1 
ATOM   255  C CA    . GLU A 1 35  ? 6.902   -3.376  6.305   1.00 15.00 ? 35  GLU A CA    1 
ATOM   256  C C     . GLU A 1 35  ? 7.877   -3.916  5.273   1.00 15.00 ? 35  GLU A C     1 
ATOM   257  O O     . GLU A 1 35  ? 8.798   -4.664  5.620   1.00 15.00 ? 35  GLU A O     1 
ATOM   258  C CB    . GLU A 1 35  ? 5.627   -4.216  6.281   1.00 15.00 ? 35  GLU A CB    1 
ATOM   259  C CG    . GLU A 1 35  ? 4.638   -3.879  7.381   1.00 15.00 ? 35  GLU A CG    1 
ATOM   260  C CD    . GLU A 1 35  ? 3.361   -4.684  7.296   1.00 15.00 ? 35  GLU A CD    1 
ATOM   261  O OE1   . GLU A 1 35  ? 3.055   -5.231  6.220   1.00 15.00 ? 35  GLU A OE1   1 
ATOM   262  O OE2   . GLU A 1 35  ? 2.656   -4.765  8.315   1.00 15.00 ? 35  GLU A OE2   1 
ATOM   263  N N     . GLY A 1 36  ? 7.655   -3.555  4.010   1.00 15.00 ? 36  GLY A N     1 
ATOM   264  C CA    . GLY A 1 36  ? 8.523   -4.002  2.935   1.00 15.00 ? 36  GLY A CA    1 
ATOM   265  C C     . GLY A 1 36  ? 9.952   -3.533  3.136   1.00 15.00 ? 36  GLY A C     1 
ATOM   266  O O     . GLY A 1 36  ? 10.900  -4.254  2.840   1.00 15.00 ? 36  GLY A O     1 
ATOM   267  N N     . GLN A 1 37  ? 10.107  -2.333  3.678   1.00 15.00 ? 37  GLN A N     1 
ATOM   268  C CA    . GLN A 1 37  ? 11.423  -1.767  3.933   1.00 15.00 ? 37  GLN A CA    1 
ATOM   269  C C     . GLN A 1 37  ? 12.075  -2.401  5.152   1.00 15.00 ? 37  GLN A C     1 
ATOM   270  O O     . GLN A 1 37  ? 13.282  -2.675  5.162   1.00 15.00 ? 37  GLN A O     1 
ATOM   271  C CB    . GLN A 1 37  ? 11.319  -0.257  4.109   1.00 15.00 ? 37  GLN A CB    1 
ATOM   272  C CG    . GLN A 1 37  ? 11.088  0.473   2.807   1.00 15.00 ? 37  GLN A CG    1 
ATOM   273  C CD    . GLN A 1 37  ? 12.163  0.158   1.789   1.00 15.00 ? 37  GLN A CD    1 
ATOM   274  O OE1   . GLN A 1 37  ? 13.348  0.406   2.019   1.00 15.00 ? 37  GLN A OE1   1 
ATOM   275  N NE2   . GLN A 1 37  ? 11.762  -0.417  0.674   1.00 15.00 ? 37  GLN A NE2   1 
ATOM   276  N N     . LEU A 1 38  ? 11.261  -2.667  6.167   1.00 15.00 ? 38  LEU A N     1 
ATOM   277  C CA    . LEU A 1 38  ? 11.736  -3.282  7.401   1.00 15.00 ? 38  LEU A CA    1 
ATOM   278  C C     . LEU A 1 38  ? 12.374  -4.641  7.117   1.00 15.00 ? 38  LEU A C     1 
ATOM   279  O O     . LEU A 1 38  ? 13.246  -5.088  7.853   1.00 15.00 ? 38  LEU A O     1 
ATOM   280  C CB    . LEU A 1 38  ? 10.582  -3.441  8.397   1.00 15.00 ? 38  LEU A CB    1 
ATOM   281  C CG    . LEU A 1 38  ? 10.988  -3.925  9.787   1.00 15.00 ? 38  LEU A CG    1 
ATOM   282  C CD1   . LEU A 1 38  ? 11.873  -2.881  10.449  1.00 15.00 ? 38  LEU A CD1   1 
ATOM   283  C CD2   . LEU A 1 38  ? 9.755   -4.177  10.627  1.00 15.00 ? 38  LEU A CD2   1 
ATOM   284  N N     . LYS A 1 39  ? 11.915  -5.317  6.072   1.00 15.00 ? 39  LYS A N     1 
ATOM   285  C CA    . LYS A 1 39  ? 12.489  -6.605  5.711   1.00 15.00 ? 39  LYS A CA    1 
ATOM   286  C C     . LYS A 1 39  ? 13.810  -6.325  5.009   1.00 15.00 ? 39  LYS A C     1 
ATOM   287  O O     . LYS A 1 39  ? 14.836  -6.912  5.344   1.00 15.00 ? 39  LYS A O     1 
ATOM   288  C CB    . LYS A 1 39  ? 11.545  -7.365  4.779   1.00 15.00 ? 39  LYS A CB    1 
ATOM   289  C CG    . LYS A 1 39  ? 12.097  -8.666  4.216   1.00 15.00 ? 39  LYS A CG    1 
ATOM   290  C CD    . LYS A 1 39  ? 12.280  -9.743  5.271   1.00 15.00 ? 39  LYS A CD    1 
ATOM   291  C CE    . LYS A 1 39  ? 13.013  -10.935 4.667   1.00 15.00 ? 39  LYS A CE    1 
ATOM   292  N NZ    . LYS A 1 39  ? 13.471  -11.909 5.685   1.00 15.00 ? 39  LYS A NZ    1 
ATOM   293  N N     . LYS A 1 40  ? 13.774  -5.365  4.088   1.00 15.00 ? 40  LYS A N     1 
ATOM   294  C CA    . LYS A 1 40  ? 14.926  -4.949  3.293   1.00 15.00 ? 40  LYS A CA    1 
ATOM   295  C C     . LYS A 1 40  ? 16.149  -4.670  4.145   1.00 15.00 ? 40  LYS A C     1 
ATOM   296  O O     . LYS A 1 40  ? 17.251  -5.089  3.799   1.00 15.00 ? 40  LYS A O     1 
ATOM   297  C CB    . LYS A 1 40  ? 14.569  -3.686  2.511   1.00 15.00 ? 40  LYS A CB    1 
ATOM   298  C CG    . LYS A 1 40  ? 15.540  -3.280  1.430   1.00 15.00 ? 40  LYS A CG    1 
ATOM   299  C CD    . LYS A 1 40  ? 15.399  -4.169  0.225   1.00 15.00 ? 40  LYS A CD    1 
ATOM   300  C CE    . LYS A 1 40  ? 16.355  -3.756  -0.872  1.00 15.00 ? 40  LYS A CE    1 
ATOM   301  N NZ    . LYS A 1 40  ? 16.031  -2.421  -1.440  1.00 15.00 ? 40  LYS A NZ    1 
ATOM   302  N N     . LYS A 1 41  ? 15.950  -3.975  5.262   1.00 15.00 ? 41  LYS A N     1 
ATOM   303  C CA    . LYS A 1 41  ? 17.054  -3.612  6.150   1.00 15.00 ? 41  LYS A CA    1 
ATOM   304  C C     . LYS A 1 41  ? 17.332  -4.602  7.276   1.00 15.00 ? 41  LYS A C     1 
ATOM   305  O O     . LYS A 1 41  ? 18.460  -5.078  7.440   1.00 15.00 ? 41  LYS A O     1 
ATOM   306  C CB    . LYS A 1 41  ? 16.811  -2.224  6.759   1.00 15.00 ? 41  LYS A CB    1 
ATOM   307  C CG    . LYS A 1 41  ? 16.295  -1.154  5.782   1.00 15.00 ? 41  LYS A CG    1 
ATOM   308  C CD    . LYS A 1 41  ? 17.153  -1.037  4.519   1.00 15.00 ? 41  LYS A CD    1 
ATOM   309  C CE    . LYS A 1 41  ? 16.558  -0.033  3.525   1.00 15.00 ? 41  LYS A CE    1 
ATOM   310  N NZ    . LYS A 1 41  ? 17.232  -0.088  2.189   1.00 15.00 ? 41  LYS A NZ    1 
ATOM   311  N N     . THR A 1 42  ? 16.302  -4.890  8.064   1.00 15.00 ? 42  THR A N     1 
ATOM   312  C CA    . THR A 1 42  ? 16.386  -5.791  9.208   1.00 15.00 ? 42  THR A CA    1 
ATOM   313  C C     . THR A 1 42  ? 16.540  -7.291  8.917   1.00 15.00 ? 42  THR A C     1 
ATOM   314  O O     . THR A 1 42  ? 17.066  -8.034  9.750   1.00 15.00 ? 42  THR A O     1 
ATOM   315  C CB    . THR A 1 42  ? 15.147  -5.584  10.082  1.00 15.00 ? 42  THR A CB    1 
ATOM   316  O OG1   . THR A 1 42  ? 15.023  -4.191  10.376  1.00 15.00 ? 42  THR A OG1   1 
ATOM   317  C CG2   . THR A 1 42  ? 15.248  -6.352  11.381  1.00 15.00 ? 42  THR A CG2   1 
ATOM   318  N N     . GLY A 1 43  ? 16.084  -7.733  7.748   1.00 15.00 ? 43  GLY A N     1 
ATOM   319  C CA    . GLY A 1 43  ? 16.145  -9.146  7.408   1.00 15.00 ? 43  GLY A CA    1 
ATOM   320  C C     . GLY A 1 43  ? 15.006  -9.930  8.062   1.00 15.00 ? 43  GLY A C     1 
ATOM   321  O O     . GLY A 1 43  ? 14.901  -11.144 7.901   1.00 15.00 ? 43  GLY A O     1 
ATOM   322  N N     . LYS A 1 44  ? 14.157  -9.239  8.817   1.00 15.00 ? 44  LYS A N     1 
ATOM   323  C CA    . LYS A 1 44  ? 13.019  -9.847  9.503   1.00 15.00 ? 44  LYS A CA    1 
ATOM   324  C C     . LYS A 1 44  ? 11.790  -8.992  9.214   1.00 15.00 ? 44  LYS A C     1 
ATOM   325  O O     . LYS A 1 44  ? 11.876  -7.763  9.191   1.00 15.00 ? 44  LYS A O     1 
ATOM   326  C CB    . LYS A 1 44  ? 13.256  -9.898  11.017  1.00 15.00 ? 44  LYS A CB    1 
ATOM   327  C CG    . LYS A 1 44  ? 14.239  -10.961 11.463  1.00 15.00 ? 44  LYS A CG    1 
ATOM   328  C CD    . LYS A 1 44  ? 14.520  -10.911 12.969  1.00 15.00 ? 44  LYS A CD    1 
ATOM   329  C CE    . LYS A 1 44  ? 15.403  -9.747  13.329  1.00 15.00 ? 44  LYS A CE    1 
ATOM   330  N NZ    . LYS A 1 44  ? 16.668  -9.758  12.533  1.00 15.00 ? 44  LYS A NZ    1 
ATOM   331  N N     . LEU A 1 45  ? 10.653  -9.641  8.987   1.00 15.00 ? 45  LEU A N     1 
ATOM   332  C CA    . LEU A 1 45  ? 9.408   -8.943  8.683   1.00 15.00 ? 45  LEU A CA    1 
ATOM   333  C C     . LEU A 1 45  ? 8.509   -8.928  9.911   1.00 15.00 ? 45  LEU A C     1 
ATOM   334  O O     . LEU A 1 45  ? 8.586   -9.831  10.744  1.00 15.00 ? 45  LEU A O     1 
ATOM   335  C CB    . LEU A 1 45  ? 8.703   -9.665  7.536   1.00 15.00 ? 45  LEU A CB    1 
ATOM   336  C CG    . LEU A 1 45  ? 7.491   -9.023  6.881   1.00 15.00 ? 45  LEU A CG    1 
ATOM   337  C CD1   . LEU A 1 45  ? 7.886   -7.794  6.104   1.00 15.00 ? 45  LEU A CD1   1 
ATOM   338  C CD2   . LEU A 1 45  ? 6.888   -10.034 5.964   1.00 15.00 ? 45  LEU A CD2   1 
ATOM   339  N N     . LEU A 1 46  ? 7.653   -7.915  10.022  1.00 15.00 ? 46  LEU A N     1 
ATOM   340  C CA    . LEU A 1 46  ? 6.736   -7.819  11.154  1.00 15.00 ? 46  LEU A CA    1 
ATOM   341  C C     . LEU A 1 46  ? 5.497   -7.005  10.779  1.00 15.00 ? 46  LEU A C     1 
ATOM   342  O O     . LEU A 1 46  ? 5.584   -6.065  9.995   1.00 15.00 ? 46  LEU A O     1 
ATOM   343  C CB    . LEU A 1 46  ? 7.444   -7.184  12.347  1.00 15.00 ? 46  LEU A CB    1 
ATOM   344  C CG    . LEU A 1 46  ? 6.776   -7.424  13.694  1.00 15.00 ? 46  LEU A CG    1 
ATOM   345  C CD1   . LEU A 1 46  ? 6.701   -8.909  13.957  1.00 15.00 ? 46  LEU A CD1   1 
ATOM   346  C CD2   . LEU A 1 46  ? 7.542   -6.733  14.792  1.00 15.00 ? 46  LEU A CD2   1 
ATOM   347  N N     . ASN A 1 47  ? 4.345   -7.375  11.330  1.00 15.00 ? 47  ASN A N     1 
ATOM   348  C CA    . ASN A 1 47  ? 3.086   -6.679  11.048  1.00 15.00 ? 47  ASN A CA    1 
ATOM   349  C C     . ASN A 1 47  ? 3.041   -5.369  11.802  1.00 15.00 ? 47  ASN A C     1 
ATOM   350  O O     . ASN A 1 47  ? 3.048   -5.364  13.029  1.00 15.00 ? 47  ASN A O     1 
ATOM   351  C CB    . ASN A 1 47  ? 1.876   -7.517  11.483  1.00 15.00 ? 47  ASN A CB    1 
ATOM   352  C CG    . ASN A 1 47  ? 1.795   -8.840  10.772  1.00 15.00 ? 47  ASN A CG    1 
ATOM   353  O OD1   . ASN A 1 47  ? 2.231   -9.869  11.302  1.00 15.00 ? 47  ASN A OD1   1 
ATOM   354  N ND2   . ASN A 1 47  ? 1.255   -8.832  9.561   1.00 15.00 ? 47  ASN A ND2   1 
ATOM   355  N N     . LEU A 1 48  ? 2.989   -4.259  11.077  1.00 15.00 ? 48  LEU A N     1 
ATOM   356  C CA    . LEU A 1 48  ? 2.942   -2.953  11.708  1.00 15.00 ? 48  LEU A CA    1 
ATOM   357  C C     . LEU A 1 48  ? 1.517   -2.547  11.980  1.00 15.00 ? 48  LEU A C     1 
ATOM   358  O O     . LEU A 1 48  ? 0.593   -3.081  11.376  1.00 15.00 ? 48  LEU A O     1 
ATOM   359  C CB    . LEU A 1 48  ? 3.652   -1.920  10.847  1.00 15.00 ? 48  LEU A CB    1 
ATOM   360  C CG    . LEU A 1 48  ? 5.137   -2.225  10.640  1.00 15.00 ? 48  LEU A CG    1 
ATOM   361  C CD1   . LEU A 1 48  ? 5.835   -0.973  10.147  1.00 15.00 ? 48  LEU A CD1   1 
ATOM   362  C CD2   . LEU A 1 48  ? 5.766   -2.713  11.949  1.00 15.00 ? 48  LEU A CD2   1 
ATOM   363  N N     . SER A 1 49  ? 1.334   -1.604  12.890  1.00 15.00 ? 49  SER A N     1 
ATOM   364  C CA    . SER A 1 49  ? 0.004   -1.166  13.261  1.00 15.00 ? 49  SER A CA    1 
ATOM   365  C C     . SER A 1 49  ? -0.620  -0.088  12.385  1.00 15.00 ? 49  SER A C     1 
ATOM   366  O O     . SER A 1 49  ? -0.097  1.026   12.292  1.00 15.00 ? 49  SER A O     1 
ATOM   367  C CB    . SER A 1 49  ? 0.008   -0.696  14.710  1.00 15.00 ? 49  SER A CB    1 
ATOM   368  O OG    . SER A 1 49  ? -1.295  -0.331  15.128  1.00 15.00 ? 49  SER A OG    1 
ATOM   369  N N     . PRO A 1 50  ? -1.745  -0.412  11.711  1.00 15.00 ? 50  PRO A N     1 
ATOM   370  C CA    . PRO A 1 50  ? -2.471  0.522   10.843  1.00 15.00 ? 50  PRO A CA    1 
ATOM   371  C C     . PRO A 1 50  ? -3.346  1.399   11.730  1.00 15.00 ? 50  PRO A C     1 
ATOM   372  O O     . PRO A 1 50  ? -3.651  2.535   11.392  1.00 15.00 ? 50  PRO A O     1 
ATOM   373  C CB    . PRO A 1 50  ? -3.342  -0.396  9.998   1.00 15.00 ? 50  PRO A CB    1 
ATOM   374  C CG    . PRO A 1 50  ? -2.630  -1.719  10.049  1.00 15.00 ? 50  PRO A CG    1 
ATOM   375  C CD    . PRO A 1 50  ? -2.215  -1.786  11.481  1.00 15.00 ? 50  PRO A CD    1 
ATOM   376  N N     . GLN A 1 51  ? -3.775  0.845   12.859  1.00 15.00 ? 51  GLN A N     1 
ATOM   377  C CA    . GLN A 1 51  ? -4.597  1.566   13.820  1.00 15.00 ? 51  GLN A CA    1 
ATOM   378  C C     . GLN A 1 51  ? -3.767  2.711   14.361  1.00 15.00 ? 51  GLN A C     1 
ATOM   379  O O     . GLN A 1 51  ? -4.239  3.834   14.456  1.00 15.00 ? 51  GLN A O     1 
ATOM   380  C CB    . GLN A 1 51  ? -5.006  0.641   14.972  1.00 15.00 ? 51  GLN A CB    1 
ATOM   381  C CG    . GLN A 1 51  ? -5.962  1.247   15.996  1.00 15.00 ? 51  GLN A CG    1 
ATOM   382  C CD    . GLN A 1 51  ? -7.373  1.423   15.464  1.00 15.00 ? 51  GLN A CD    1 
ATOM   383  O OE1   . GLN A 1 51  ? -7.899  0.564   14.754  1.00 15.00 ? 51  GLN A OE1   1 
ATOM   384  N NE2   . GLN A 1 51  ? -8.002  2.526   15.827  1.00 15.00 ? 51  GLN A NE2   1 
ATOM   385  N N     . ASN A 1 52  ? -2.517  2.430   14.704  1.00 15.00 ? 52  ASN A N     1 
ATOM   386  C CA    . ASN A 1 52  ? -1.626  3.453   15.232  1.00 15.00 ? 52  ASN A CA    1 
ATOM   387  C C     . ASN A 1 52  ? -1.676  4.669   14.321  1.00 15.00 ? 52  ASN A C     1 
ATOM   388  O O     . ASN A 1 52  ? -1.811  5.805   14.785  1.00 15.00 ? 52  ASN A O     1 
ATOM   389  C CB    . ASN A 1 52  ? -0.199  2.907   15.330  1.00 15.00 ? 52  ASN A CB    1 
ATOM   390  C CG    . ASN A 1 52  ? 0.802   3.920   15.893  1.00 15.00 ? 52  ASN A CG    1 
ATOM   391  O OD1   . ASN A 1 52  ? 1.985   3.623   15.984  1.00 15.00 ? 52  ASN A OD1   1 
ATOM   392  N ND2   . ASN A 1 52  ? 0.329   5.092   16.304  1.00 15.00 ? 52  ASN A ND2   1 
ATOM   393  N N     . LEU A 1 53  ? -1.607  4.428   13.019  1.00 15.00 ? 53  LEU A N     1 
ATOM   394  C CA    . LEU A 1 53  ? -1.655  5.522   12.077  1.00 15.00 ? 53  LEU A CA    1 
ATOM   395  C C     . LEU A 1 53  ? -3.011  6.211   12.155  1.00 15.00 ? 53  LEU A C     1 
ATOM   396  O O     . LEU A 1 53  ? -3.082  7.414   12.397  1.00 15.00 ? 53  LEU A O     1 
ATOM   397  C CB    . LEU A 1 53  ? -1.354  5.034   10.664  1.00 15.00 ? 53  LEU A CB    1 
ATOM   398  C CG    . LEU A 1 53  ? 0.079   4.557   10.442  1.00 15.00 ? 53  LEU A CG    1 
ATOM   399  C CD1   . LEU A 1 53  ? 0.343   4.477   8.966   1.00 15.00 ? 53  LEU A CD1   1 
ATOM   400  C CD2   . LEU A 1 53  ? 1.050   5.521   11.069  1.00 15.00 ? 53  LEU A CD2   1 
ATOM   401  N N     . VAL A 1 54  ? -4.078  5.426   12.024  1.00 15.00 ? 54  VAL A N     1 
ATOM   402  C CA    . VAL A 1 54  ? -5.456  5.917   12.092  1.00 15.00 ? 54  VAL A CA    1 
ATOM   403  C C     . VAL A 1 54  ? -5.708  6.862   13.272  1.00 15.00 ? 54  VAL A C     1 
ATOM   404  O O     . VAL A 1 54  ? -6.286  7.927   13.107  1.00 15.00 ? 54  VAL A O     1 
ATOM   405  C CB    . VAL A 1 54  ? -6.458  4.723   12.192  1.00 15.00 ? 54  VAL A CB    1 
ATOM   406  C CG1   . VAL A 1 54  ? -7.797  5.177   12.726  1.00 15.00 ? 54  VAL A CG1   1 
ATOM   407  C CG2   . VAL A 1 54  ? -6.635  4.068   10.837  1.00 15.00 ? 54  VAL A CG2   1 
ATOM   408  N N     . ASP A 1 55  ? -5.251  6.475   14.454  1.00 15.00 ? 55  ASP A N     1 
ATOM   409  C CA    . ASP A 1 55  ? -5.460  7.270   15.659  1.00 15.00 ? 55  ASP A CA    1 
ATOM   410  C C     . ASP A 1 55  ? -4.503  8.432   15.894  1.00 15.00 ? 55  ASP A C     1 
ATOM   411  O O     . ASP A 1 55  ? -4.860  9.377   16.589  1.00 15.00 ? 55  ASP A O     1 
ATOM   412  C CB    . ASP A 1 55  ? -5.414  6.370   16.895  1.00 15.00 ? 55  ASP A CB    1 
ATOM   413  C CG    . ASP A 1 55  ? -6.417  5.242   16.847  1.00 15.00 ? 55  ASP A CG    1 
ATOM   414  O OD1   . ASP A 1 55  ? -7.446  5.381   16.154  1.00 15.00 ? 55  ASP A OD1   1 
ATOM   415  O OD2   . ASP A 1 55  ? -6.183  4.215   17.517  1.00 15.00 ? 55  ASP A OD2   1 
ATOM   416  N N     . CYS A 1 56  ? -3.290  8.371   15.355  1.00 15.00 ? 56  CYS A N     1 
ATOM   417  C CA    . CYS A 1 56  ? -2.324  9.439   15.614  1.00 15.00 ? 56  CYS A CA    1 
ATOM   418  C C     . CYS A 1 56  ? -2.004  10.453  14.521  1.00 15.00 ? 56  CYS A C     1 
ATOM   419  O O     . CYS A 1 56  ? -1.534  11.550  14.829  1.00 15.00 ? 56  CYS A O     1 
ATOM   420  C CB    . CYS A 1 56  ? -1.023  8.839   16.133  1.00 15.00 ? 56  CYS A CB    1 
ATOM   421  S SG    . CYS A 1 56  ? -1.244  7.468   17.314  1.00 15.00 ? 56  CYS A SG    1 
ATOM   422  N N     . VAL A 1 57  ? -2.254  10.117  13.262  1.00 15.00 ? 57  VAL A N     1 
ATOM   423  C CA    . VAL A 1 57  ? -1.942  11.046  12.181  1.00 15.00 ? 57  VAL A CA    1 
ATOM   424  C C     . VAL A 1 57  ? -2.976  12.170  12.063  1.00 15.00 ? 57  VAL A C     1 
ATOM   425  O O     . VAL A 1 57  ? -3.781  12.188  11.143  1.00 15.00 ? 57  VAL A O     1 
ATOM   426  C CB    . VAL A 1 57  ? -1.770  10.312  10.824  1.00 15.00 ? 57  VAL A CB    1 
ATOM   427  C CG1   . VAL A 1 57  ? -1.237  11.267  9.771   1.00 15.00 ? 57  VAL A CG1   1 
ATOM   428  C CG2   . VAL A 1 57  ? -0.829  9.131   10.977  1.00 15.00 ? 57  VAL A CG2   1 
ATOM   429  N N     . SER A 1 58  ? -2.908  13.137  12.970  1.00 15.00 ? 58  SER A N     1 
ATOM   430  C CA    . SER A 1 58  ? -3.831  14.270  12.988  1.00 15.00 ? 58  SER A CA    1 
ATOM   431  C C     . SER A 1 58  ? -4.062  14.953  11.656  1.00 15.00 ? 58  SER A C     1 
ATOM   432  O O     . SER A 1 58  ? -5.073  15.607  11.474  1.00 15.00 ? 58  SER A O     1 
ATOM   433  C CB    . SER A 1 58  ? -3.365  15.322  13.997  1.00 15.00 ? 58  SER A CB    1 
ATOM   434  O OG    . SER A 1 58  ? -3.282  14.782  15.311  1.00 15.00 ? 58  SER A OG    1 
ATOM   435  N N     . GLU A 1 59  ? -3.132  14.813  10.723  1.00 15.00 ? 59  GLU A N     1 
ATOM   436  C CA    . GLU A 1 59  ? -3.277  15.467  9.425   1.00 15.00 ? 59  GLU A CA    1 
ATOM   437  C C     . GLU A 1 59  ? -4.248  14.735  8.511   1.00 15.00 ? 59  GLU A C     1 
ATOM   438  O O     . GLU A 1 59  ? -4.611  15.229  7.442   1.00 15.00 ? 59  GLU A O     1 
ATOM   439  C CB    . GLU A 1 59  ? -1.917  15.607  8.737   1.00 15.00 ? 59  GLU A CB    1 
ATOM   440  C CG    . GLU A 1 59  ? -0.914  16.471  9.487   1.00 15.00 ? 59  GLU A CG    1 
ATOM   441  C CD    . GLU A 1 59  ? -0.335  15.780  10.698  1.00 15.00 ? 59  GLU A CD    1 
ATOM   442  O OE1   . GLU A 1 59  ? -0.094  14.552  10.631  1.00 15.00 ? 59  GLU A OE1   1 
ATOM   443  O OE2   . GLU A 1 59  ? -0.116  16.469  11.717  1.00 15.00 ? 59  GLU A OE2   1 
ATOM   444  N N     . ASN A 1 60  ? -4.631  13.537  8.923   1.00 15.00 ? 60  ASN A N     1 
ATOM   445  C CA    . ASN A 1 60  ? -5.565  12.714  8.175   1.00 15.00 ? 60  ASN A CA    1 
ATOM   446  C C     . ASN A 1 60  ? -6.873  12.653  8.938   1.00 15.00 ? 60  ASN A C     1 
ATOM   447  O O     . ASN A 1 60  ? -6.934  13.084  10.088  1.00 15.00 ? 60  ASN A O     1 
ATOM   448  C CB    . ASN A 1 60  ? -4.995  11.312  7.960   1.00 15.00 ? 60  ASN A CB    1 
ATOM   449  C CG    . ASN A 1 60  ? -3.870  11.295  6.955   1.00 15.00 ? 60  ASN A CG    1 
ATOM   450  O OD1   . ASN A 1 60  ? -3.121  10.331  6.865   1.00 15.00 ? 60  ASN A OD1   1 
ATOM   451  N ND2   . ASN A 1 60  ? -3.744  12.371  6.183   1.00 15.00 ? 60  ASN A ND2   1 
ATOM   452  N N     . ASP A 1 61  ? -7.903  12.091  8.314   1.00 15.00 ? 61  ASP A N     1 
ATOM   453  C CA    . ASP A 1 61  ? -9.214  12.005  8.931   1.00 15.00 ? 61  ASP A CA    1 
ATOM   454  C C     . ASP A 1 61  ? -9.566  10.645  9.563   1.00 15.00 ? 61  ASP A C     1 
ATOM   455  O O     . ASP A 1 61  ? -10.742 10.287  9.636   1.00 15.00 ? 61  ASP A O     1 
ATOM   456  C CB    . ASP A 1 61  ? -10.274 12.406  7.901   1.00 15.00 ? 61  ASP A CB    1 
ATOM   457  C CG    . ASP A 1 61  ? -11.546 12.939  8.543   1.00 15.00 ? 61  ASP A CG    1 
ATOM   458  O OD1   . ASP A 1 61  ? -11.738 12.785  9.769   1.00 15.00 ? 61  ASP A OD1   1 
ATOM   459  O OD2   . ASP A 1 61  ? -12.367 13.519  7.812   1.00 15.00 ? 61  ASP A OD2   1 
ATOM   460  N N     . GLY A 1 62  ? -8.569  9.895   10.027  1.00 15.00 ? 62  GLY A N     1 
ATOM   461  C CA    . GLY A 1 62  ? -8.837  8.602   10.642  1.00 15.00 ? 62  GLY A CA    1 
ATOM   462  C C     . GLY A 1 62  ? -9.560  7.650   9.710   1.00 15.00 ? 62  GLY A C     1 
ATOM   463  O O     . GLY A 1 62  ? -9.008  7.244   8.690   1.00 15.00 ? 62  GLY A O     1 
ATOM   464  N N     . CYS A 1 63  ? -10.799 7.298   10.044  1.00 15.00 ? 63  CYS A N     1 
ATOM   465  C CA    . CYS A 1 63  ? -11.583 6.399   9.200   1.00 15.00 ? 63  CYS A CA    1 
ATOM   466  C C     . CYS A 1 63  ? -12.245 7.130   8.036   1.00 15.00 ? 63  CYS A C     1 
ATOM   467  O O     . CYS A 1 63  ? -12.955 6.521   7.236   1.00 15.00 ? 63  CYS A O     1 
ATOM   468  C CB    . CYS A 1 63  ? -12.646 5.667   10.013  1.00 15.00 ? 63  CYS A CB    1 
ATOM   469  S SG    . CYS A 1 63  ? -12.003 4.355   11.094  1.00 15.00 ? 63  CYS A SG    1 
ATOM   470  N N     . GLY A 1 64  ? -12.033 8.438   7.962   1.00 15.00 ? 64  GLY A N     1 
ATOM   471  C CA    . GLY A 1 64  ? -12.602 9.226   6.893   1.00 15.00 ? 64  GLY A CA    1 
ATOM   472  C C     . GLY A 1 64  ? -11.663 9.266   5.705   1.00 15.00 ? 64  GLY A C     1 
ATOM   473  O O     . GLY A 1 64  ? -12.073 9.607   4.599   1.00 15.00 ? 64  GLY A O     1 
ATOM   474  N N     . GLY A 1 65  ? -10.398 8.929   5.927   1.00 15.00 ? 65  GLY A N     1 
ATOM   475  C CA    . GLY A 1 65  ? -9.445  8.933   4.838   1.00 15.00 ? 65  GLY A CA    1 
ATOM   476  C C     . GLY A 1 65  ? -8.165  9.668   5.167   1.00 15.00 ? 65  GLY A C     1 
ATOM   477  O O     . GLY A 1 65  ? -8.040  10.266  6.241   1.00 15.00 ? 65  GLY A O     1 
ATOM   478  N N     . GLY A 1 66  ? -7.214  9.633   4.237   1.00 15.00 ? 66  GLY A N     1 
ATOM   479  C CA    . GLY A 1 66  ? -5.940  10.295  4.449   1.00 15.00 ? 66  GLY A CA    1 
ATOM   480  C C     . GLY A 1 66  ? -4.929  9.960   3.375   1.00 15.00 ? 66  GLY A C     1 
ATOM   481  O O     . GLY A 1 66  ? -5.199  9.135   2.509   1.00 15.00 ? 66  GLY A O     1 
ATOM   482  N N     . TYR A 1 67  ? -3.768  10.600  3.424   1.00 15.00 ? 67  TYR A N     1 
ATOM   483  C CA    . TYR A 1 67  ? -2.722  10.356  2.437   1.00 15.00 ? 67  TYR A CA    1 
ATOM   484  C C     . TYR A 1 67  ? -1.577  9.571   3.049   1.00 15.00 ? 67  TYR A C     1 
ATOM   485  O O     . TYR A 1 67  ? -1.275  9.735   4.225   1.00 15.00 ? 67  TYR A O     1 
ATOM   486  C CB    . TYR A 1 67  ? -2.174  11.675  1.911   1.00 15.00 ? 67  TYR A CB    1 
ATOM   487  C CG    . TYR A 1 67  ? -3.179  12.551  1.220   1.00 15.00 ? 67  TYR A CG    1 
ATOM   488  C CD1   . TYR A 1 67  ? -3.894  13.505  1.929   1.00 15.00 ? 67  TYR A CD1   1 
ATOM   489  C CD2   . TYR A 1 67  ? -3.371  12.472  -0.161  1.00 15.00 ? 67  TYR A CD2   1 
ATOM   490  C CE1   . TYR A 1 67  ? -4.768  14.357  1.283   1.00 15.00 ? 67  TYR A CE1   1 
ATOM   491  C CE2   . TYR A 1 67  ? -4.241  13.321  -0.813  1.00 15.00 ? 67  TYR A CE2   1 
ATOM   492  C CZ    . TYR A 1 67  ? -4.935  14.259  -0.083  1.00 15.00 ? 67  TYR A CZ    1 
ATOM   493  O OH    . TYR A 1 67  ? -5.816  15.107  -0.712  1.00 15.00 ? 67  TYR A OH    1 
ATOM   494  N N     . MET A 1 68  ? -0.900  8.773   2.229   1.00 15.00 ? 68  MET A N     1 
ATOM   495  C CA    . MET A 1 68  ? 0.229   7.971   2.695   1.00 15.00 ? 68  MET A CA    1 
ATOM   496  C C     . MET A 1 68  ? 1.403   8.848   3.117   1.00 15.00 ? 68  MET A C     1 
ATOM   497  O O     . MET A 1 68  ? 2.048   8.578   4.128   1.00 15.00 ? 68  MET A O     1 
ATOM   498  C CB    . MET A 1 68  ? 0.689   6.971   1.627   1.00 15.00 ? 68  MET A CB    1 
ATOM   499  C CG    . MET A 1 68  ? -0.302  5.860   1.278   1.00 15.00 ? 68  MET A CG    1 
ATOM   500  S SD    . MET A 1 68  ? -1.720  6.352   0.260   1.00 15.00 ? 68  MET A SD    1 
ATOM   501  C CE    . MET A 1 68  ? -0.965  6.570   -1.316  1.00 15.00 ? 68  MET A CE    1 
ATOM   502  N N     . THR A 1 69  ? 1.653   9.924   2.376   1.00 15.00 ? 69  THR A N     1 
ATOM   503  C CA    . THR A 1 69  ? 2.756   10.824  2.697   1.00 15.00 ? 69  THR A CA    1 
ATOM   504  C C     . THR A 1 69  ? 2.642   11.379  4.112   1.00 15.00 ? 69  THR A C     1 
ATOM   505  O O     . THR A 1 69  ? 3.651   11.533  4.807   1.00 15.00 ? 69  THR A O     1 
ATOM   506  C CB    . THR A 1 69  ? 2.848   11.988  1.708   1.00 15.00 ? 69  THR A CB    1 
ATOM   507  O OG1   . THR A 1 69  ? 1.543   12.519  1.486   1.00 15.00 ? 69  THR A OG1   1 
ATOM   508  C CG2   . THR A 1 69  ? 3.431   11.530  0.388   1.00 15.00 ? 69  THR A CG2   1 
ATOM   509  N N     . ASN A 1 70  ? 1.419   11.664  4.546   1.00 15.00 ? 70  ASN A N     1 
ATOM   510  C CA    . ASN A 1 70  ? 1.205   12.185  5.894   1.00 15.00 ? 70  ASN A CA    1 
ATOM   511  C C     . ASN A 1 70  ? 1.542   11.150  6.960   1.00 15.00 ? 70  ASN A C     1 
ATOM   512  O O     . ASN A 1 70  ? 2.046   11.499  8.029   1.00 15.00 ? 70  ASN A O     1 
ATOM   513  C CB    . ASN A 1 70  ? -0.236  12.626  6.093   1.00 15.00 ? 70  ASN A CB    1 
ATOM   514  C CG    . ASN A 1 70  ? -0.519  13.974  5.508   1.00 15.00 ? 70  ASN A CG    1 
ATOM   515  O OD1   . ASN A 1 70  ? -1.672  14.309  5.277   1.00 15.00 ? 70  ASN A OD1   1 
ATOM   516  N ND2   . ASN A 1 70  ? 0.517   14.770  5.284   1.00 15.00 ? 70  ASN A ND2   1 
ATOM   517  N N     . ALA A 1 71  ? 1.258   9.881   6.663   1.00 15.00 ? 71  ALA A N     1 
ATOM   518  C CA    . ALA A 1 71  ? 1.529   8.776   7.587   1.00 15.00 ? 71  ALA A CA    1 
ATOM   519  C C     . ALA A 1 71  ? 3.027   8.602   7.793   1.00 15.00 ? 71  ALA A C     1 
ATOM   520  O O     . ALA A 1 71  ? 3.496   8.501   8.916   1.00 15.00 ? 71  ALA A O     1 
ATOM   521  C CB    . ALA A 1 71  ? 0.902   7.488   7.062   1.00 15.00 ? 71  ALA A CB    1 
ATOM   522  N N     . PHE A 1 72  ? 3.778   8.588   6.700   1.00 15.00 ? 72  PHE A N     1 
ATOM   523  C CA    . PHE A 1 72  ? 5.232   8.453   6.771   1.00 15.00 ? 72  PHE A CA    1 
ATOM   524  C C     . PHE A 1 72  ? 5.783   9.602   7.606   1.00 15.00 ? 72  PHE A C     1 
ATOM   525  O O     . PHE A 1 72  ? 6.497   9.389   8.596   1.00 15.00 ? 72  PHE A O     1 
ATOM   526  C CB    . PHE A 1 72  ? 5.848   8.520   5.373   1.00 15.00 ? 72  PHE A CB    1 
ATOM   527  C CG    . PHE A 1 72  ? 5.413   7.420   4.470   1.00 15.00 ? 72  PHE A CG    1 
ATOM   528  C CD1   . PHE A 1 72  ? 5.099   6.166   4.981   1.00 15.00 ? 72  PHE A CD1   1 
ATOM   529  C CD2   . PHE A 1 72  ? 5.294   7.635   3.110   1.00 15.00 ? 72  PHE A CD2   1 
ATOM   530  C CE1   . PHE A 1 72  ? 4.670   5.146   4.147   1.00 15.00 ? 72  PHE A CE1   1 
ATOM   531  C CE2   . PHE A 1 72  ? 4.868   6.621   2.271   1.00 15.00 ? 72  PHE A CE2   1 
ATOM   532  C CZ    . PHE A 1 72  ? 4.554   5.375   2.790   1.00 15.00 ? 72  PHE A CZ    1 
ATOM   533  N N     . GLN A 1 73  ? 5.399   10.819  7.234   1.00 15.00 ? 73  GLN A N     1 
ATOM   534  C CA    . GLN A 1 73  ? 5.843   12.016  7.925   1.00 15.00 ? 73  GLN A CA    1 
ATOM   535  C C     . GLN A 1 73  ? 5.592   11.879  9.432   1.00 15.00 ? 73  GLN A C     1 
ATOM   536  O O     . GLN A 1 73  ? 6.424   12.283  10.241  1.00 15.00 ? 73  GLN A O     1 
ATOM   537  C CB    . GLN A 1 73  ? 5.140   13.249  7.335   1.00 15.00 ? 73  GLN A CB    1 
ATOM   538  C CG    . GLN A 1 73  ? 5.835   14.598  7.596   1.00 15.00 ? 73  GLN A CG    1 
ATOM   539  C CD    . GLN A 1 73  ? 7.082   14.833  6.726   1.00 15.00 ? 73  GLN A CD    1 
ATOM   540  O OE1   . GLN A 1 73  ? 7.034   15.592  5.743   1.00 15.00 ? 73  GLN A OE1   1 
ATOM   541  N NE2   . GLN A 1 73  ? 8.211   14.227  7.114   1.00 15.00 ? 73  GLN A NE2   1 
ATOM   542  N N     . TYR A 1 74  ? 4.484   11.248  9.810   1.00 15.00 ? 74  TYR A N     1 
ATOM   543  C CA    . TYR A 1 74  ? 4.167   11.056  11.222  1.00 15.00 ? 74  TYR A CA    1 
ATOM   544  C C     . TYR A 1 74  ? 5.153   10.137  11.912  1.00 15.00 ? 74  TYR A C     1 
ATOM   545  O O     . TYR A 1 74  ? 5.590   10.419  13.027  1.00 15.00 ? 74  TYR A O     1 
ATOM   546  C CB    . TYR A 1 74  ? 2.769   10.474  11.403  1.00 15.00 ? 74  TYR A CB    1 
ATOM   547  C CG    . TYR A 1 74  ? 2.552   9.860   12.770  1.00 15.00 ? 74  TYR A CG    1 
ATOM   548  C CD1   . TYR A 1 74  ? 2.392   10.657  13.896  1.00 15.00 ? 74  TYR A CD1   1 
ATOM   549  C CD2   . TYR A 1 74  ? 2.526   8.477   12.936  1.00 15.00 ? 74  TYR A CD2   1 
ATOM   550  C CE1   . TYR A 1 74  ? 2.214   10.095  15.152  1.00 15.00 ? 74  TYR A CE1   1 
ATOM   551  C CE2   . TYR A 1 74  ? 2.349   7.900   14.188  1.00 15.00 ? 74  TYR A CE2   1 
ATOM   552  C CZ    . TYR A 1 74  ? 2.193   8.715   15.294  1.00 15.00 ? 74  TYR A CZ    1 
ATOM   553  O OH    . TYR A 1 74  ? 2.010   8.151   16.542  1.00 15.00 ? 74  TYR A OH    1 
ATOM   554  N N     . VAL A 1 75  ? 5.432   8.997   11.285  1.00 15.00 ? 75  VAL A N     1 
ATOM   555  C CA    . VAL A 1 75  ? 6.354   8.009   11.837  1.00 15.00 ? 75  VAL A CA    1 
ATOM   556  C C     . VAL A 1 75  ? 7.735   8.627   12.049  1.00 15.00 ? 75  VAL A C     1 
ATOM   557  O O     . VAL A 1 75  ? 8.428   8.313   13.018  1.00 15.00 ? 75  VAL A O     1 
ATOM   558  C CB    . VAL A 1 75  ? 6.471   6.776   10.912  1.00 15.00 ? 75  VAL A CB    1 
ATOM   559  C CG1   . VAL A 1 75  ? 7.386   5.731   11.538  1.00 15.00 ? 75  VAL A CG1   1 
ATOM   560  C CG2   . VAL A 1 75  ? 5.082   6.181   10.647  1.00 15.00 ? 75  VAL A CG2   1 
ATOM   561  N N     . GLN A 1 76  ? 8.128   9.510   11.143  1.00 15.00 ? 76  GLN A N     1 
ATOM   562  C CA    . GLN A 1 76  ? 9.410   10.172  11.245  1.00 15.00 ? 76  GLN A CA    1 
ATOM   563  C C     . GLN A 1 76  ? 9.379   11.137  12.433  1.00 15.00 ? 76  GLN A C     1 
ATOM   564  O O     . GLN A 1 76  ? 10.126  10.972  13.393  1.00 15.00 ? 76  GLN A O     1 
ATOM   565  C CB    . GLN A 1 76  ? 9.682   10.916  9.948   1.00 15.00 ? 76  GLN A CB    1 
ATOM   566  C CG    . GLN A 1 76  ? 11.022  11.605  9.834   1.00 15.00 ? 76  GLN A CG    1 
ATOM   567  C CD    . GLN A 1 76  ? 10.984  12.662  8.755   1.00 15.00 ? 76  GLN A CD    1 
ATOM   568  O OE1   . GLN A 1 76  ? 10.363  12.477  7.708   1.00 15.00 ? 76  GLN A OE1   1 
ATOM   569  N NE2   . GLN A 1 76  ? 11.591  13.800  9.026   1.00 15.00 ? 76  GLN A NE2   1 
ATOM   570  N N     . LYS A 1 77  ? 8.469   12.103  12.401  1.00 15.00 ? 77  LYS A N     1 
ATOM   571  C CA    . LYS A 1 77  ? 8.354   13.084  13.481  1.00 15.00 ? 77  LYS A CA    1 
ATOM   572  C C     . LYS A 1 77  ? 8.234   12.415  14.850  1.00 15.00 ? 77  LYS A C     1 
ATOM   573  O O     . LYS A 1 77  ? 8.839   12.858  15.828  1.00 15.00 ? 77  LYS A O     1 
ATOM   574  C CB    . LYS A 1 77  ? 7.140   13.990  13.245  1.00 15.00 ? 77  LYS A CB    1 
ATOM   575  C CG    . LYS A 1 77  ? 6.762   14.848  14.445  1.00 15.00 ? 77  LYS A CG    1 
ATOM   576  C CD    . LYS A 1 77  ? 5.486   15.648  14.182  1.00 15.00 ? 77  LYS A CD    1 
ATOM   577  C CE    . LYS A 1 77  ? 5.051   16.459  15.408  1.00 15.00 ? 77  LYS A CE    1 
ATOM   578  N NZ    . LYS A 1 77  ? 6.096   17.459  15.838  1.00 15.00 ? 77  LYS A NZ    1 
ATOM   579  N N     . ASN A 1 78  ? 7.442   11.349  14.906  1.00 15.00 ? 78  ASN A N     1 
ATOM   580  C CA    . ASN A 1 78  ? 7.198   10.602  16.133  1.00 15.00 ? 78  ASN A CA    1 
ATOM   581  C C     . ASN A 1 78  ? 8.355   9.682   16.482  1.00 15.00 ? 78  ASN A C     1 
ATOM   582  O O     . ASN A 1 78  ? 8.507   9.284   17.630  1.00 15.00 ? 78  ASN A O     1 
ATOM   583  C CB    . ASN A 1 78  ? 5.924   9.772   15.964  1.00 15.00 ? 78  ASN A CB    1 
ATOM   584  C CG    . ASN A 1 78  ? 5.521   9.056   17.226  1.00 15.00 ? 78  ASN A CG    1 
ATOM   585  O OD1   . ASN A 1 78  ? 5.331   9.680   18.275  1.00 15.00 ? 78  ASN A OD1   1 
ATOM   586  N ND2   . ASN A 1 78  ? 5.359   7.742   17.135  1.00 15.00 ? 78  ASN A ND2   1 
ATOM   587  N N     . ARG A 1 79  ? 9.156   9.329   15.482  1.00 15.00 ? 79  ARG A N     1 
ATOM   588  C CA    . ARG A 1 79  ? 10.290  8.441   15.675  1.00 15.00 ? 79  ARG A CA    1 
ATOM   589  C C     . ARG A 1 79  ? 9.837   7.040   16.088  1.00 15.00 ? 79  ARG A C     1 
ATOM   590  O O     . ARG A 1 79  ? 10.132  6.585   17.192  1.00 15.00 ? 79  ARG A O     1 
ATOM   591  C CB    . ARG A 1 79  ? 11.252  9.029   16.712  1.00 15.00 ? 79  ARG A CB    1 
ATOM   592  C CG    . ARG A 1 79  ? 11.924  10.318  16.252  1.00 15.00 ? 79  ARG A CG    1 
ATOM   593  C CD    . ARG A 1 79  ? 12.488  11.119  17.421  1.00 15.00 ? 79  ARG A CD    1 
ATOM   594  N NE    . ARG A 1 79  ? 13.409  10.331  18.230  1.00 15.00 ? 79  ARG A NE    1 
ATOM   595  C CZ    . ARG A 1 79  ? 14.594  9.882   17.813  1.00 15.00 ? 79  ARG A CZ    1 
ATOM   596  N NH1   . ARG A 1 79  ? 15.033  10.153  16.580  1.00 15.00 ? 79  ARG A NH1   1 
ATOM   597  N NH2   . ARG A 1 79  ? 15.303  9.075   18.605  1.00 15.00 ? 79  ARG A NH2   1 
ATOM   598  N N     . GLY A 1 80  ? 9.077   6.377   15.217  1.00 15.00 ? 80  GLY A N     1 
ATOM   599  C CA    . GLY A 1 80  ? 8.636   5.024   15.515  1.00 15.00 ? 80  GLY A CA    1 
ATOM   600  C C     . GLY A 1 80  ? 7.165   4.695   15.334  1.00 15.00 ? 80  GLY A C     1 
ATOM   601  O O     . GLY A 1 80  ? 6.294   5.562   15.469  1.00 15.00 ? 80  GLY A O     1 
ATOM   602  N N     . ILE A 1 81  ? 6.892   3.432   15.016  1.00 15.00 ? 81  ILE A N     1 
ATOM   603  C CA    . ILE A 1 81  ? 5.529   2.953   14.835  1.00 15.00 ? 81  ILE A CA    1 
ATOM   604  C C     . ILE A 1 81  ? 5.421   1.574   15.479  1.00 15.00 ? 81  ILE A C     1 
ATOM   605  O O     . ILE A 1 81  ? 6.323   0.741   15.350  1.00 15.00 ? 81  ILE A O     1 
ATOM   606  C CB    . ILE A 1 81  ? 5.120   2.862   13.346  1.00 15.00 ? 81  ILE A CB    1 
ATOM   607  C CG1   . ILE A 1 81  ? 3.643   2.470   13.237  1.00 15.00 ? 81  ILE A CG1   1 
ATOM   608  C CG2   . ILE A 1 81  ? 6.012   1.884   12.607  1.00 15.00 ? 81  ILE A CG2   1 
ATOM   609  C CD1   . ILE A 1 81  ? 3.147   2.244   11.833  1.00 15.00 ? 81  ILE A CD1   1 
ATOM   610  N N     . ASP A 1 82  ? 4.324   1.355   16.194  1.00 15.00 ? 82  ASP A N     1 
ATOM   611  C CA    . ASP A 1 82  ? 4.084   0.100   16.878  1.00 15.00 ? 82  ASP A CA    1 
ATOM   612  C C     . ASP A 1 82  ? 3.783   -1.078  15.976  1.00 15.00 ? 82  ASP A C     1 
ATOM   613  O O     . ASP A 1 82  ? 3.335   -0.930  14.839  1.00 15.00 ? 82  ASP A O     1 
ATOM   614  C CB    . ASP A 1 82  ? 2.917   0.250   17.846  1.00 15.00 ? 82  ASP A CB    1 
ATOM   615  C CG    . ASP A 1 82  ? 3.265   1.069   19.048  1.00 15.00 ? 82  ASP A CG    1 
ATOM   616  O OD1   . ASP A 1 82  ? 4.461   1.182   19.376  1.00 15.00 ? 82  ASP A OD1   1 
ATOM   617  O OD2   . ASP A 1 82  ? 2.334   1.590   19.678  1.00 15.00 ? 82  ASP A OD2   1 
ATOM   618  N N     . SER A 1 83  ? 4.044   -2.261  16.510  1.00 15.00 ? 83  SER A N     1 
ATOM   619  C CA    . SER A 1 83  ? 3.761   -3.490  15.809  1.00 15.00 ? 83  SER A CA    1 
ATOM   620  C C     . SER A 1 83  ? 2.265   -3.693  16.017  1.00 15.00 ? 83  SER A C     1 
ATOM   621  O O     . SER A 1 83  ? 1.668   -3.052  16.893  1.00 15.00 ? 83  SER A O     1 
ATOM   622  C CB    . SER A 1 83  ? 4.548   -4.636  16.445  1.00 15.00 ? 83  SER A CB    1 
ATOM   623  O OG    . SER A 1 83  ? 4.404   -4.628  17.862  1.00 15.00 ? 83  SER A OG    1 
ATOM   624  N N     . GLU A 1 84  ? 1.663   -4.569  15.218  1.00 15.00 ? 84  GLU A N     1 
ATOM   625  C CA    . GLU A 1 84  ? 0.234   -4.864  15.316  1.00 15.00 ? 84  GLU A CA    1 
ATOM   626  C C     . GLU A 1 84  ? -0.104  -5.314  16.737  1.00 15.00 ? 84  GLU A C     1 
ATOM   627  O O     . GLU A 1 84  ? -0.861  -4.650  17.439  1.00 15.00 ? 84  GLU A O     1 
ATOM   628  C CB    . GLU A 1 84  ? -0.144  -5.953  14.317  1.00 15.00 ? 84  GLU A CB    1 
ATOM   629  C CG    . GLU A 1 84  ? -1.619  -6.305  14.320  1.00 15.00 ? 84  GLU A CG    1 
ATOM   630  C CD    . GLU A 1 84  ? -2.477  -5.199  13.764  1.00 15.00 ? 84  GLU A CD    1 
ATOM   631  O OE1   . GLU A 1 84  ? -2.863  -4.302  14.529  1.00 15.00 ? 84  GLU A OE1   1 
ATOM   632  O OE2   . GLU A 1 84  ? -2.763  -5.221  12.555  1.00 15.00 ? 84  GLU A OE2   1 
ATOM   633  N N     . ASP A 1 85  ? 0.520   -6.399  17.184  1.00 15.00 ? 85  ASP A N     1 
ATOM   634  C CA    . ASP A 1 85  ? 0.279   -6.912  18.524  1.00 15.00 ? 85  ASP A CA    1 
ATOM   635  C C     . ASP A 1 85  ? 0.360   -5.820  19.590  1.00 15.00 ? 85  ASP A C     1 
ATOM   636  O O     . ASP A 1 85  ? -0.447  -5.800  20.516  1.00 15.00 ? 85  ASP A O     1 
ATOM   637  C CB    . ASP A 1 85  ? 1.267   -8.040  18.865  1.00 15.00 ? 85  ASP A CB    1 
ATOM   638  C CG    . ASP A 1 85  ? 1.149   -8.511  20.326  1.00 15.00 ? 85  ASP A CG    1 
ATOM   639  O OD1   . ASP A 1 85  ? -0.001  -8.602  20.830  1.00 15.00 ? 85  ASP A OD1   1 
ATOM   640  O OD2   . ASP A 1 85  ? 2.194   -8.793  20.977  1.00 15.00 ? 85  ASP A OD2   1 
ATOM   641  N N     . ALA A 1 86  ? 1.298   -4.892  19.453  1.00 15.00 ? 86  ALA A N     1 
ATOM   642  C CA    . ALA A 1 86  ? 1.447   -3.854  20.458  1.00 15.00 ? 86  ALA A CA    1 
ATOM   643  C C     . ALA A 1 86  ? 0.309   -2.848  20.423  1.00 15.00 ? 86  ALA A C     1 
ATOM   644  O O     . ALA A 1 86  ? -0.119  -2.335  21.462  1.00 15.00 ? 86  ALA A O     1 
ATOM   645  C CB    . ALA A 1 86  ? 2.769   -3.166  20.296  1.00 15.00 ? 86  ALA A CB    1 
ATOM   646  N N     . TYR A 1 87  ? -0.188  -2.575  19.223  1.00 15.00 ? 87  TYR A N     1 
ATOM   647  C CA    . TYR A 1 87  ? -1.278  -1.618  19.035  1.00 15.00 ? 87  TYR A CA    1 
ATOM   648  C C     . TYR A 1 87  ? -2.202  -2.281  18.024  1.00 15.00 ? 87  TYR A C     1 
ATOM   649  O O     . TYR A 1 87  ? -1.992  -2.171  16.816  1.00 15.00 ? 87  TYR A O     1 
ATOM   650  C CB    . TYR A 1 87  ? -0.708  -0.319  18.466  1.00 15.00 ? 87  TYR A CB    1 
ATOM   651  C CG    . TYR A 1 87  ? -1.571  0.912   18.631  1.00 15.00 ? 87  TYR A CG    1 
ATOM   652  C CD1   . TYR A 1 87  ? -2.966  0.828   18.632  1.00 15.00 ? 87  TYR A CD1   1 
ATOM   653  C CD2   . TYR A 1 87  ? -0.983  2.178   18.755  1.00 15.00 ? 87  TYR A CD2   1 
ATOM   654  C CE1   . TYR A 1 87  ? -3.753  1.975   18.749  1.00 15.00 ? 87  TYR A CE1   1 
ATOM   655  C CE2   . TYR A 1 87  ? -1.761  3.326   18.875  1.00 15.00 ? 87  TYR A CE2   1 
ATOM   656  C CZ    . TYR A 1 87  ? -3.145  3.216   18.871  1.00 15.00 ? 87  TYR A CZ    1 
ATOM   657  O OH    . TYR A 1 87  ? -3.914  4.349   18.994  1.00 15.00 ? 87  TYR A OH    1 
ATOM   658  N N     . PRO A 1 88  ? -3.167  -3.075  18.511  1.00 15.00 ? 88  PRO A N     1 
ATOM   659  C CA    . PRO A 1 88  ? -4.138  -3.791  17.689  1.00 15.00 ? 88  PRO A CA    1 
ATOM   660  C C     . PRO A 1 88  ? -5.104  -2.910  16.897  1.00 15.00 ? 88  PRO A C     1 
ATOM   661  O O     . PRO A 1 88  ? -5.398  -1.767  17.267  1.00 15.00 ? 88  PRO A O     1 
ATOM   662  C CB    . PRO A 1 88  ? -4.877  -4.643  18.719  1.00 15.00 ? 88  PRO A CB    1 
ATOM   663  C CG    . PRO A 1 88  ? -3.844  -4.875  19.757  1.00 15.00 ? 88  PRO A CG    1 
ATOM   664  C CD    . PRO A 1 88  ? -3.294  -3.495  19.911  1.00 15.00 ? 88  PRO A CD    1 
ATOM   665  N N     . TYR A 1 89  ? -5.620  -3.488  15.818  1.00 15.00 ? 89  TYR A N     1 
ATOM   666  C CA    . TYR A 1 89  ? -6.549  -2.816  14.932  1.00 15.00 ? 89  TYR A CA    1 
ATOM   667  C C     . TYR A 1 89  ? -7.964  -3.172  15.374  1.00 15.00 ? 89  TYR A C     1 
ATOM   668  O O     . TYR A 1 89  ? -8.290  -4.346  15.557  1.00 15.00 ? 89  TYR A O     1 
ATOM   669  C CB    . TYR A 1 89  ? -6.293  -3.260  13.485  1.00 15.00 ? 89  TYR A CB    1 
ATOM   670  C CG    . TYR A 1 89  ? -7.086  -2.498  12.453  1.00 15.00 ? 89  TYR A CG    1 
ATOM   671  C CD1   . TYR A 1 89  ? -6.901  -1.135  12.271  1.00 15.00 ? 89  TYR A CD1   1 
ATOM   672  C CD2   . TYR A 1 89  ? -8.041  -3.139  11.677  1.00 15.00 ? 89  TYR A CD2   1 
ATOM   673  C CE1   . TYR A 1 89  ? -7.647  -0.433  11.349  1.00 15.00 ? 89  TYR A CE1   1 
ATOM   674  C CE2   . TYR A 1 89  ? -8.793  -2.445  10.750  1.00 15.00 ? 89  TYR A CE2   1 
ATOM   675  C CZ    . TYR A 1 89  ? -8.597  -1.097  10.593  1.00 15.00 ? 89  TYR A CZ    1 
ATOM   676  O OH    . TYR A 1 89  ? -9.374  -0.401  9.699   1.00 15.00 ? 89  TYR A OH    1 
ATOM   677  N N     . VAL A 1 90  ? -8.785  -2.154  15.603  1.00 15.00 ? 90  VAL A N     1 
ATOM   678  C CA    . VAL A 1 90  ? -10.155 -2.380  16.036  1.00 15.00 ? 90  VAL A CA    1 
ATOM   679  C C     . VAL A 1 90  ? -11.168 -1.883  14.996  1.00 15.00 ? 90  VAL A C     1 
ATOM   680  O O     . VAL A 1 90  ? -12.367 -2.124  15.118  1.00 15.00 ? 90  VAL A O     1 
ATOM   681  C CB    . VAL A 1 90  ? -10.419 -1.748  17.426  1.00 15.00 ? 90  VAL A CB    1 
ATOM   682  C CG1   . VAL A 1 90  ? -9.365  -2.212  18.413  1.00 15.00 ? 90  VAL A CG1   1 
ATOM   683  C CG2   . VAL A 1 90  ? -10.430 -0.233  17.342  1.00 15.00 ? 90  VAL A CG2   1 
ATOM   684  N N     . GLY A 1 91  ? -10.677 -1.188  13.978  1.00 15.00 ? 91  GLY A N     1 
ATOM   685  C CA    . GLY A 1 91  ? -11.547 -0.697  12.925  1.00 15.00 ? 91  GLY A CA    1 
ATOM   686  C C     . GLY A 1 91  ? -12.376 0.548   13.191  1.00 15.00 ? 91  GLY A C     1 
ATOM   687  O O     . GLY A 1 91  ? -13.442 0.704   12.609  1.00 15.00 ? 91  GLY A O     1 
ATOM   688  N N     . GLN A 1 92  ? -11.879 1.466   14.008  1.00 15.00 ? 92  GLN A N     1 
ATOM   689  C CA    . GLN A 1 92  ? -12.622 2.689   14.303  1.00 15.00 ? 92  GLN A CA    1 
ATOM   690  C C     . GLN A 1 92  ? -11.715 3.669   15.031  1.00 15.00 ? 92  GLN A C     1 
ATOM   691  O O     . GLN A 1 92  ? -10.750 3.252   15.684  1.00 15.00 ? 92  GLN A O     1 
ATOM   692  C CB    . GLN A 1 92  ? -13.849 2.372   15.165  1.00 15.00 ? 92  GLN A CB    1 
ATOM   693  C CG    . GLN A 1 92  ? -13.555 1.490   16.382  1.00 15.00 ? 92  GLN A CG    1 
ATOM   694  C CD    . GLN A 1 92  ? -14.589 1.643   17.490  1.00 15.00 ? 92  GLN A CD    1 
ATOM   695  O OE1   . GLN A 1 92  ? -14.268 2.106   18.595  1.00 15.00 ? 92  GLN A OE1   1 
ATOM   696  N NE2   . GLN A 1 92  ? -15.837 1.254   17.205  1.00 15.00 ? 92  GLN A NE2   1 
ATOM   697  N N     . GLU A 1 93  ? -12.007 4.963   14.915  1.00 15.00 ? 93  GLU A N     1 
ATOM   698  C CA    . GLU A 1 93  ? -11.175 5.961   15.571  1.00 15.00 ? 93  GLU A CA    1 
ATOM   699  C C     . GLU A 1 93  ? -11.362 5.864   17.065  1.00 15.00 ? 93  GLU A C     1 
ATOM   700  O O     . GLU A 1 93  ? -12.450 5.539   17.561  1.00 15.00 ? 93  GLU A O     1 
ATOM   701  C CB    . GLU A 1 93  ? -11.499 7.386   15.124  1.00 15.00 ? 93  GLU A CB    1 
ATOM   702  C CG    . GLU A 1 93  ? -11.433 7.636   13.631  1.00 15.00 ? 93  GLU A CG    1 
ATOM   703  C CD    . GLU A 1 93  ? -12.711 8.282   13.105  1.00 15.00 ? 93  GLU A CD    1 
ATOM   704  O OE1   . GLU A 1 93  ? -13.719 8.358   13.858  1.00 15.00 ? 93  GLU A OE1   1 
ATOM   705  O OE2   . GLU A 1 93  ? -12.722 8.703   11.926  1.00 15.00 ? 93  GLU A OE2   1 
ATOM   706  N N     . GLU A 1 94  ? -10.289 6.207   17.765  1.00 15.00 ? 94  GLU A N     1 
ATOM   707  C CA    . GLU A 1 94  ? -10.205 6.182   19.216  1.00 15.00 ? 94  GLU A CA    1 
ATOM   708  C C     . GLU A 1 94  ? -9.002  7.053   19.513  1.00 15.00 ? 94  GLU A C     1 
ATOM   709  O O     . GLU A 1 94  ? -8.354  7.525   18.596  1.00 15.00 ? 94  GLU A O     1 
ATOM   710  C CB    . GLU A 1 94  ? -9.922  4.757   19.682  1.00 15.00 ? 94  GLU A CB    1 
ATOM   711  C CG    . GLU A 1 94  ? -8.913  4.066   18.792  1.00 15.00 ? 94  GLU A CG    1 
ATOM   712  C CD    . GLU A 1 94  ? -8.422  2.761   19.352  1.00 15.00 ? 94  GLU A CD    1 
ATOM   713  O OE1   . GLU A 1 94  ? -9.248  2.029   19.938  1.00 15.00 ? 94  GLU A OE1   1 
ATOM   714  O OE2   . GLU A 1 94  ? -7.213  2.463   19.193  1.00 15.00 ? 94  GLU A OE2   1 
ATOM   715  N N     . SER A 1 95  ? -8.680  7.239   20.783  1.00 15.00 ? 95  SER A N     1 
ATOM   716  C CA    . SER A 1 95  ? -7.539  8.062   21.145  1.00 15.00 ? 95  SER A CA    1 
ATOM   717  C C     . SER A 1 95  ? -6.210  7.362   20.837  1.00 15.00 ? 95  SER A C     1 
ATOM   718  O O     . SER A 1 95  ? -6.058  6.148   21.060  1.00 15.00 ? 95  SER A O     1 
ATOM   719  C CB    . SER A 1 95  ? -7.622  8.439   22.624  1.00 15.00 ? 95  SER A CB    1 
ATOM   720  O OG    . SER A 1 95  ? -8.835  9.133   22.886  1.00 15.00 ? 95  SER A OG    1 
ATOM   721  N N     . CYS A 1 96  ? -5.269  8.128   20.288  1.00 15.00 ? 96  CYS A N     1 
ATOM   722  C CA    . CYS A 1 96  ? -3.946  7.618   19.950  1.00 15.00 ? 96  CYS A CA    1 
ATOM   723  C C     . CYS A 1 96  ? -3.347  7.038   21.218  1.00 15.00 ? 96  CYS A C     1 
ATOM   724  O O     . CYS A 1 96  ? -3.191  7.738   22.224  1.00 15.00 ? 96  CYS A O     1 
ATOM   725  C CB    . CYS A 1 96  ? -3.070  8.753   19.393  1.00 15.00 ? 96  CYS A CB    1 
ATOM   726  S SG    . CYS A 1 96  ? -1.297  8.385   19.117  1.00 15.00 ? 96  CYS A SG    1 
ATOM   727  N N     . MET A 1 97  ? -3.043  5.749   21.178  1.00 15.00 ? 97  MET A N     1 
ATOM   728  C CA    . MET A 1 97  ? -2.485  5.060   22.329  1.00 15.00 ? 97  MET A CA    1 
ATOM   729  C C     . MET A 1 97  ? -1.070  4.566   22.029  1.00 15.00 ? 97  MET A C     1 
ATOM   730  O O     . MET A 1 97  ? -0.721  3.416   22.332  1.00 15.00 ? 97  MET A O     1 
ATOM   731  C CB    . MET A 1 97  ? -3.394  3.881   22.681  1.00 15.00 ? 97  MET A CB    1 
ATOM   732  C CG    . MET A 1 97  ? -4.810  4.273   23.070  1.00 15.00 ? 97  MET A CG    1 
ATOM   733  S SD    . MET A 1 97  ? -5.970  2.913   22.832  1.00 15.00 ? 97  MET A SD    1 
ATOM   734  C CE    . MET A 1 97  ? -5.047  1.490   23.492  1.00 15.00 ? 97  MET A CE    1 
ATOM   735  N N     . TYR A 1 98  ? -0.247  5.442   21.459  1.00 15.00 ? 98  TYR A N     1 
ATOM   736  C CA    . TYR A 1 98  ? 1.109   5.069   21.110  1.00 15.00 ? 98  TYR A CA    1 
ATOM   737  C C     . TYR A 1 98  ? 1.884   4.529   22.295  1.00 15.00 ? 98  TYR A C     1 
ATOM   738  O O     . TYR A 1 98  ? 1.914   5.130   23.368  1.00 15.00 ? 98  TYR A O     1 
ATOM   739  C CB    . TYR A 1 98  ? 1.866   6.243   20.495  1.00 15.00 ? 98  TYR A CB    1 
ATOM   740  C CG    . TYR A 1 98  ? 3.252   5.863   20.037  1.00 15.00 ? 98  TYR A CG    1 
ATOM   741  C CD1   . TYR A 1 98  ? 3.438   4.855   19.089  1.00 15.00 ? 98  TYR A CD1   1 
ATOM   742  C CD2   . TYR A 1 98  ? 4.380   6.466   20.589  1.00 15.00 ? 98  TYR A CD2   1 
ATOM   743  C CE1   . TYR A 1 98  ? 4.714   4.452   18.707  1.00 15.00 ? 98  TYR A CE1   1 
ATOM   744  C CE2   . TYR A 1 98  ? 5.662   6.071   20.210  1.00 15.00 ? 98  TYR A CE2   1 
ATOM   745  C CZ    . TYR A 1 98  ? 5.816   5.062   19.272  1.00 15.00 ? 98  TYR A CZ    1 
ATOM   746  O OH    . TYR A 1 98  ? 7.070   4.640   18.920  1.00 15.00 ? 98  TYR A OH    1 
ATOM   747  N N     . ASN A 1 99  ? 2.553   3.409   22.064  1.00 15.00 ? 99  ASN A N     1 
ATOM   748  C CA    . ASN A 1 99  ? 3.347   2.753   23.088  1.00 15.00 ? 99  ASN A CA    1 
ATOM   749  C C     . ASN A 1 99  ? 4.813   2.735   22.672  1.00 15.00 ? 99  ASN A C     1 
ATOM   750  O O     . ASN A 1 99  ? 5.224   1.872   21.894  1.00 15.00 ? 99  ASN A O     1 
ATOM   751  C CB    . ASN A 1 99  ? 2.849   1.318   23.278  1.00 15.00 ? 99  ASN A CB    1 
ATOM   752  C CG    . ASN A 1 99  ? 3.683   0.545   24.267  1.00 15.00 ? 99  ASN A CG    1 
ATOM   753  O OD1   . ASN A 1 99  ? 4.156   1.097   25.271  1.00 15.00 ? 99  ASN A OD1   1 
ATOM   754  N ND2   . ASN A 1 99  ? 3.890   -0.732  23.988  1.00 15.00 ? 99  ASN A ND2   1 
ATOM   755  N N     . PRO A 1 100 ? 5.632   3.650   23.223  1.00 15.00 ? 100 PRO A N     1 
ATOM   756  C CA    . PRO A 1 100 ? 7.054   3.697   22.872  1.00 15.00 ? 100 PRO A CA    1 
ATOM   757  C C     . PRO A 1 100 ? 7.712   2.351   23.062  1.00 15.00 ? 100 PRO A C     1 
ATOM   758  O O     . PRO A 1 100 ? 8.511   1.935   22.238  1.00 15.00 ? 100 PRO A O     1 
ATOM   759  C CB    . PRO A 1 100 ? 7.615   4.727   23.853  1.00 15.00 ? 100 PRO A CB    1 
ATOM   760  C CG    . PRO A 1 100 ? 6.705   4.603   25.040  1.00 15.00 ? 100 PRO A CG    1 
ATOM   761  C CD    . PRO A 1 100 ? 5.354   4.528   24.372  1.00 15.00 ? 100 PRO A CD    1 
ATOM   762  N N     . THR A 1 101 ? 7.335   1.645   24.122  1.00 15.00 ? 101 THR A N     1 
ATOM   763  C CA    . THR A 1 101 ? 7.910   0.335   24.402  1.00 15.00 ? 101 THR A CA    1 
ATOM   764  C C     . THR A 1 101 ? 7.581   -0.636  23.268  1.00 15.00 ? 101 THR A C     1 
ATOM   765  O O     . THR A 1 101 ? 8.300   -1.609  23.048  1.00 15.00 ? 101 THR A O     1 
ATOM   766  C CB    . THR A 1 101 ? 7.386   -0.252  25.756  1.00 15.00 ? 101 THR A CB    1 
ATOM   767  O OG1   . THR A 1 101 ? 6.012   -0.652  25.627  1.00 15.00 ? 101 THR A OG1   1 
ATOM   768  C CG2   . THR A 1 101 ? 7.489   0.791   26.873  1.00 15.00 ? 101 THR A CG2   1 
ATOM   769  N N     . GLY A 1 102 ? 6.496   -0.356  22.551  1.00 15.00 ? 102 GLY A N     1 
ATOM   770  C CA    . GLY A 1 102 ? 6.086   -1.220  21.460  1.00 15.00 ? 102 GLY A CA    1 
ATOM   771  C C     . GLY A 1 102 ? 6.593   -0.857  20.072  1.00 15.00 ? 102 GLY A C     1 
ATOM   772  O O     . GLY A 1 102 ? 6.197   -1.504  19.094  1.00 15.00 ? 102 GLY A O     1 
ATOM   773  N N     . LYS A 1 103 ? 7.425   0.177   19.962  1.00 15.00 ? 103 LYS A N     1 
ATOM   774  C CA    . LYS A 1 103 ? 7.952   0.585   18.658  1.00 15.00 ? 103 LYS A CA    1 
ATOM   775  C C     . LYS A 1 103 ? 8.607   -0.598  17.967  1.00 15.00 ? 103 LYS A C     1 
ATOM   776  O O     . LYS A 1 103 ? 9.358   -1.346  18.597  1.00 15.00 ? 103 LYS A O     1 
ATOM   777  C CB    . LYS A 1 103 ? 8.998   1.692   18.802  1.00 15.00 ? 103 LYS A CB    1 
ATOM   778  C CG    . LYS A 1 103 ? 9.584   2.131   17.463  1.00 15.00 ? 103 LYS A CG    1 
ATOM   779  C CD    . LYS A 1 103 ? 10.854  2.948   17.627  1.00 15.00 ? 103 LYS A CD    1 
ATOM   780  C CE    . LYS A 1 103 ? 12.064  2.093   18.078  1.00 15.00 ? 103 LYS A CE    1 
ATOM   781  N NZ    . LYS A 1 103 ? 12.719  1.270   16.990  1.00 15.00 ? 103 LYS A NZ    1 
ATOM   782  N N     . ALA A 1 104 ? 8.331   -0.772  16.678  1.00 15.00 ? 104 ALA A N     1 
ATOM   783  C CA    . ALA A 1 104 ? 8.924   -1.875  15.923  1.00 15.00 ? 104 ALA A CA    1 
ATOM   784  C C     . ALA A 1 104 ? 9.562   -1.415  14.625  1.00 15.00 ? 104 ALA A C     1 
ATOM   785  O O     . ALA A 1 104 ? 10.112  -2.229  13.893  1.00 15.00 ? 104 ALA A O     1 
ATOM   786  C CB    . ALA A 1 104 ? 7.899   -2.948  15.638  1.00 15.00 ? 104 ALA A CB    1 
ATOM   787  N N     . ALA A 1 105 ? 9.493   -0.116  14.346  1.00 15.00 ? 105 ALA A N     1 
ATOM   788  C CA    . ALA A 1 105 ? 10.068  0.436   13.126  1.00 15.00 ? 105 ALA A CA    1 
ATOM   789  C C     . ALA A 1 105 ? 10.067  1.952   13.152  1.00 15.00 ? 105 ALA A C     1 
ATOM   790  O O     . ALA A 1 105 ? 9.492   2.565   14.046  1.00 15.00 ? 105 ALA A O     1 
ATOM   791  C CB    . ALA A 1 105 ? 9.280   -0.048  11.906  1.00 15.00 ? 105 ALA A CB    1 
ATOM   792  N N     . LYS A 1 106 ? 10.751  2.546   12.182  1.00 15.00 ? 106 LYS A N     1 
ATOM   793  C CA    . LYS A 1 106 ? 10.802  3.991   12.034  1.00 15.00 ? 106 LYS A CA    1 
ATOM   794  C C     . LYS A 1 106 ? 11.298  4.301   10.633  1.00 15.00 ? 106 LYS A C     1 
ATOM   795  O O     . LYS A 1 106 ? 11.609  3.378   9.875   1.00 15.00 ? 106 LYS A O     1 
ATOM   796  C CB    . LYS A 1 106 ? 11.676  4.635   13.105  1.00 15.00 ? 106 LYS A CB    1 
ATOM   797  C CG    . LYS A 1 106 ? 13.085  4.109   13.235  1.00 15.00 ? 106 LYS A CG    1 
ATOM   798  C CD    . LYS A 1 106 ? 13.751  4.704   14.490  1.00 15.00 ? 106 LYS A CD    1 
ATOM   799  C CE    . LYS A 1 106 ? 13.768  6.237   14.461  1.00 15.00 ? 106 LYS A CE    1 
ATOM   800  N NZ    . LYS A 1 106 ? 14.095  6.852   15.798  1.00 15.00 ? 106 LYS A NZ    1 
ATOM   801  N N     . CYS A 1 107 ? 11.289  5.575   10.254  1.00 15.00 ? 107 CYS A N     1 
ATOM   802  C CA    . CYS A 1 107 ? 11.757  5.960   8.928   1.00 15.00 ? 107 CYS A CA    1 
ATOM   803  C C     . CYS A 1 107 ? 12.244  7.396   8.954   1.00 15.00 ? 107 CYS A C     1 
ATOM   804  O O     . CYS A 1 107 ? 11.972  8.122   9.903   1.00 15.00 ? 107 CYS A O     1 
ATOM   805  C CB    . CYS A 1 107 ? 10.641  5.819   7.903   1.00 15.00 ? 107 CYS A CB    1 
ATOM   806  S SG    . CYS A 1 107 ? 9.407   7.119   7.970   1.00 15.00 ? 107 CYS A SG    1 
ATOM   807  N N     . ARG A 1 108 ? 12.987  7.798   7.928   1.00 15.00 ? 108 ARG A N     1 
ATOM   808  C CA    . ARG A 1 108 ? 13.505  9.164   7.851   1.00 15.00 ? 108 ARG A CA    1 
ATOM   809  C C     . ARG A 1 108 ? 13.052  9.938   6.608   1.00 15.00 ? 108 ARG A C     1 
ATOM   810  O O     . ARG A 1 108 ? 13.867  10.546  5.905   1.00 15.00 ? 108 ARG A O     1 
ATOM   811  C CB    . ARG A 1 108 ? 15.043  9.182   7.995   1.00 15.00 ? 108 ARG A CB    1 
ATOM   812  C CG    . ARG A 1 108 ? 15.788  8.033   7.326   1.00 15.00 ? 108 ARG A CG    1 
ATOM   813  C CD    . ARG A 1 108 ? 16.469  8.448   6.024   1.00 15.00 ? 108 ARG A CD    1 
ATOM   814  N NE    . ARG A 1 108 ? 17.037  7.283   5.337   1.00 15.00 ? 108 ARG A NE    1 
ATOM   815  C CZ    . ARG A 1 108 ? 17.532  7.299   4.102   1.00 15.00 ? 108 ARG A CZ    1 
ATOM   816  N NH1   . ARG A 1 108 ? 17.531  8.426   3.403   1.00 15.00 ? 108 ARG A NH1   1 
ATOM   817  N NH2   . ARG A 1 108 ? 18.061  6.195   3.582   1.00 15.00 ? 108 ARG A NH2   1 
ATOM   818  N N     . GLY A 1 109 ? 11.748  9.939   6.357   1.00 15.00 ? 109 GLY A N     1 
ATOM   819  C CA    . GLY A 1 109 ? 11.224  10.655  5.216   1.00 15.00 ? 109 GLY A CA    1 
ATOM   820  C C     . GLY A 1 109 ? 10.618  9.732   4.188   1.00 15.00 ? 109 GLY A C     1 
ATOM   821  O O     . GLY A 1 109 ? 10.476  8.528   4.424   1.00 15.00 ? 109 GLY A O     1 
ATOM   822  N N     . TYR A 1 110 ? 10.299  10.296  3.029   1.00 15.00 ? 110 TYR A N     1 
ATOM   823  C CA    . TYR A 1 110 ? 9.688   9.560   1.933   1.00 15.00 ? 110 TYR A CA    1 
ATOM   824  C C     . TYR A 1 110 ? 10.065  10.248  0.633   1.00 15.00 ? 110 TYR A C     1 
ATOM   825  O O     . TYR A 1 110 ? 10.679  11.316  0.649   1.00 15.00 ? 110 TYR A O     1 
ATOM   826  C CB    . TYR A 1 110 ? 8.166   9.570   2.085   1.00 15.00 ? 110 TYR A CB    1 
ATOM   827  C CG    . TYR A 1 110 ? 7.564   10.963  2.139   1.00 15.00 ? 110 TYR A CG    1 
ATOM   828  C CD1   . TYR A 1 110 ? 7.551   11.694  3.326   1.00 15.00 ? 110 TYR A CD1   1 
ATOM   829  C CD2   . TYR A 1 110 ? 7.012   11.544  1.008   1.00 15.00 ? 110 TYR A CD2   1 
ATOM   830  C CE1   . TYR A 1 110 ? 7.006   12.968  3.382   1.00 15.00 ? 110 TYR A CE1   1 
ATOM   831  C CE2   . TYR A 1 110 ? 6.463   12.815  1.050   1.00 15.00 ? 110 TYR A CE2   1 
ATOM   832  C CZ    . TYR A 1 110 ? 6.462   13.520  2.239   1.00 15.00 ? 110 TYR A CZ    1 
ATOM   833  O OH    . TYR A 1 110 ? 5.900   14.776  2.274   1.00 15.00 ? 110 TYR A OH    1 
ATOM   834  N N     . ARG A 1 111 ? 9.668   9.655   -0.487  1.00 15.00 ? 111 ARG A N     1 
ATOM   835  C CA    . ARG A 1 111 ? 9.969   10.207  -1.798  1.00 15.00 ? 111 ARG A CA    1 
ATOM   836  C C     . ARG A 1 111 ? 8.818   9.912   -2.740  1.00 15.00 ? 111 ARG A C     1 
ATOM   837  O O     . ARG A 1 111 ? 8.633   8.765   -3.133  1.00 15.00 ? 111 ARG A O     1 
ATOM   838  C CB    . ARG A 1 111 ? 11.229  9.553   -2.361  1.00 15.00 ? 111 ARG A CB    1 
ATOM   839  C CG    . ARG A 1 111 ? 12.452  9.693   -1.486  1.00 15.00 ? 111 ARG A CG    1 
ATOM   840  C CD    . ARG A 1 111 ? 13.653  8.905   -2.021  1.00 15.00 ? 111 ARG A CD    1 
ATOM   841  N NE    . ARG A 1 111 ? 14.055  9.280   -3.384  1.00 15.00 ? 111 ARG A NE    1 
ATOM   842  C CZ    . ARG A 1 111 ? 14.339  10.519  -3.789  1.00 15.00 ? 111 ARG A CZ    1 
ATOM   843  N NH1   . ARG A 1 111 ? 14.281  11.543  -2.944  1.00 15.00 ? 111 ARG A NH1   1 
ATOM   844  N NH2   . ARG A 1 111 ? 14.689  10.731  -5.055  1.00 15.00 ? 111 ARG A NH2   1 
ATOM   845  N N     . GLU A 1 112 ? 8.021   10.924  -3.072  1.00 15.00 ? 112 GLU A N     1 
ATOM   846  C CA    . GLU A 1 112 ? 6.903   10.729  -3.991  1.00 15.00 ? 112 GLU A CA    1 
ATOM   847  C C     . GLU A 1 112 ? 7.476   10.424  -5.363  1.00 15.00 ? 112 GLU A C     1 
ATOM   848  O O     . GLU A 1 112 ? 8.532   10.936  -5.728  1.00 15.00 ? 112 GLU A O     1 
ATOM   849  C CB    . GLU A 1 112 ? 6.030   11.976  -4.074  1.00 15.00 ? 112 GLU A CB    1 
ATOM   850  C CG    . GLU A 1 112 ? 5.187   12.242  -2.844  1.00 15.00 ? 112 GLU A CG    1 
ATOM   851  C CD    . GLU A 1 112 ? 3.713   12.430  -3.187  1.00 15.00 ? 112 GLU A CD    1 
ATOM   852  O OE1   . GLU A 1 112 ? 3.063   11.436  -3.607  1.00 15.00 ? 112 GLU A OE1   1 
ATOM   853  O OE2   . GLU A 1 112 ? 3.206   13.575  -3.043  1.00 15.00 ? 112 GLU A OE2   1 
ATOM   854  N N     . ILE A 1 113 ? 6.796   9.564   -6.103  1.00 15.00 ? 113 ILE A N     1 
ATOM   855  C CA    . ILE A 1 113 ? 7.230   9.173   -7.435  1.00 15.00 ? 113 ILE A CA    1 
ATOM   856  C C     . ILE A 1 113 ? 6.685   10.242  -8.377  1.00 15.00 ? 113 ILE A C     1 
ATOM   857  O O     . ILE A 1 113 ? 5.677   10.877  -8.067  1.00 15.00 ? 113 ILE A O     1 
ATOM   858  C CB    . ILE A 1 113 ? 6.697   7.751   -7.765  1.00 15.00 ? 113 ILE A CB    1 
ATOM   859  C CG1   . ILE A 1 113 ? 7.253   6.768   -6.742  1.00 15.00 ? 113 ILE A CG1   1 
ATOM   860  C CG2   . ILE A 1 113 ? 7.104   7.302   -9.150  1.00 15.00 ? 113 ILE A CG2   1 
ATOM   861  C CD1   . ILE A 1 113 ? 6.836   5.359   -6.973  1.00 15.00 ? 113 ILE A CD1   1 
ATOM   862  N N     . PRO A 1 114 ? 7.398   10.530  -9.486  1.00 15.00 ? 114 PRO A N     1 
ATOM   863  C CA    . PRO A 1 114 ? 6.952   11.547  -10.444 1.00 15.00 ? 114 PRO A CA    1 
ATOM   864  C C     . PRO A 1 114 ? 5.522   11.335  -10.896 1.00 15.00 ? 114 PRO A C     1 
ATOM   865  O O     . PRO A 1 114 ? 5.181   10.312  -11.494 1.00 15.00 ? 114 PRO A O     1 
ATOM   866  C CB    . PRO A 1 114 ? 7.943   11.387  -11.589 1.00 15.00 ? 114 PRO A CB    1 
ATOM   867  C CG    . PRO A 1 114 ? 9.203   11.056  -10.867 1.00 15.00 ? 114 PRO A CG    1 
ATOM   868  C CD    . PRO A 1 114 ? 8.727   10.015  -9.869  1.00 15.00 ? 114 PRO A CD    1 
ATOM   869  N N     . GLU A 1 115 ? 4.700   12.332  -10.611 1.00 15.00 ? 115 GLU A N     1 
ATOM   870  C CA    . GLU A 1 115 ? 3.290   12.292  -10.938 1.00 15.00 ? 115 GLU A CA    1 
ATOM   871  C C     . GLU A 1 115 ? 3.002   11.794  -12.343 1.00 15.00 ? 115 GLU A C     1 
ATOM   872  O O     . GLU A 1 115 ? 3.398   12.417  -13.313 1.00 15.00 ? 115 GLU A O     1 
ATOM   873  C CB    . GLU A 1 115 ? 2.683   13.675  -10.736 1.00 15.00 ? 115 GLU A CB    1 
ATOM   874  C CG    . GLU A 1 115 ? 1.173   13.712  -10.847 1.00 15.00 ? 115 GLU A CG    1 
ATOM   875  C CD    . GLU A 1 115 ? 0.618   15.104  -10.609 1.00 15.00 ? 115 GLU A CD    1 
ATOM   876  O OE1   . GLU A 1 115 ? 0.378   15.458  -9.427  1.00 15.00 ? 115 GLU A OE1   1 
ATOM   877  O OE2   . GLU A 1 115 ? 0.437   15.844  -11.605 1.00 15.00 ? 115 GLU A OE2   1 
ATOM   878  N N     . GLY A 1 116 ? 2.371   10.630  -12.432 1.00 15.00 ? 116 GLY A N     1 
ATOM   879  C CA    . GLY A 1 116 ? 1.990   10.059  -13.713 1.00 15.00 ? 116 GLY A CA    1 
ATOM   880  C C     . GLY A 1 116 ? 3.057   9.353   -14.513 1.00 15.00 ? 116 GLY A C     1 
ATOM   881  O O     . GLY A 1 116 ? 2.835   9.020   -15.677 1.00 15.00 ? 116 GLY A O     1 
ATOM   882  N N     . ASN A 1 117 ? 4.193   9.063   -13.894 1.00 15.00 ? 117 ASN A N     1 
ATOM   883  C CA    . ASN A 1 117 ? 5.295   8.404   -14.594 1.00 15.00 ? 117 ASN A CA    1 
ATOM   884  C C     . ASN A 1 117 ? 5.414   6.931   -14.216 1.00 15.00 ? 117 ASN A C     1 
ATOM   885  O O     . ASN A 1 117 ? 6.146   6.575   -13.292 1.00 15.00 ? 117 ASN A O     1 
ATOM   886  C CB    . ASN A 1 117 ? 6.595   9.146   -14.290 1.00 15.00 ? 117 ASN A CB    1 
ATOM   887  C CG    . ASN A 1 117 ? 7.765   8.626   -15.081 1.00 15.00 ? 117 ASN A CG    1 
ATOM   888  O OD1   . ASN A 1 117 ? 7.887   7.426   -15.329 1.00 15.00 ? 117 ASN A OD1   1 
ATOM   889  N ND2   . ASN A 1 117 ? 8.652   9.531   -15.480 1.00 15.00 ? 117 ASN A ND2   1 
ATOM   890  N N     . GLU A 1 118 ? 4.733   6.068   -14.961 1.00 15.00 ? 118 GLU A N     1 
ATOM   891  C CA    . GLU A 1 118 ? 4.759   4.635   -14.692 1.00 15.00 ? 118 GLU A CA    1 
ATOM   892  C C     . GLU A 1 118 ? 6.145   4.033   -14.642 1.00 15.00 ? 118 GLU A C     1 
ATOM   893  O O     . GLU A 1 118 ? 6.451   3.229   -13.764 1.00 15.00 ? 118 GLU A O     1 
ATOM   894  C CB    . GLU A 1 118 ? 3.935   3.870   -15.723 1.00 15.00 ? 118 GLU A CB    1 
ATOM   895  C CG    . GLU A 1 118 ? 2.447   3.990   -15.522 1.00 15.00 ? 118 GLU A CG    1 
ATOM   896  C CD    . GLU A 1 118 ? 1.726   2.740   -15.920 1.00 15.00 ? 118 GLU A CD    1 
ATOM   897  O OE1   . GLU A 1 118 ? 2.120   1.661   -15.448 1.00 15.00 ? 118 GLU A OE1   1 
ATOM   898  O OE2   . GLU A 1 118 ? 0.771   2.830   -16.708 1.00 15.00 ? 118 GLU A OE2   1 
ATOM   899  N N     . LYS A 1 119 ? 6.990   4.407   -15.588 1.00 15.00 ? 119 LYS A N     1 
ATOM   900  C CA    . LYS A 1 119 ? 8.334   3.858   -15.620 1.00 15.00 ? 119 LYS A CA    1 
ATOM   901  C C     . LYS A 1 119 ? 9.126   4.180   -14.353 1.00 15.00 ? 119 LYS A C     1 
ATOM   902  O O     . LYS A 1 119 ? 9.838   3.323   -13.830 1.00 15.00 ? 119 LYS A O     1 
ATOM   903  C CB    . LYS A 1 119 ? 9.052   4.329   -16.879 1.00 15.00 ? 119 LYS A CB    1 
ATOM   904  C CG    . LYS A 1 119 ? 8.248   4.049   -18.160 1.00 15.00 ? 119 LYS A CG    1 
ATOM   905  C CD    . LYS A 1 119 ? 7.945   2.563   -18.346 1.00 15.00 ? 119 LYS A CD    1 
ATOM   906  C CE    . LYS A 1 119 ? 9.203   1.776   -18.687 1.00 15.00 ? 119 LYS A CE    1 
ATOM   907  N NZ    . LYS A 1 119 ? 8.898   0.356   -19.034 1.00 15.00 ? 119 LYS A NZ    1 
ATOM   908  N N     . ALA A 1 120 ? 8.955   5.383   -13.817 1.00 15.00 ? 120 ALA A N     1 
ATOM   909  C CA    . ALA A 1 120 ? 9.668   5.751   -12.595 1.00 15.00 ? 120 ALA A CA    1 
ATOM   910  C C     . ALA A 1 120 ? 9.142   4.904   -11.452 1.00 15.00 ? 120 ALA A C     1 
ATOM   911  O O     . ALA A 1 120 ? 9.819   4.734   -10.438 1.00 15.00 ? 120 ALA A O     1 
ATOM   912  C CB    . ALA A 1 120 ? 9.491   7.220   -12.285 1.00 15.00 ? 120 ALA A CB    1 
ATOM   913  N N     . LEU A 1 121 ? 7.922   4.392   -11.619 1.00 15.00 ? 121 LEU A N     1 
ATOM   914  C CA    . LEU A 1 121 ? 7.288   3.535   -10.626 1.00 15.00 ? 121 LEU A CA    1 
ATOM   915  C C     . LEU A 1 121 ? 7.875   2.135   -10.713 1.00 15.00 ? 121 LEU A C     1 
ATOM   916  O O     . LEU A 1 121 ? 8.191   1.543   -9.689  1.00 15.00 ? 121 LEU A O     1 
ATOM   917  C CB    . LEU A 1 121 ? 5.765   3.484   -10.830 1.00 15.00 ? 121 LEU A CB    1 
ATOM   918  C CG    . LEU A 1 121 ? 4.881   2.568   -9.960  1.00 15.00 ? 121 LEU A CG    1 
ATOM   919  C CD1   . LEU A 1 121 ? 5.064   2.859   -8.486  1.00 15.00 ? 121 LEU A CD1   1 
ATOM   920  C CD2   . LEU A 1 121 ? 3.429   2.748   -10.342 1.00 15.00 ? 121 LEU A CD2   1 
ATOM   921  N N     . LYS A 1 122 ? 8.059   1.615   -11.925 1.00 15.00 ? 122 LYS A N     1 
ATOM   922  C CA    . LYS A 1 122 ? 8.621   0.277   -12.077 1.00 15.00 ? 122 LYS A CA    1 
ATOM   923  C C     . LYS A 1 122 ? 9.996   0.184   -11.427 1.00 15.00 ? 122 LYS A C     1 
ATOM   924  O O     . LYS A 1 122 ? 10.341  -0.829  -10.815 1.00 15.00 ? 122 LYS A O     1 
ATOM   925  C CB    . LYS A 1 122 ? 8.729   -0.141  -13.547 1.00 15.00 ? 122 LYS A CB    1 
ATOM   926  C CG    . LYS A 1 122 ? 9.386   -1.526  -13.689 1.00 15.00 ? 122 LYS A CG    1 
ATOM   927  C CD    . LYS A 1 122 ? 9.383   -2.098  -15.100 1.00 15.00 ? 122 LYS A CD    1 
ATOM   928  C CE    . LYS A 1 122 ? 10.355  -1.378  -16.009 1.00 15.00 ? 122 LYS A CE    1 
ATOM   929  N NZ    . LYS A 1 122 ? 9.912   0.020   -16.275 1.00 15.00 ? 122 LYS A NZ    1 
ATOM   930  N N     . ARG A 1 123 ? 10.787  1.236   -11.590 1.00 15.00 ? 123 ARG A N     1 
ATOM   931  C CA    . ARG A 1 123 ? 12.118  1.289   -11.017 1.00 15.00 ? 123 ARG A CA    1 
ATOM   932  C C     . ARG A 1 123 ? 12.014  1.410   -9.509  1.00 15.00 ? 123 ARG A C     1 
ATOM   933  O O     . ARG A 1 123 ? 12.681  0.687   -8.782  1.00 15.00 ? 123 ARG A O     1 
ATOM   934  C CB    . ARG A 1 123 ? 12.895  2.460   -11.601 1.00 15.00 ? 123 ARG A CB    1 
ATOM   935  C CG    . ARG A 1 123 ? 13.419  2.210   -13.017 1.00 15.00 ? 123 ARG A CG    1 
ATOM   936  C CD    . ARG A 1 123 ? 13.683  3.532   -13.740 1.00 15.00 ? 123 ARG A CD    1 
ATOM   937  N NE    . ARG A 1 123 ? 14.130  4.570   -12.814 1.00 15.00 ? 123 ARG A NE    1 
ATOM   938  C CZ    . ARG A 1 123 ? 13.941  5.874   -12.998 1.00 15.00 ? 123 ARG A CZ    1 
ATOM   939  N NH1   . ARG A 1 123 ? 13.321  6.327   -14.086 1.00 15.00 ? 123 ARG A NH1   1 
ATOM   940  N NH2   . ARG A 1 123 ? 14.313  6.728   -12.051 1.00 15.00 ? 123 ARG A NH2   1 
ATOM   941  N N     . ALA A 1 124 ? 11.153  2.294   -9.028  1.00 15.00 ? 124 ALA A N     1 
ATOM   942  C CA    . ALA A 1 124 ? 10.988  2.438   -7.590  1.00 15.00 ? 124 ALA A CA    1 
ATOM   943  C C     . ALA A 1 124 ? 10.637  1.086   -6.958  1.00 15.00 ? 124 ALA A C     1 
ATOM   944  O O     . ALA A 1 124 ? 11.213  0.718   -5.938  1.00 15.00 ? 124 ALA A O     1 
ATOM   945  C CB    . ALA A 1 124 ? 9.921   3.466   -7.273  1.00 15.00 ? 124 ALA A CB    1 
ATOM   946  N N     . VAL A 1 125 ? 9.713   0.336   -7.556  1.00 15.00 ? 125 VAL A N     1 
ATOM   947  C CA    . VAL A 1 125 ? 9.362   -0.964  -6.987  1.00 15.00 ? 125 VAL A CA    1 
ATOM   948  C C     . VAL A 1 125 ? 10.509  -1.942  -7.145  1.00 15.00 ? 125 VAL A C     1 
ATOM   949  O O     . VAL A 1 125 ? 10.703  -2.802  -6.299  1.00 15.00 ? 125 VAL A O     1 
ATOM   950  C CB    . VAL A 1 125 ? 8.048   -1.619  -7.588  1.00 15.00 ? 125 VAL A CB    1 
ATOM   951  C CG1   . VAL A 1 125 ? 6.814   -1.082  -6.913  1.00 15.00 ? 125 VAL A CG1   1 
ATOM   952  C CG2   . VAL A 1 125 ? 7.943   -1.381  -9.065  1.00 15.00 ? 125 VAL A CG2   1 
ATOM   953  N N     . ALA A 1 126 ? 11.285  -1.798  -8.211  1.00 15.00 ? 126 ALA A N     1 
ATOM   954  C CA    . ALA A 1 126 ? 12.395  -2.709  -8.462  1.00 15.00 ? 126 ALA A CA    1 
ATOM   955  C C     . ALA A 1 126 ? 13.606  -2.499  -7.566  1.00 15.00 ? 126 ALA A C     1 
ATOM   956  O O     . ALA A 1 126 ? 14.263  -3.471  -7.188  1.00 15.00 ? 126 ALA A O     1 
ATOM   957  C CB    . ALA A 1 126 ? 12.807  -2.634  -9.915  1.00 15.00 ? 126 ALA A CB    1 
ATOM   958  N N     . ARG A 1 127 ? 13.886  -1.237  -7.237  1.00 15.00 ? 127 ARG A N     1 
ATOM   959  C CA    . ARG A 1 127 ? 15.036  -0.834  -6.419  1.00 15.00 ? 127 ARG A CA    1 
ATOM   960  C C     . ARG A 1 127 ? 14.751  -0.583  -4.949  1.00 15.00 ? 127 ARG A C     1 
ATOM   961  O O     . ARG A 1 127 ? 15.673  -0.601  -4.132  1.00 15.00 ? 127 ARG A O     1 
ATOM   962  C CB    . ARG A 1 127 ? 15.688  0.414   -7.021  1.00 15.00 ? 127 ARG A CB    1 
ATOM   963  C CG    . ARG A 1 127 ? 16.312  0.159   -8.377  1.00 15.00 ? 127 ARG A CG    1 
ATOM   964  C CD    . ARG A 1 127 ? 16.532  1.412   -9.216  1.00 15.00 ? 127 ARG A CD    1 
ATOM   965  N NE    . ARG A 1 127 ? 16.922  1.018   -10.572 1.00 15.00 ? 127 ARG A NE    1 
ATOM   966  C CZ    . ARG A 1 127 ? 17.147  1.847   -11.587 1.00 15.00 ? 127 ARG A CZ    1 
ATOM   967  N NH1   . ARG A 1 127 ? 17.044  3.151   -11.419 1.00 15.00 ? 127 ARG A NH1   1 
ATOM   968  N NH2   . ARG A 1 127 ? 17.495  1.365   -12.776 1.00 15.00 ? 127 ARG A NH2   1 
ATOM   969  N N     . VAL A 1 128 ? 13.487  -0.328  -4.612  1.00 15.00 ? 128 VAL A N     1 
ATOM   970  C CA    . VAL A 1 128 ? 13.085  -0.075  -3.225  1.00 15.00 ? 128 VAL A CA    1 
ATOM   971  C C     . VAL A 1 128 ? 12.225  -1.184  -2.608  1.00 15.00 ? 128 VAL A C     1 
ATOM   972  O O     . VAL A 1 128 ? 12.487  -1.632  -1.505  1.00 15.00 ? 128 VAL A O     1 
ATOM   973  C CB    . VAL A 1 128 ? 12.327  1.261   -3.087  1.00 15.00 ? 128 VAL A CB    1 
ATOM   974  C CG1   . VAL A 1 128 ? 12.196  1.618   -1.626  1.00 15.00 ? 128 VAL A CG1   1 
ATOM   975  C CG2   . VAL A 1 128 ? 13.040  2.369   -3.848  1.00 15.00 ? 128 VAL A CG2   1 
ATOM   976  N N     . GLY A 1 129 ? 11.186  -1.615  -3.310  1.00 15.00 ? 129 GLY A N     1 
ATOM   977  C CA    . GLY A 1 129 ? 10.319  -2.659  -2.793  1.00 15.00 ? 129 GLY A CA    1 
ATOM   978  C C     . GLY A 1 129 ? 8.882   -2.203  -2.925  1.00 15.00 ? 129 GLY A C     1 
ATOM   979  O O     . GLY A 1 129 ? 8.585   -1.399  -3.808  1.00 15.00 ? 129 GLY A O     1 
ATOM   980  N N     . PRO A 1 130 ? 7.959   -2.695  -2.078  1.00 15.00 ? 130 PRO A N     1 
ATOM   981  C CA    . PRO A 1 130 ? 6.553   -2.293  -2.148  1.00 15.00 ? 130 PRO A CA    1 
ATOM   982  C C     . PRO A 1 130 ? 6.379   -0.788  -2.098  1.00 15.00 ? 130 PRO A C     1 
ATOM   983  O O     . PRO A 1 130 ? 6.971   -0.115  -1.259  1.00 15.00 ? 130 PRO A O     1 
ATOM   984  C CB    . PRO A 1 130 ? 5.965   -2.973  -0.921  1.00 15.00 ? 130 PRO A CB    1 
ATOM   985  C CG    . PRO A 1 130 ? 6.711   -4.261  -0.910  1.00 15.00 ? 130 PRO A CG    1 
ATOM   986  C CD    . PRO A 1 130 ? 8.132   -3.779  -1.102  1.00 15.00 ? 130 PRO A CD    1 
ATOM   987  N N     . VAL A 1 131 ? 5.564   -0.267  -3.008  1.00 15.00 ? 131 VAL A N     1 
ATOM   988  C CA    . VAL A 1 131 ? 5.300   1.167   -3.090  1.00 15.00 ? 131 VAL A CA    1 
ATOM   989  C C     . VAL A 1 131 ? 3.830   1.501   -2.806  1.00 15.00 ? 131 VAL A C     1 
ATOM   990  O O     . VAL A 1 131 ? 2.923   0.803   -3.260  1.00 15.00 ? 131 VAL A O     1 
ATOM   991  C CB    . VAL A 1 131 ? 5.683   1.719   -4.496  1.00 15.00 ? 131 VAL A CB    1 
ATOM   992  C CG1   . VAL A 1 131 ? 5.403   3.194   -4.580  1.00 15.00 ? 131 VAL A CG1   1 
ATOM   993  C CG2   . VAL A 1 131 ? 7.148   1.476   -4.780  1.00 15.00 ? 131 VAL A CG2   1 
ATOM   994  N N     . SER A 1 132 ? 3.592   2.561   -2.046  1.00 15.00 ? 132 SER A N     1 
ATOM   995  C CA    . SER A 1 132 ? 2.230   2.965   -1.753  1.00 15.00 ? 132 SER A CA    1 
ATOM   996  C C     . SER A 1 132 ? 1.673   3.728   -2.952  1.00 15.00 ? 132 SER A C     1 
ATOM   997  O O     . SER A 1 132 ? 2.280   4.696   -3.412  1.00 15.00 ? 132 SER A O     1 
ATOM   998  C CB    . SER A 1 132 ? 2.192   3.831   -0.494  1.00 15.00 ? 132 SER A CB    1 
ATOM   999  O OG    . SER A 1 132 ? 2.614   3.088   0.636   1.00 15.00 ? 132 SER A OG    1 
ATOM   1000 N N     . VAL A 1 133 ? 0.554   3.248   -3.489  1.00 15.00 ? 133 VAL A N     1 
ATOM   1001 C CA    . VAL A 1 133 ? -0.099  3.866   -4.640  1.00 15.00 ? 133 VAL A CA    1 
ATOM   1002 C C     . VAL A 1 133 ? -1.557  4.190   -4.336  1.00 15.00 ? 133 VAL A C     1 
ATOM   1003 O O     . VAL A 1 133 ? -2.120  3.715   -3.348  1.00 15.00 ? 133 VAL A O     1 
ATOM   1004 C CB    . VAL A 1 133 ? -0.053  2.964   -5.914  1.00 15.00 ? 133 VAL A CB    1 
ATOM   1005 C CG1   . VAL A 1 133 ? 1.365   2.844   -6.444  1.00 15.00 ? 133 VAL A CG1   1 
ATOM   1006 C CG2   . VAL A 1 133 ? -0.623  1.587   -5.622  1.00 15.00 ? 133 VAL A CG2   1 
ATOM   1007 N N     . ALA A 1 134 ? -2.173  4.958   -5.225  1.00 15.00 ? 134 ALA A N     1 
ATOM   1008 C CA    . ALA A 1 134 ? -3.561  5.368   -5.084  1.00 15.00 ? 134 ALA A CA    1 
ATOM   1009 C C     . ALA A 1 134 ? -4.234  5.159   -6.423  1.00 15.00 ? 134 ALA A C     1 
ATOM   1010 O O     . ALA A 1 134 ? -3.794  5.718   -7.418  1.00 15.00 ? 134 ALA A O     1 
ATOM   1011 C CB    . ALA A 1 134 ? -3.622  6.824   -4.710  1.00 15.00 ? 134 ALA A CB    1 
ATOM   1012 N N     . ILE A 1 135 ? -5.307  4.381   -6.451  1.00 15.00 ? 135 ILE A N     1 
ATOM   1013 C CA    . ILE A 1 135 ? -6.008  4.113   -7.703  1.00 15.00 ? 135 ILE A CA    1 
ATOM   1014 C C     . ILE A 1 135 ? -7.501  4.446   -7.611  1.00 15.00 ? 135 ILE A C     1 
ATOM   1015 O O     . ILE A 1 135 ? -7.989  4.926   -6.583  1.00 15.00 ? 135 ILE A O     1 
ATOM   1016 C CB    . ILE A 1 135 ? -5.886  2.613   -8.106  1.00 15.00 ? 135 ILE A CB    1 
ATOM   1017 C CG1   . ILE A 1 135 ? -6.446  1.731   -6.988  1.00 15.00 ? 135 ILE A CG1   1 
ATOM   1018 C CG2   . ILE A 1 135 ? -4.449  2.245   -8.406  1.00 15.00 ? 135 ILE A CG2   1 
ATOM   1019 C CD1   . ILE A 1 135 ? -6.541  0.278   -7.343  1.00 15.00 ? 135 ILE A CD1   1 
ATOM   1020 N N     . ASP A 1 136 ? -8.206  4.207   -8.712  1.00 15.00 ? 136 ASP A N     1 
ATOM   1021 C CA    . ASP A 1 136 ? -9.644  4.402   -8.790  1.00 15.00 ? 136 ASP A CA    1 
ATOM   1022 C C     . ASP A 1 136 ? -10.282 3.013   -8.722  1.00 15.00 ? 136 ASP A C     1 
ATOM   1023 O O     . ASP A 1 136 ? -10.188 2.226   -9.666  1.00 15.00 ? 136 ASP A O     1 
ATOM   1024 C CB    . ASP A 1 136 ? -10.032 5.073   -10.111 1.00 15.00 ? 136 ASP A CB    1 
ATOM   1025 C CG    . ASP A 1 136 ? -11.536 5.048   -10.359 1.00 15.00 ? 136 ASP A CG    1 
ATOM   1026 O OD1   . ASP A 1 136 ? -12.321 5.213   -9.402  1.00 15.00 ? 136 ASP A OD1   1 
ATOM   1027 O OD2   . ASP A 1 136 ? -11.944 4.848   -11.522 1.00 15.00 ? 136 ASP A OD2   1 
ATOM   1028 N N     . ALA A 1 137 ? -10.929 2.709   -7.606  1.00 15.00 ? 137 ALA A N     1 
ATOM   1029 C CA    . ALA A 1 137 ? -11.571 1.415   -7.444  1.00 15.00 ? 137 ALA A CA    1 
ATOM   1030 C C     . ALA A 1 137 ? -13.082 1.578   -7.242  1.00 15.00 ? 137 ALA A C     1 
ATOM   1031 O O     . ALA A 1 137 ? -13.696 0.862   -6.449  1.00 15.00 ? 137 ALA A O     1 
ATOM   1032 C CB    . ALA A 1 137 ? -10.947 0.677   -6.277  1.00 15.00 ? 137 ALA A CB    1 
ATOM   1033 N N     . SER A 1 138 ? -13.671 2.515   -7.982  1.00 15.00 ? 138 SER A N     1 
ATOM   1034 C CA    . SER A 1 138 ? -15.100 2.802   -7.893  1.00 15.00 ? 138 SER A CA    1 
ATOM   1035 C C     . SER A 1 138 ? -15.946 1.911   -8.809  1.00 15.00 ? 138 SER A C     1 
ATOM   1036 O O     . SER A 1 138 ? -17.110 1.617   -8.521  1.00 15.00 ? 138 SER A O     1 
ATOM   1037 C CB    . SER A 1 138 ? -15.349 4.276   -8.221  1.00 15.00 ? 138 SER A CB    1 
ATOM   1038 O OG    . SER A 1 138 ? -14.803 4.620   -9.487  1.00 15.00 ? 138 SER A OG    1 
ATOM   1039 N N     . LEU A 1 139 ? -15.338 1.453   -9.893  1.00 15.00 ? 139 LEU A N     1 
ATOM   1040 C CA    . LEU A 1 139 ? -16.018 0.616   -10.867 1.00 15.00 ? 139 LEU A CA    1 
ATOM   1041 C C     . LEU A 1 139 ? -16.275 -0.791  -10.332 1.00 15.00 ? 139 LEU A C     1 
ATOM   1042 O O     . LEU A 1 139 ? -15.435 -1.353  -9.615  1.00 15.00 ? 139 LEU A O     1 
ATOM   1043 C CB    . LEU A 1 139 ? -15.183 0.559   -12.146 1.00 15.00 ? 139 LEU A CB    1 
ATOM   1044 C CG    . LEU A 1 139 ? -14.572 1.908   -12.552 1.00 15.00 ? 139 LEU A CG    1 
ATOM   1045 C CD1   . LEU A 1 139 ? -13.794 1.768   -13.830 1.00 15.00 ? 139 LEU A CD1   1 
ATOM   1046 C CD2   . LEU A 1 139 ? -15.628 2.978   -12.707 1.00 15.00 ? 139 LEU A CD2   1 
ATOM   1047 N N     . THR A 1 140 ? -17.426 -1.368  -10.688 1.00 15.00 ? 140 THR A N     1 
ATOM   1048 C CA    . THR A 1 140 ? -17.776 -2.716  -10.241 1.00 15.00 ? 140 THR A CA    1 
ATOM   1049 C C     . THR A 1 140 ? -16.844 -3.770  -10.819 1.00 15.00 ? 140 THR A C     1 
ATOM   1050 O O     . THR A 1 140 ? -16.544 -4.759  -10.149 1.00 15.00 ? 140 THR A O     1 
ATOM   1051 C CB    . THR A 1 140 ? -19.241 -3.097  -10.567 1.00 15.00 ? 140 THR A CB    1 
ATOM   1052 O OG1   . THR A 1 140 ? -19.528 -2.793  -11.936 1.00 15.00 ? 140 THR A OG1   1 
ATOM   1053 C CG2   . THR A 1 140 ? -20.205 -2.349  -9.666  1.00 15.00 ? 140 THR A CG2   1 
ATOM   1054 N N     . SER A 1 141 ? -16.346 -3.555  -12.033 1.00 15.00 ? 141 SER A N     1 
ATOM   1055 C CA    . SER A 1 141 ? -15.438 -4.530  -12.630 1.00 15.00 ? 141 SER A CA    1 
ATOM   1056 C C     . SER A 1 141 ? -14.266 -4.761  -11.693 1.00 15.00 ? 141 SER A C     1 
ATOM   1057 O O     . SER A 1 141 ? -13.898 -5.900  -11.421 1.00 15.00 ? 141 SER A O     1 
ATOM   1058 C CB    . SER A 1 141 ? -14.959 -4.081  -14.012 1.00 15.00 ? 141 SER A CB    1 
ATOM   1059 O OG    . SER A 1 141 ? -14.679 -2.693  -14.029 1.00 15.00 ? 141 SER A OG    1 
ATOM   1060 N N     . PHE A 1 142 ? -13.745 -3.686  -11.119 1.00 15.00 ? 142 PHE A N     1 
ATOM   1061 C CA    . PHE A 1 142 ? -12.624 -3.802  -10.200 1.00 15.00 ? 142 PHE A CA    1 
ATOM   1062 C C     . PHE A 1 142 ? -13.058 -4.541  -8.954  1.00 15.00 ? 142 PHE A C     1 
ATOM   1063 O O     . PHE A 1 142 ? -12.368 -5.440  -8.480  1.00 15.00 ? 142 PHE A O     1 
ATOM   1064 C CB    . PHE A 1 142 ? -12.108 -2.417  -9.796  1.00 15.00 ? 142 PHE A CB    1 
ATOM   1065 C CG    . PHE A 1 142 ? -10.940 -2.455  -8.844  1.00 15.00 ? 142 PHE A CG    1 
ATOM   1066 C CD1   . PHE A 1 142 ? -9.638  -2.524  -9.321  1.00 15.00 ? 142 PHE A CD1   1 
ATOM   1067 C CD2   . PHE A 1 142 ? -11.142 -2.436  -7.473  1.00 15.00 ? 142 PHE A CD2   1 
ATOM   1068 C CE1   . PHE A 1 142 ? -8.561  -2.576  -8.441  1.00 15.00 ? 142 PHE A CE1   1 
ATOM   1069 C CE2   . PHE A 1 142 ? -10.076 -2.487  -6.591  1.00 15.00 ? 142 PHE A CE2   1 
ATOM   1070 C CZ    . PHE A 1 142 ? -8.780  -2.557  -7.076  1.00 15.00 ? 142 PHE A CZ    1 
ATOM   1071 N N     . GLN A 1 143 ? -14.223 -4.168  -8.441  1.00 15.00 ? 143 GLN A N     1 
ATOM   1072 C CA    . GLN A 1 143 ? -14.733 -4.759  -7.220  1.00 15.00 ? 143 GLN A CA    1 
ATOM   1073 C C     . GLN A 1 143 ? -15.016 -6.246  -7.294  1.00 15.00 ? 143 GLN A C     1 
ATOM   1074 O O     . GLN A 1 143 ? -14.757 -6.953  -6.330  1.00 15.00 ? 143 GLN A O     1 
ATOM   1075 C CB    . GLN A 1 143 ? -15.947 -3.981  -6.721  1.00 15.00 ? 143 GLN A CB    1 
ATOM   1076 C CG    . GLN A 1 143 ? -15.670 -2.499  -6.530  1.00 15.00 ? 143 GLN A CG    1 
ATOM   1077 C CD    . GLN A 1 143 ? -16.826 -1.761  -5.889  1.00 15.00 ? 143 GLN A CD    1 
ATOM   1078 O OE1   . GLN A 1 143 ? -17.184 -2.019  -4.734  1.00 15.00 ? 143 GLN A OE1   1 
ATOM   1079 N NE2   . GLN A 1 143 ? -17.407 -0.821  -6.626  1.00 15.00 ? 143 GLN A NE2   1 
ATOM   1080 N N     . PHE A 1 144 ? -15.541 -6.742  -8.415  1.00 15.00 ? 144 PHE A N     1 
ATOM   1081 C CA    . PHE A 1 144 ? -15.794 -8.189  -8.518  1.00 15.00 ? 144 PHE A CA    1 
ATOM   1082 C C     . PHE A 1 144 ? -14.669 -8.955  -9.217  1.00 15.00 ? 144 PHE A C     1 
ATOM   1083 O O     . PHE A 1 144 ? -14.853 -10.117 -9.616  1.00 15.00 ? 144 PHE A O     1 
ATOM   1084 C CB    . PHE A 1 144 ? -17.180 -8.534  -9.126  1.00 15.00 ? 144 PHE A CB    1 
ATOM   1085 C CG    . PHE A 1 144 ? -17.433 -7.970  -10.500 1.00 15.00 ? 144 PHE A CG    1 
ATOM   1086 C CD1   . PHE A 1 144 ? -16.541 -8.186  -11.545 1.00 15.00 ? 144 PHE A CD1   1 
ATOM   1087 C CD2   . PHE A 1 144 ? -18.584 -7.232  -10.747 1.00 15.00 ? 144 PHE A CD2   1 
ATOM   1088 C CE1   . PHE A 1 144 ? -16.789 -7.673  -12.820 1.00 15.00 ? 144 PHE A CE1   1 
ATOM   1089 C CE2   . PHE A 1 144 ? -18.850 -6.713  -12.011 1.00 15.00 ? 144 PHE A CE2   1 
ATOM   1090 C CZ    . PHE A 1 144 ? -17.946 -6.934  -13.054 1.00 15.00 ? 144 PHE A CZ    1 
ATOM   1091 N N     . TYR A 1 145 ? -13.511 -8.296  -9.360  1.00 15.00 ? 145 TYR A N     1 
ATOM   1092 C CA    . TYR A 1 145 ? -12.335 -8.883  -9.991  1.00 15.00 ? 145 TYR A CA    1 
ATOM   1093 C C     . TYR A 1 145 ? -12.140 -10.246 -9.383  1.00 15.00 ? 145 TYR A C     1 
ATOM   1094 O O     . TYR A 1 145 ? -12.348 -10.426 -8.195  1.00 15.00 ? 145 TYR A O     1 
ATOM   1095 C CB    . TYR A 1 145 ? -11.092 -8.023  -9.734  1.00 15.00 ? 145 TYR A CB    1 
ATOM   1096 C CG    . TYR A 1 145 ? -9.782  -8.726  -10.033 1.00 15.00 ? 145 TYR A CG    1 
ATOM   1097 C CD1   . TYR A 1 145 ? -9.137  -9.482  -9.059  1.00 15.00 ? 145 TYR A CD1   1 
ATOM   1098 C CD2   . TYR A 1 145 ? -9.219  -8.682  -11.304 1.00 15.00 ? 145 TYR A CD2   1 
ATOM   1099 C CE1   . TYR A 1 145 ? -7.972  -10.185 -9.347  1.00 15.00 ? 145 TYR A CE1   1 
ATOM   1100 C CE2   . TYR A 1 145 ? -8.054  -9.375  -11.599 1.00 15.00 ? 145 TYR A CE2   1 
ATOM   1101 C CZ    . TYR A 1 145 ? -7.439  -10.129 -10.619 1.00 15.00 ? 145 TYR A CZ    1 
ATOM   1102 O OH    . TYR A 1 145 ? -6.307  -10.858 -10.917 1.00 15.00 ? 145 TYR A OH    1 
ATOM   1103 N N     . SER A 1 146 ? -11.698 -11.190 -10.195 1.00 15.00 ? 146 SER A N     1 
ATOM   1104 C CA    . SER A 1 146 ? -11.491 -12.550 -9.739  1.00 15.00 ? 146 SER A CA    1 
ATOM   1105 C C     . SER A 1 146 ? -10.129 -13.062 -10.182 1.00 15.00 ? 146 SER A C     1 
ATOM   1106 O O     . SER A 1 146 ? -9.378  -13.615 -9.380  1.00 15.00 ? 146 SER A O     1 
ATOM   1107 C CB    . SER A 1 146 ? -12.603 -13.435 -10.305 1.00 15.00 ? 146 SER A CB    1 
ATOM   1108 O OG    . SER A 1 146 ? -12.546 -14.754 -9.802  1.00 15.00 ? 146 SER A OG    1 
ATOM   1109 N N     . LYS A 1 147 ? -9.795  -12.861 -11.453 1.00 15.00 ? 147 LYS A N     1 
ATOM   1110 C CA    . LYS A 1 147 ? -8.516  -13.325 -11.978 1.00 15.00 ? 147 LYS A CA    1 
ATOM   1111 C C     . LYS A 1 147 ? -8.128  -12.557 -13.229 1.00 15.00 ? 147 LYS A C     1 
ATOM   1112 O O     . LYS A 1 147 ? -8.890  -11.712 -13.709 1.00 15.00 ? 147 LYS A O     1 
ATOM   1113 C CB    . LYS A 1 147 ? -8.577  -14.814 -12.297 1.00 15.00 ? 147 LYS A CB    1 
ATOM   1114 C CG    . LYS A 1 147 ? -9.702  -15.197 -13.235 1.00 15.00 ? 147 LYS A CG    1 
ATOM   1115 C CD    . LYS A 1 147 ? -9.456  -16.567 -13.844 1.00 15.00 ? 147 LYS A CD    1 
ATOM   1116 C CE    . LYS A 1 147 ? -10.553 -16.931 -14.845 1.00 15.00 ? 147 LYS A CE    1 
ATOM   1117 N NZ    . LYS A 1 147 ? -10.108 -18.035 -15.765 1.00 15.00 ? 147 LYS A NZ    1 
ATOM   1118 N N     . GLY A 1 148 ? -6.935  -12.855 -13.743 1.00 15.00 ? 148 GLY A N     1 
ATOM   1119 C CA    . GLY A 1 148 ? -6.438  -12.196 -14.938 1.00 15.00 ? 148 GLY A CA    1 
ATOM   1120 C C     . GLY A 1 148 ? -5.960  -10.779 -14.689 1.00 15.00 ? 148 GLY A C     1 
ATOM   1121 O O     . GLY A 1 148 ? -5.919  -10.312 -13.547 1.00 15.00 ? 148 GLY A O     1 
ATOM   1122 N N     . VAL A 1 149 ? -5.636  -10.079 -15.770 1.00 15.00 ? 149 VAL A N     1 
ATOM   1123 C CA    . VAL A 1 149 ? -5.150  -8.706  -15.699 1.00 15.00 ? 149 VAL A CA    1 
ATOM   1124 C C     . VAL A 1 149 ? -6.275  -7.688  -15.919 1.00 15.00 ? 149 VAL A C     1 
ATOM   1125 O O     . VAL A 1 149 ? -6.823  -7.566  -17.018 1.00 15.00 ? 149 VAL A O     1 
ATOM   1126 C CB    . VAL A 1 149 ? -3.999  -8.491  -16.725 1.00 15.00 ? 149 VAL A CB    1 
ATOM   1127 C CG1   . VAL A 1 149 ? -3.631  -7.028  -16.830 1.00 15.00 ? 149 VAL A CG1   1 
ATOM   1128 C CG2   . VAL A 1 149 ? -2.776  -9.298  -16.312 1.00 15.00 ? 149 VAL A CG2   1 
ATOM   1129 N N     . TYR A 1 150 ? -6.620  -6.963  -14.862 1.00 15.00 ? 150 TYR A N     1 
ATOM   1130 C CA    . TYR A 1 150 ? -7.674  -5.961  -14.920 1.00 15.00 ? 150 TYR A CA    1 
ATOM   1131 C C     . TYR A 1 150 ? -7.291  -4.780  -15.805 1.00 15.00 ? 150 TYR A C     1 
ATOM   1132 O O     . TYR A 1 150 ? -6.126  -4.401  -15.894 1.00 15.00 ? 150 TYR A O     1 
ATOM   1133 C CB    . TYR A 1 150 ? -8.009  -5.460  -13.504 1.00 15.00 ? 150 TYR A CB    1 
ATOM   1134 C CG    . TYR A 1 150 ? -9.124  -4.435  -13.447 1.00 15.00 ? 150 TYR A CG    1 
ATOM   1135 C CD1   . TYR A 1 150 ? -10.422 -4.762  -13.839 1.00 15.00 ? 150 TYR A CD1   1 
ATOM   1136 C CD2   . TYR A 1 150 ? -8.884  -3.139  -13.008 1.00 15.00 ? 150 TYR A CD2   1 
ATOM   1137 C CE1   . TYR A 1 150 ? -11.446 -3.823  -13.794 1.00 15.00 ? 150 TYR A CE1   1 
ATOM   1138 C CE2   . TYR A 1 150 ? -9.910  -2.188  -12.958 1.00 15.00 ? 150 TYR A CE2   1 
ATOM   1139 C CZ    . TYR A 1 150 ? -11.185 -2.542  -13.352 1.00 15.00 ? 150 TYR A CZ    1 
ATOM   1140 O OH    . TYR A 1 150 ? -12.201 -1.628  -13.288 1.00 15.00 ? 150 TYR A OH    1 
ATOM   1141 N N     . TYR A 1 151 ? -8.295  -4.194  -16.443 1.00 15.00 ? 151 TYR A N     1 
ATOM   1142 C CA    . TYR A 1 151 ? -8.113  -3.040  -17.306 1.00 15.00 ? 151 TYR A CA    1 
ATOM   1143 C C     . TYR A 1 151 ? -9.474  -2.575  -17.778 1.00 15.00 ? 151 TYR A C     1 
ATOM   1144 O O     . TYR A 1 151 ? -10.140 -3.274  -18.548 1.00 15.00 ? 151 TYR A O     1 
ATOM   1145 C CB    . TYR A 1 151 ? -7.275  -3.390  -18.532 1.00 15.00 ? 151 TYR A CB    1 
ATOM   1146 C CG    . TYR A 1 151 ? -7.165  -2.243  -19.512 1.00 15.00 ? 151 TYR A CG    1 
ATOM   1147 C CD1   . TYR A 1 151 ? -6.621  -1.024  -19.122 1.00 15.00 ? 151 TYR A CD1   1 
ATOM   1148 C CD2   . TYR A 1 151 ? -7.598  -2.377  -20.825 1.00 15.00 ? 151 TYR A CD2   1 
ATOM   1149 C CE1   . TYR A 1 151 ? -6.503  0.040   -20.017 1.00 15.00 ? 151 TYR A CE1   1 
ATOM   1150 C CE2   . TYR A 1 151 ? -7.485  -1.315  -21.737 1.00 15.00 ? 151 TYR A CE2   1 
ATOM   1151 C CZ    . TYR A 1 151 ? -6.930  -0.108  -21.325 1.00 15.00 ? 151 TYR A CZ    1 
ATOM   1152 O OH    . TYR A 1 151 ? -6.744  0.929   -22.227 1.00 15.00 ? 151 TYR A OH    1 
ATOM   1153 N N     . ASP A 1 152 ? -9.901  -1.411  -17.310 1.00 15.00 ? 152 ASP A N     1 
ATOM   1154 C CA    . ASP A 1 152 ? -11.184 -0.886  -17.733 1.00 15.00 ? 152 ASP A CA    1 
ATOM   1155 C C     . ASP A 1 152 ? -11.050 0.545   -18.191 1.00 15.00 ? 152 ASP A C     1 
ATOM   1156 O O     . ASP A 1 152 ? -10.841 1.445   -17.387 1.00 15.00 ? 152 ASP A O     1 
ATOM   1157 C CB    . ASP A 1 152 ? -12.231 -0.981  -16.626 1.00 15.00 ? 152 ASP A CB    1 
ATOM   1158 C CG    . ASP A 1 152 ? -13.566 -0.396  -17.043 1.00 15.00 ? 152 ASP A CG    1 
ATOM   1159 O OD1   . ASP A 1 152 ? -13.901 -0.483  -18.243 1.00 15.00 ? 152 ASP A OD1   1 
ATOM   1160 O OD2   . ASP A 1 152 ? -14.275 0.159   -16.184 1.00 15.00 ? 152 ASP A OD2   1 
ATOM   1161 N N     . GLU A 1 153 ? -11.245 0.752   -19.485 1.00 15.00 ? 153 GLU A N     1 
ATOM   1162 C CA    . GLU A 1 153 ? -11.138 2.071   -20.080 1.00 15.00 ? 153 GLU A CA    1 
ATOM   1163 C C     . GLU A 1 153 ? -12.042 3.146   -19.474 1.00 15.00 ? 153 GLU A C     1 
ATOM   1164 O O     . GLU A 1 153 ? -11.949 4.301   -19.871 1.00 15.00 ? 153 GLU A O     1 
ATOM   1165 C CB    . GLU A 1 153 ? -11.339 1.992   -21.601 1.00 15.00 ? 153 GLU A CB    1 
ATOM   1166 C CG    . GLU A 1 153 ? -12.617 1.286   -22.056 1.00 15.00 ? 153 GLU A CG    1 
ATOM   1167 C CD    . GLU A 1 153 ? -12.416 -0.196  -22.390 1.00 15.00 ? 153 GLU A CD    1 
ATOM   1168 O OE1   . GLU A 1 153 ? -12.454 -1.042  -21.459 1.00 15.00 ? 153 GLU A OE1   1 
ATOM   1169 O OE2   . GLU A 1 153 ? -12.244 -0.514  -23.593 1.00 15.00 ? 153 GLU A OE2   1 
ATOM   1170 N N     . SER A 1 154 ? -12.908 2.781   -18.529 1.00 15.00 ? 154 SER A N     1 
ATOM   1171 C CA    . SER A 1 154 ? -13.798 3.761   -17.886 1.00 15.00 ? 154 SER A CA    1 
ATOM   1172 C C     . SER A 1 154 ? -13.182 4.251   -16.578 1.00 15.00 ? 154 SER A C     1 
ATOM   1173 O O     . SER A 1 154 ? -13.730 5.140   -15.915 1.00 15.00 ? 154 SER A O     1 
ATOM   1174 C CB    . SER A 1 154 ? -15.167 3.145   -17.571 1.00 15.00 ? 154 SER A CB    1 
ATOM   1175 O OG    . SER A 1 154 ? -15.609 2.307   -18.623 1.00 15.00 ? 154 SER A OG    1 
ATOM   1176 N N     . CYS A 1 155 ? -12.072 3.629   -16.186 1.00 15.00 ? 155 CYS A N     1 
ATOM   1177 C CA    . CYS A 1 155 ? -11.382 3.986   -14.957 1.00 15.00 ? 155 CYS A CA    1 
ATOM   1178 C C     . CYS A 1 155 ? -10.927 5.426   -15.098 1.00 15.00 ? 155 CYS A C     1 
ATOM   1179 O O     . CYS A 1 155 ? -10.477 5.838   -16.163 1.00 15.00 ? 155 CYS A O     1 
ATOM   1180 C CB    . CYS A 1 155 ? -10.183 3.069   -14.735 1.00 15.00 ? 155 CYS A CB    1 
ATOM   1181 S SG    . CYS A 1 155 ? -9.861  2.696   -12.981 1.00 15.00 ? 155 CYS A SG    1 
ATOM   1182 N N     . ASN A 1 156 ? -11.060 6.199   -14.030 1.00 15.00 ? 156 ASN A N     1 
ATOM   1183 C CA    . ASN A 1 156 ? -10.682 7.597   -14.076 1.00 15.00 ? 156 ASN A CA    1 
ATOM   1184 C C     . ASN A 1 156 ? -9.470  7.947   -13.202 1.00 15.00 ? 156 ASN A C     1 
ATOM   1185 O O     . ASN A 1 156 ? -9.567  8.042   -11.974 1.00 15.00 ? 156 ASN A O     1 
ATOM   1186 C CB    . ASN A 1 156 ? -11.886 8.452   -13.712 1.00 15.00 ? 156 ASN A CB    1 
ATOM   1187 C CG    . ASN A 1 156 ? -11.627 9.916   -13.915 1.00 15.00 ? 156 ASN A CG    1 
ATOM   1188 O OD1   . ASN A 1 156 ? -10.713 10.295  -14.655 1.00 15.00 ? 156 ASN A OD1   1 
ATOM   1189 N ND2   . ASN A 1 156 ? -12.414 10.759  -13.246 1.00 15.00 ? 156 ASN A ND2   1 
ATOM   1190 N N     . SER A 1 157 ? -8.348  8.198   -13.874 1.00 15.00 ? 157 SER A N     1 
ATOM   1191 C CA    . SER A 1 157 ? -7.082  8.540   -13.242 1.00 15.00 ? 157 SER A CA    1 
ATOM   1192 C C     . SER A 1 157 ? -7.112  9.754   -12.317 1.00 15.00 ? 157 SER A C     1 
ATOM   1193 O O     . SER A 1 157 ? -6.212  9.923   -11.495 1.00 15.00 ? 157 SER A O     1 
ATOM   1194 C CB    . SER A 1 157 ? -6.034  8.759   -14.326 1.00 15.00 ? 157 SER A CB    1 
ATOM   1195 O OG    . SER A 1 157 ? -5.935  7.619   -15.168 1.00 15.00 ? 157 SER A OG    1 
ATOM   1196 N N     . ASP A 1 158 ? -8.120  10.611  -12.478 1.00 15.00 ? 158 ASP A N     1 
ATOM   1197 C CA    . ASP A 1 158 ? -8.277  11.816  -11.662 1.00 15.00 ? 158 ASP A CA    1 
ATOM   1198 C C     . ASP A 1 158 ? -9.036  11.526  -10.379 1.00 15.00 ? 158 ASP A C     1 
ATOM   1199 O O     . ASP A 1 158 ? -8.915  12.248  -9.392  1.00 15.00 ? 158 ASP A O     1 
ATOM   1200 C CB    . ASP A 1 158 ? -9.065  12.872  -12.429 1.00 15.00 ? 158 ASP A CB    1 
ATOM   1201 C CG    . ASP A 1 158 ? -8.319  13.413  -13.615 1.00 15.00 ? 158 ASP A CG    1 
ATOM   1202 O OD1   . ASP A 1 158 ? -7.917  12.620  -14.503 1.00 15.00 ? 158 ASP A OD1   1 
ATOM   1203 O OD2   . ASP A 1 158 ? -8.168  14.656  -13.667 1.00 15.00 ? 158 ASP A OD2   1 
ATOM   1204 N N     . ASN A 1 159 ? -9.868  10.497  -10.411 1.00 15.00 ? 159 ASN A N     1 
ATOM   1205 C CA    . ASN A 1 159 ? -10.645 10.138  -9.245  1.00 15.00 ? 159 ASN A CA    1 
ATOM   1206 C C     . ASN A 1 159 ? -9.888  9.052   -8.495  1.00 15.00 ? 159 ASN A C     1 
ATOM   1207 O O     . ASN A 1 159 ? -10.097 7.867   -8.749  1.00 15.00 ? 159 ASN A O     1 
ATOM   1208 C CB    . ASN A 1 159 ? -12.010 9.616   -9.688  1.00 15.00 ? 159 ASN A CB    1 
ATOM   1209 C CG    . ASN A 1 159 ? -13.028 9.568   -8.549  1.00 15.00 ? 159 ASN A CG    1 
ATOM   1210 O OD1   . ASN A 1 159 ? -12.708 9.839   -7.388  1.00 15.00 ? 159 ASN A OD1   1 
ATOM   1211 N ND2   . ASN A 1 159 ? -14.273 9.247   -8.893  1.00 15.00 ? 159 ASN A ND2   1 
ATOM   1212 N N     . LEU A 1 160 ? -8.969  9.454   -7.618  1.00 15.00 ? 160 LEU A N     1 
ATOM   1213 C CA    . LEU A 1 160 ? -8.194  8.506   -6.825  1.00 15.00 ? 160 LEU A CA    1 
ATOM   1214 C C     . LEU A 1 160 ? -8.884  8.336   -5.467  1.00 15.00 ? 160 LEU A C     1 
ATOM   1215 O O     . LEU A 1 160 ? -8.766  9.182   -4.578  1.00 15.00 ? 160 LEU A O     1 
ATOM   1216 C CB    . LEU A 1 160 ? -6.769  9.016   -6.626  1.00 15.00 ? 160 LEU A CB    1 
ATOM   1217 C CG    . LEU A 1 160 ? -5.883  9.369   -7.827  1.00 15.00 ? 160 LEU A CG    1 
ATOM   1218 C CD1   . LEU A 1 160 ? -4.539  9.847   -7.305  1.00 15.00 ? 160 LEU A CD1   1 
ATOM   1219 C CD2   . LEU A 1 160 ? -5.698  8.176   -8.762  1.00 15.00 ? 160 LEU A CD2   1 
ATOM   1220 N N     . ASN A 1 161 ? -9.550  7.210   -5.272  1.00 15.00 ? 161 ASN A N     1 
ATOM   1221 C CA    . ASN A 1 161 ? -10.281 6.985   -4.029  1.00 15.00 ? 161 ASN A CA    1 
ATOM   1222 C C     . ASN A 1 161 ? -9.741  5.908   -3.109  1.00 15.00 ? 161 ASN A C     1 
ATOM   1223 O O     . ASN A 1 161 ? -9.784  6.058   -1.893  1.00 15.00 ? 161 ASN A O     1 
ATOM   1224 C CB    . ASN A 1 161 ? -11.725 6.668   -4.367  1.00 15.00 ? 161 ASN A CB    1 
ATOM   1225 C CG    . ASN A 1 161 ? -11.828 5.679   -5.484  1.00 15.00 ? 161 ASN A CG    1 
ATOM   1226 O OD1   . ASN A 1 161 ? -11.688 4.474   -5.280  1.00 15.00 ? 161 ASN A OD1   1 
ATOM   1227 N ND2   . ASN A 1 161 ? -11.974 6.184   -6.697  1.00 15.00 ? 161 ASN A ND2   1 
ATOM   1228 N N     . HIS A 1 162 ? -9.251  4.817   -3.675  1.00 15.00 ? 162 HIS A N     1 
ATOM   1229 C CA    . HIS A 1 162 ? -8.734  3.725   -2.872  1.00 15.00 ? 162 HIS A CA    1 
ATOM   1230 C C     . HIS A 1 162 ? -7.206  3.684   -2.917  1.00 15.00 ? 162 HIS A C     1 
ATOM   1231 O O     . HIS A 1 162 ? -6.608  3.801   -3.993  1.00 15.00 ? 162 HIS A O     1 
ATOM   1232 C CB    . HIS A 1 162 ? -9.311  2.406   -3.384  1.00 15.00 ? 162 HIS A CB    1 
ATOM   1233 C CG    . HIS A 1 162 ? -9.223  1.277   -2.408  1.00 15.00 ? 162 HIS A CG    1 
ATOM   1234 N ND1   . HIS A 1 162 ? -9.386  1.450   -1.049  1.00 15.00 ? 162 HIS A ND1   1 
ATOM   1235 C CD2   . HIS A 1 162 ? -9.021  -0.048  -2.594  1.00 15.00 ? 162 HIS A CD2   1 
ATOM   1236 C CE1   . HIS A 1 162 ? -9.295  0.282   -0.442  1.00 15.00 ? 162 HIS A CE1   1 
ATOM   1237 N NE2   . HIS A 1 162 ? -9.074  -0.643  -1.357  1.00 15.00 ? 162 HIS A NE2   1 
ATOM   1238 N N     . ALA A 1 163 ? -6.581  3.544   -1.746  1.00 15.00 ? 163 ALA A N     1 
ATOM   1239 C CA    . ALA A 1 163 ? -5.122  3.479   -1.633  1.00 15.00 ? 163 ALA A CA    1 
ATOM   1240 C C     . ALA A 1 163 ? -4.732  2.029   -1.449  1.00 15.00 ? 163 ALA A C     1 
ATOM   1241 O O     . ALA A 1 163 ? -5.291  1.345   -0.592  1.00 15.00 ? 163 ALA A O     1 
ATOM   1242 C CB    . ALA A 1 163 ? -4.650  4.297   -0.448  1.00 15.00 ? 163 ALA A CB    1 
ATOM   1243 N N     . VAL A 1 164 ? -3.790  1.556   -2.253  1.00 15.00 ? 164 VAL A N     1 
ATOM   1244 C CA    . VAL A 1 164 ? -3.347  0.166   -2.184  1.00 15.00 ? 164 VAL A CA    1 
ATOM   1245 C C     . VAL A 1 164 ? -1.829  0.104   -2.103  1.00 15.00 ? 164 VAL A C     1 
ATOM   1246 O O     . VAL A 1 164 ? -1.200  1.115   -1.817  1.00 15.00 ? 164 VAL A O     1 
ATOM   1247 C CB    . VAL A 1 164 ? -3.866  -0.645  -3.396  1.00 15.00 ? 164 VAL A CB    1 
ATOM   1248 C CG1   . VAL A 1 164 ? -5.350  -0.901  -3.259  1.00 15.00 ? 164 VAL A CG1   1 
ATOM   1249 C CG2   . VAL A 1 164 ? -3.617  0.112   -4.676  1.00 15.00 ? 164 VAL A CG2   1 
ATOM   1250 N N     . LEU A 1 165 ? -1.247  -1.055  -2.404  1.00 15.00 ? 165 LEU A N     1 
ATOM   1251 C CA    . LEU A 1 165 ? 0.208   -1.254  -2.338  1.00 15.00 ? 165 LEU A CA    1 
ATOM   1252 C C     . LEU A 1 165 ? 0.690   -2.081  -3.505  1.00 15.00 ? 165 LEU A C     1 
ATOM   1253 O O     . LEU A 1 165 ? 0.212   -3.185  -3.697  1.00 15.00 ? 165 LEU A O     1 
ATOM   1254 C CB    . LEU A 1 165 ? 0.553   -2.022  -1.065  1.00 15.00 ? 165 LEU A CB    1 
ATOM   1255 C CG    . LEU A 1 165 ? 2.013   -2.307  -0.745  1.00 15.00 ? 165 LEU A CG    1 
ATOM   1256 C CD1   . LEU A 1 165 ? 2.600   -1.084  -0.089  1.00 15.00 ? 165 LEU A CD1   1 
ATOM   1257 C CD2   . LEU A 1 165 ? 2.125   -3.506  0.182   1.00 15.00 ? 165 LEU A CD2   1 
ATOM   1258 N N     . ALA A 1 166 ? 1.662   -1.578  -4.255  1.00 15.00 ? 166 ALA A N     1 
ATOM   1259 C CA    . ALA A 1 166 ? 2.197   -2.299  -5.406  1.00 15.00 ? 166 ALA A CA    1 
ATOM   1260 C C     . ALA A 1 166 ? 3.312   -3.225  -4.958  1.00 15.00 ? 166 ALA A C     1 
ATOM   1261 O O     . ALA A 1 166 ? 4.403   -2.783  -4.625  1.00 15.00 ? 166 ALA A O     1 
ATOM   1262 C CB    . ALA A 1 166 ? 2.703   -1.324  -6.450  1.00 15.00 ? 166 ALA A CB    1 
ATOM   1263 N N     . VAL A 1 167 ? 3.026   -4.516  -4.951  1.00 15.00 ? 167 VAL A N     1 
ATOM   1264 C CA    . VAL A 1 167 ? 3.976   -5.533  -4.524  1.00 15.00 ? 167 VAL A CA    1 
ATOM   1265 C C     . VAL A 1 167 ? 4.953   -5.947  -5.620  1.00 15.00 ? 167 VAL A C     1 
ATOM   1266 O O     . VAL A 1 167 ? 5.924   -6.659  -5.365  1.00 15.00 ? 167 VAL A O     1 
ATOM   1267 C CB    . VAL A 1 167 ? 3.201   -6.753  -3.944  1.00 15.00 ? 167 VAL A CB    1 
ATOM   1268 C CG1   . VAL A 1 167 ? 4.047   -7.998  -3.907  1.00 15.00 ? 167 VAL A CG1   1 
ATOM   1269 C CG2   . VAL A 1 167 ? 2.730   -6.429  -2.548  1.00 15.00 ? 167 VAL A CG2   1 
ATOM   1270 N N     . GLY A 1 168 ? 4.726   -5.491  -6.842  1.00 15.00 ? 168 GLY A N     1 
ATOM   1271 C CA    . GLY A 1 168 ? 5.633   -5.861  -7.908  1.00 15.00 ? 168 GLY A CA    1 
ATOM   1272 C C     . GLY A 1 168 ? 5.076   -5.556  -9.269  1.00 15.00 ? 168 GLY A C     1 
ATOM   1273 O O     . GLY A 1 168 ? 4.244   -4.660  -9.414  1.00 15.00 ? 168 GLY A O     1 
ATOM   1274 N N     . TYR A 1 169 ? 5.539   -6.306  -10.264 1.00 15.00 ? 169 TYR A N     1 
ATOM   1275 C CA    . TYR A 1 169 ? 5.109   -6.147  -11.650 1.00 15.00 ? 169 TYR A CA    1 
ATOM   1276 C C     . TYR A 1 169 ? 5.533   -7.372  -12.456 1.00 15.00 ? 169 TYR A C     1 
ATOM   1277 O O     . TYR A 1 169 ? 6.428   -8.120  -12.043 1.00 15.00 ? 169 TYR A O     1 
ATOM   1278 C CB    . TYR A 1 169 ? 5.707   -4.869  -12.261 1.00 15.00 ? 169 TYR A CB    1 
ATOM   1279 C CG    . TYR A 1 169 ? 7.224   -4.815  -12.243 1.00 15.00 ? 169 TYR A CG    1 
ATOM   1280 C CD1   . TYR A 1 169 ? 7.981   -5.560  -13.152 1.00 15.00 ? 169 TYR A CD1   1 
ATOM   1281 C CD2   . TYR A 1 169 ? 7.900   -4.019  -11.324 1.00 15.00 ? 169 TYR A CD2   1 
ATOM   1282 C CE1   . TYR A 1 169 ? 9.359   -5.516  -13.143 1.00 15.00 ? 169 TYR A CE1   1 
ATOM   1283 C CE2   . TYR A 1 169 ? 9.289   -3.967  -11.309 1.00 15.00 ? 169 TYR A CE2   1 
ATOM   1284 C CZ    . TYR A 1 169 ? 10.010  -4.716  -12.221 1.00 15.00 ? 169 TYR A CZ    1 
ATOM   1285 O OH    . TYR A 1 169 ? 11.384  -4.659  -12.221 1.00 15.00 ? 169 TYR A OH    1 
ATOM   1286 N N     . GLY A 1 170 ? 4.904   -7.575  -13.609 1.00 15.00 ? 170 GLY A N     1 
ATOM   1287 C CA    . GLY A 1 170 ? 5.229   -8.722  -14.431 1.00 15.00 ? 170 GLY A CA    1 
ATOM   1288 C C     . GLY A 1 170 ? 4.420   -8.803  -15.708 1.00 15.00 ? 170 GLY A C     1 
ATOM   1289 O O     . GLY A 1 170 ? 3.833   -7.818  -16.141 1.00 15.00 ? 170 GLY A O     1 
ATOM   1290 N N     . ILE A 1 171 ? 4.358   -9.995  -16.290 1.00 15.00 ? 171 ILE A N     1 
ATOM   1291 C CA    . ILE A 1 171 ? 3.644   -10.246 -17.538 1.00 15.00 ? 171 ILE A CA    1 
ATOM   1292 C C     . ILE A 1 171 ? 2.635   -11.377 -17.305 1.00 15.00 ? 171 ILE A C     1 
ATOM   1293 O O     . ILE A 1 171 ? 2.712   -12.090 -16.298 1.00 15.00 ? 171 ILE A O     1 
ATOM   1294 C CB    . ILE A 1 171 ? 4.644   -10.678 -18.665 1.00 15.00 ? 171 ILE A CB    1 
ATOM   1295 C CG1   . ILE A 1 171 ? 5.651   -9.562  -18.956 1.00 15.00 ? 171 ILE A CG1   1 
ATOM   1296 C CG2   . ILE A 1 171 ? 3.913   -10.985 -19.956 1.00 15.00 ? 171 ILE A CG2   1 
ATOM   1297 C CD1   . ILE A 1 171 ? 6.778   -9.426  -17.932 1.00 15.00 ? 171 ILE A CD1   1 
ATOM   1298 N N     . GLN A 1 172 ? 1.644   -11.480 -18.187 1.00 15.00 ? 172 GLN A N     1 
ATOM   1299 C CA    . GLN A 1 172 ? 0.634   -12.530 -18.106 1.00 15.00 ? 172 GLN A CA    1 
ATOM   1300 C C     . GLN A 1 172 ? 0.455   -13.149 -19.488 1.00 15.00 ? 172 GLN A C     1 
ATOM   1301 O O     . GLN A 1 172 ? 1.405   -13.694 -20.051 1.00 15.00 ? 172 GLN A O     1 
ATOM   1302 C CB    . GLN A 1 172 ? -0.682  -11.965 -17.576 1.00 15.00 ? 172 GLN A CB    1 
ATOM   1303 C CG    . GLN A 1 172 ? -0.875  -12.151 -16.081 1.00 15.00 ? 172 GLN A CG    1 
ATOM   1304 C CD    . GLN A 1 172 ? -1.416  -13.523 -15.733 1.00 15.00 ? 172 GLN A CD    1 
ATOM   1305 O OE1   . GLN A 1 172 ? -2.557  -13.651 -15.294 1.00 15.00 ? 172 GLN A OE1   1 
ATOM   1306 N NE2   . GLN A 1 172 ? -0.598  -14.554 -15.918 1.00 15.00 ? 172 GLN A NE2   1 
ATOM   1307 N N     . LYS A 1 173 ? -0.749  -13.104 -20.039 1.00 15.00 ? 173 LYS A N     1 
ATOM   1308 C CA    . LYS A 1 173 ? -0.953  -13.653 -21.374 1.00 15.00 ? 173 LYS A CA    1 
ATOM   1309 C C     . LYS A 1 173 ? -0.647  -12.476 -22.283 1.00 15.00 ? 173 LYS A C     1 
ATOM   1310 O O     . LYS A 1 173 ? -1.541  -11.857 -22.863 1.00 15.00 ? 173 LYS A O     1 
ATOM   1311 C CB    . LYS A 1 173 ? -2.391  -14.147 -21.560 1.00 15.00 ? 173 LYS A CB    1 
ATOM   1312 C CG    . LYS A 1 173 ? -2.804  -15.209 -20.553 1.00 15.00 ? 173 LYS A CG    1 
ATOM   1313 C CD    . LYS A 1 173 ? -4.279  -15.556 -20.706 1.00 15.00 ? 173 LYS A CD    1 
ATOM   1314 C CE    . LYS A 1 173 ? -4.805  -16.237 -19.443 1.00 15.00 ? 173 LYS A CE    1 
ATOM   1315 N NZ    . LYS A 1 173 ? -4.726  -15.334 -18.238 1.00 15.00 ? 173 LYS A NZ    1 
ATOM   1316 N N     . GLY A 1 174 ? 0.629   -12.105 -22.290 1.00 15.00 ? 174 GLY A N     1 
ATOM   1317 C CA    . GLY A 1 174 ? 1.077   -10.986 -23.091 1.00 15.00 ? 174 GLY A CA    1 
ATOM   1318 C C     . GLY A 1 174 ? 0.782   -9.656  -22.427 1.00 15.00 ? 174 GLY A C     1 
ATOM   1319 O O     . GLY A 1 174 ? 1.236   -8.612  -22.918 1.00 15.00 ? 174 GLY A O     1 
ATOM   1320 N N     . ASN A 1 175 ? 0.036   -9.677  -21.321 1.00 15.00 ? 175 ASN A N     1 
ATOM   1321 C CA    . ASN A 1 175 ? -0.309  -8.440  -20.611 1.00 15.00 ? 175 ASN A CA    1 
ATOM   1322 C C     . ASN A 1 175 ? 0.635   -8.122  -19.446 1.00 15.00 ? 175 ASN A C     1 
ATOM   1323 O O     . ASN A 1 175 ? 0.784   -8.929  -18.512 1.00 15.00 ? 175 ASN A O     1 
ATOM   1324 C CB    . ASN A 1 175 ? -1.742  -8.497  -20.055 1.00 15.00 ? 175 ASN A CB    1 
ATOM   1325 C CG    . ASN A 1 175 ? -2.766  -8.936  -21.086 1.00 15.00 ? 175 ASN A CG    1 
ATOM   1326 O OD1   . ASN A 1 175 ? -3.279  -10.061 -21.019 1.00 15.00 ? 175 ASN A OD1   1 
ATOM   1327 N ND2   . ASN A 1 175 ? -3.095  -8.047  -22.025 1.00 15.00 ? 175 ASN A ND2   1 
ATOM   1328 N N     . LYS A 1 176 ? 1.295   -6.970  -19.507 1.00 15.00 ? 176 LYS A N     1 
ATOM   1329 C CA    . LYS A 1 176 ? 2.164   -6.567  -18.406 1.00 15.00 ? 176 LYS A CA    1 
ATOM   1330 C C     . LYS A 1 176 ? 1.192   -6.187  -17.290 1.00 15.00 ? 176 LYS A C     1 
ATOM   1331 O O     . LYS A 1 176 ? 0.044   -5.819  -17.568 1.00 15.00 ? 176 LYS A O     1 
ATOM   1332 C CB    . LYS A 1 176 ? 3.014   -5.355  -18.792 1.00 15.00 ? 176 LYS A CB    1 
ATOM   1333 C CG    . LYS A 1 176 ? 3.956   -5.588  -19.968 1.00 15.00 ? 176 LYS A CG    1 
ATOM   1334 C CD    . LYS A 1 176 ? 4.960   -4.448  -20.060 1.00 15.00 ? 176 LYS A CD    1 
ATOM   1335 C CE    . LYS A 1 176 ? 5.801   -4.516  -21.321 1.00 15.00 ? 176 LYS A CE    1 
ATOM   1336 N NZ    . LYS A 1 176 ? 5.316   -3.549  -22.366 1.00 15.00 ? 176 LYS A NZ    1 
ATOM   1337 N N     . HIS A 1 177 ? 1.633   -6.246  -16.036 1.00 15.00 ? 177 HIS A N     1 
ATOM   1338 C CA    . HIS A 1 177 ? 0.742   -5.919  -14.923 1.00 15.00 ? 177 HIS A CA    1 
ATOM   1339 C C     . HIS A 1 177 ? 1.474   -5.526  -13.651 1.00 15.00 ? 177 HIS A C     1 
ATOM   1340 O O     . HIS A 1 177 ? 2.649   -5.841  -13.479 1.00 15.00 ? 177 HIS A O     1 
ATOM   1341 C CB    . HIS A 1 177 ? -0.152  -7.120  -14.613 1.00 15.00 ? 177 HIS A CB    1 
ATOM   1342 C CG    . HIS A 1 177 ? 0.590   -8.293  -14.058 1.00 15.00 ? 177 HIS A CG    1 
ATOM   1343 N ND1   . HIS A 1 177 ? 0.999   -9.352  -14.837 1.00 15.00 ? 177 HIS A ND1   1 
ATOM   1344 C CD2   . HIS A 1 177 ? 1.020   -8.565  -12.803 1.00 15.00 ? 177 HIS A CD2   1 
ATOM   1345 C CE1   . HIS A 1 177 ? 1.648   -10.225 -14.089 1.00 15.00 ? 177 HIS A CE1   1 
ATOM   1346 N NE2   . HIS A 1 177 ? 1.675   -9.770  -12.851 1.00 15.00 ? 177 HIS A NE2   1 
ATOM   1347 N N     . TRP A 1 178 ? 0.742   -4.874  -12.753 1.00 15.00 ? 178 TRP A N     1 
ATOM   1348 C CA    . TRP A 1 178 ? 1.228   -4.436  -11.453 1.00 15.00 ? 178 TRP A CA    1 
ATOM   1349 C C     . TRP A 1 178 ? 0.542   -5.338  -10.450 1.00 15.00 ? 178 TRP A C     1 
ATOM   1350 O O     . TRP A 1 178 ? -0.680  -5.435  -10.463 1.00 15.00 ? 178 TRP A O     1 
ATOM   1351 C CB    . TRP A 1 178 ? 0.783   -3.004  -11.170 1.00 15.00 ? 178 TRP A CB    1 
ATOM   1352 C CG    . TRP A 1 178 ? 1.389   -1.977  -12.051 1.00 15.00 ? 178 TRP A CG    1 
ATOM   1353 C CD1   . TRP A 1 178 ? 0.761   -1.275  -13.032 1.00 15.00 ? 178 TRP A CD1   1 
ATOM   1354 C CD2   . TRP A 1 178 ? 2.736   -1.487  -12.008 1.00 15.00 ? 178 TRP A CD2   1 
ATOM   1355 N NE1   . TRP A 1 178 ? 1.624   -0.367  -13.599 1.00 15.00 ? 178 TRP A NE1   1 
ATOM   1356 C CE2   . TRP A 1 178 ? 2.844   -0.477  -12.991 1.00 15.00 ? 178 TRP A CE2   1 
ATOM   1357 C CE3   . TRP A 1 178 ? 3.861   -1.802  -11.234 1.00 15.00 ? 178 TRP A CE3   1 
ATOM   1358 C CZ2   . TRP A 1 178 ? 4.032   0.219   -13.221 1.00 15.00 ? 178 TRP A CZ2   1 
ATOM   1359 C CZ3   . TRP A 1 178 ? 5.040   -1.110  -11.460 1.00 15.00 ? 178 TRP A CZ3   1 
ATOM   1360 C CH2   . TRP A 1 178 ? 5.119   -0.111  -12.445 1.00 15.00 ? 178 TRP A CH2   1 
ATOM   1361 N N     . ILE A 1 179 ? 1.304   -6.031  -9.612  1.00 15.00 ? 179 ILE A N     1 
ATOM   1362 C CA    . ILE A 1 179 ? 0.705   -6.908  -8.612  1.00 15.00 ? 179 ILE A CA    1 
ATOM   1363 C C     . ILE A 1 179 ? 0.229   -6.018  -7.464  1.00 15.00 ? 179 ILE A C     1 
ATOM   1364 O O     . ILE A 1 179 ? 1.038   -5.422  -6.749  1.00 15.00 ? 179 ILE A O     1 
ATOM   1365 C CB    . ILE A 1 179 ? 1.715   -7.926  -8.065  1.00 15.00 ? 179 ILE A CB    1 
ATOM   1366 C CG1   . ILE A 1 179 ? 2.371   -8.691  -9.211  1.00 15.00 ? 179 ILE A CG1   1 
ATOM   1367 C CG2   . ILE A 1 179 ? 1.019   -8.888  -7.128  1.00 15.00 ? 179 ILE A CG2   1 
ATOM   1368 C CD1   . ILE A 1 179 ? 3.445   -9.653  -8.756  1.00 15.00 ? 179 ILE A CD1   1 
ATOM   1369 N N     . ILE A 1 180 ? -1.084  -5.926  -7.297  1.00 15.00 ? 180 ILE A N     1 
ATOM   1370 C CA    . ILE A 1 180 ? -1.655  -5.089  -6.253  1.00 15.00 ? 180 ILE A CA    1 
ATOM   1371 C C     . ILE A 1 180 ? -2.210  -5.870  -5.060  1.00 15.00 ? 180 ILE A C     1 
ATOM   1372 O O     . ILE A 1 180 ? -2.767  -6.962  -5.210  1.00 15.00 ? 180 ILE A O     1 
ATOM   1373 C CB    . ILE A 1 180 ? -2.720  -4.142  -6.842  1.00 15.00 ? 180 ILE A CB    1 
ATOM   1374 C CG1   . ILE A 1 180 ? -2.075  -3.229  -7.881  1.00 15.00 ? 180 ILE A CG1   1 
ATOM   1375 C CG2   . ILE A 1 180 ? -3.364  -3.309  -5.759  1.00 15.00 ? 180 ILE A CG2   1 
ATOM   1376 C CD1   . ILE A 1 180 ? -1.028  -2.297  -7.311  1.00 15.00 ? 180 ILE A CD1   1 
ATOM   1377 N N     . LYS A 1 181 ? -1.999  -5.301  -3.873  1.00 15.00 ? 181 LYS A N     1 
ATOM   1378 C CA    . LYS A 1 181 ? -2.439  -5.863  -2.605  1.00 15.00 ? 181 LYS A CA    1 
ATOM   1379 C C     . LYS A 1 181 ? -3.475  -4.920  -2.028  1.00 15.00 ? 181 LYS A C     1 
ATOM   1380 O O     . LYS A 1 181 ? -3.179  -3.743  -1.786  1.00 15.00 ? 181 LYS A O     1 
ATOM   1381 C CB    . LYS A 1 181 ? -1.260  -5.955  -1.638  1.00 15.00 ? 181 LYS A CB    1 
ATOM   1382 C CG    . LYS A 1 181 ? -1.642  -6.380  -0.241  1.00 15.00 ? 181 LYS A CG    1 
ATOM   1383 C CD    . LYS A 1 181 ? -0.479  -6.269  0.714   1.00 15.00 ? 181 LYS A CD    1 
ATOM   1384 C CE    . LYS A 1 181 ? -0.816  -6.973  2.000   1.00 15.00 ? 181 LYS A CE    1 
ATOM   1385 N NZ    . LYS A 1 181 ? 0.308   -7.013  2.957   1.00 15.00 ? 181 LYS A NZ    1 
ATOM   1386 N N     . ASN A 1 182 ? -4.689  -5.421  -1.828  1.00 15.00 ? 182 ASN A N     1 
ATOM   1387 C CA    . ASN A 1 182 ? -5.744  -4.586  -1.284  1.00 15.00 ? 182 ASN A CA    1 
ATOM   1388 C C     . ASN A 1 182 ? -5.982  -4.967  0.169   1.00 15.00 ? 182 ASN A C     1 
ATOM   1389 O O     . ASN A 1 182 ? -5.474  -5.979  0.628   1.00 15.00 ? 182 ASN A O     1 
ATOM   1390 C CB    . ASN A 1 182 ? -7.013  -4.761  -2.098  1.00 15.00 ? 182 ASN A CB    1 
ATOM   1391 C CG    . ASN A 1 182 ? -7.974  -3.613  -1.913  1.00 15.00 ? 182 ASN A CG    1 
ATOM   1392 O OD1   . ASN A 1 182 ? -7.846  -2.825  -0.975  1.00 15.00 ? 182 ASN A OD1   1 
ATOM   1393 N ND2   . ASN A 1 182 ? -8.933  -3.490  -2.827  1.00 15.00 ? 182 ASN A ND2   1 
ATOM   1394 N N     . SER A 1 183 ? -6.716  -4.149  0.907   1.00 15.00 ? 183 SER A N     1 
ATOM   1395 C CA    . SER A 1 183 ? -6.985  -4.447  2.303   1.00 15.00 ? 183 SER A CA    1 
ATOM   1396 C C     . SER A 1 183 ? -8.447  -4.817  2.540   1.00 15.00 ? 183 SER A C     1 
ATOM   1397 O O     . SER A 1 183 ? -9.076  -4.323  3.476   1.00 15.00 ? 183 SER A O     1 
ATOM   1398 C CB    . SER A 1 183 ? -6.594  -3.253  3.160   1.00 15.00 ? 183 SER A CB    1 
ATOM   1399 O OG    . SER A 1 183 ? -6.915  -2.045  2.492   1.00 15.00 ? 183 SER A OG    1 
ATOM   1400 N N     . TRP A 1 184 ? -8.983  -5.694  1.697   1.00 15.00 ? 184 TRP A N     1 
ATOM   1401 C CA    . TRP A 1 184 ? -10.374 -6.118  1.808   1.00 15.00 ? 184 TRP A CA    1 
ATOM   1402 C C     . TRP A 1 184 ? -10.508 -7.559  2.282   1.00 15.00 ? 184 TRP A C     1 
ATOM   1403 O O     . TRP A 1 184 ? -11.580 -8.152  2.188   1.00 15.00 ? 184 TRP A O     1 
ATOM   1404 C CB    . TRP A 1 184 ? -11.087 -5.952  0.461   1.00 15.00 ? 184 TRP A CB    1 
ATOM   1405 C CG    . TRP A 1 184 ? -11.376 -4.533  0.093   1.00 15.00 ? 184 TRP A CG    1 
ATOM   1406 C CD1   . TRP A 1 184 ? -11.337 -3.454  0.916   1.00 15.00 ? 184 TRP A CD1   1 
ATOM   1407 C CD2   . TRP A 1 184 ? -11.741 -4.042  -1.195  1.00 15.00 ? 184 TRP A CD2   1 
ATOM   1408 N NE1   . TRP A 1 184 ? -11.648 -2.320  0.224   1.00 15.00 ? 184 TRP A NE1   1 
ATOM   1409 C CE2   . TRP A 1 184 ? -11.901 -2.652  -1.079  1.00 15.00 ? 184 TRP A CE2   1 
ATOM   1410 C CE3   . TRP A 1 184 ? -11.941 -4.641  -2.440  1.00 15.00 ? 184 TRP A CE3   1 
ATOM   1411 C CZ2   . TRP A 1 184 ? -12.253 -1.842  -2.170  1.00 15.00 ? 184 TRP A CZ2   1 
ATOM   1412 C CZ3   . TRP A 1 184 ? -12.289 -3.835  -3.523  1.00 15.00 ? 184 TRP A CZ3   1 
ATOM   1413 C CH2   . TRP A 1 184 ? -12.440 -2.451  -3.378  1.00 15.00 ? 184 TRP A CH2   1 
ATOM   1414 N N     . GLY A 1 185 ? -9.433  -8.126  2.808   1.00 15.00 ? 185 GLY A N     1 
ATOM   1415 C CA    . GLY A 1 185 ? -9.507  -9.495  3.267   1.00 15.00 ? 185 GLY A CA    1 
ATOM   1416 C C     . GLY A 1 185 ? -8.960  -10.460 2.240   1.00 15.00 ? 185 GLY A C     1 
ATOM   1417 O O     . GLY A 1 185 ? -8.747  -10.108 1.082   1.00 15.00 ? 185 GLY A O     1 
ATOM   1418 N N     . GLU A 1 186 ? -8.752  -11.694 2.678   1.00 15.00 ? 186 GLU A N     1 
ATOM   1419 C CA    . GLU A 1 186 ? -8.216  -12.759 1.840   1.00 15.00 ? 186 GLU A CA    1 
ATOM   1420 C C     . GLU A 1 186 ? -9.331  -13.327 0.977   1.00 15.00 ? 186 GLU A C     1 
ATOM   1421 O O     . GLU A 1 186 ? -9.094  -14.080 0.038   1.00 15.00 ? 186 GLU A O     1 
ATOM   1422 C CB    . GLU A 1 186 ? -7.655  -13.842 2.764   1.00 15.00 ? 186 GLU A CB    1 
ATOM   1423 C CG    . GLU A 1 186 ? -7.020  -15.042 2.108   1.00 15.00 ? 186 GLU A CG    1 
ATOM   1424 C CD    . GLU A 1 186 ? -6.409  -16.012 3.126   1.00 15.00 ? 186 GLU A CD    1 
ATOM   1425 O OE1   . GLU A 1 186 ? -6.515  -15.772 4.355   1.00 15.00 ? 186 GLU A OE1   1 
ATOM   1426 O OE2   . GLU A 1 186 ? -5.810  -17.024 2.696   1.00 15.00 ? 186 GLU A OE2   1 
ATOM   1427 N N     . ASN A 1 187 ? -10.542 -12.868 1.255   1.00 15.00 ? 187 ASN A N     1 
ATOM   1428 C CA    . ASN A 1 187 ? -11.752 -13.319 0.594   1.00 15.00 ? 187 ASN A CA    1 
ATOM   1429 C C     . ASN A 1 187 ? -12.158 -12.459 -0.608  1.00 15.00 ? 187 ASN A C     1 
ATOM   1430 O O     . ASN A 1 187 ? -13.229 -12.668 -1.172  1.00 15.00 ? 187 ASN A O     1 
ATOM   1431 C CB    . ASN A 1 187 ? -12.859 -13.319 1.657   1.00 15.00 ? 187 ASN A CB    1 
ATOM   1432 C CG    . ASN A 1 187 ? -14.059 -14.165 1.283   1.00 15.00 ? 187 ASN A CG    1 
ATOM   1433 O OD1   . ASN A 1 187 ? -15.201 -13.718 1.421   1.00 15.00 ? 187 ASN A OD1   1 
ATOM   1434 N ND2   . ASN A 1 187 ? -13.820 -15.417 0.892   1.00 15.00 ? 187 ASN A ND2   1 
ATOM   1435 N N     . TRP A 1 188 ? -11.340 -11.476 -0.980  1.00 15.00 ? 188 TRP A N     1 
ATOM   1436 C CA    . TRP A 1 188 ? -11.652 -10.612 -2.127  1.00 15.00 ? 188 TRP A CA    1 
ATOM   1437 C C     . TRP A 1 188 ? -10.711 -10.905 -3.284  1.00 15.00 ? 188 TRP A C     1 
ATOM   1438 O O     . TRP A 1 188 ? -9.548  -11.237 -3.066  1.00 15.00 ? 188 TRP A O     1 
ATOM   1439 C CB    . TRP A 1 188 ? -11.514 -9.132  -1.750  1.00 15.00 ? 188 TRP A CB    1 
ATOM   1440 C CG    . TRP A 1 188 ? -11.726 -8.218  -2.904  1.00 15.00 ? 188 TRP A CG    1 
ATOM   1441 C CD1   . TRP A 1 188 ? -12.918 -7.852  -3.437  1.00 15.00 ? 188 TRP A CD1   1 
ATOM   1442 C CD2   . TRP A 1 188 ? -10.716 -7.616  -3.728  1.00 15.00 ? 188 TRP A CD2   1 
ATOM   1443 N NE1   . TRP A 1 188 ? -12.723 -7.074  -4.554  1.00 15.00 ? 188 TRP A NE1   1 
ATOM   1444 C CE2   . TRP A 1 188 ? -11.379 -6.913  -4.757  1.00 15.00 ? 188 TRP A CE2   1 
ATOM   1445 C CE3   . TRP A 1 188 ? -9.314  -7.607  -3.699  1.00 15.00 ? 188 TRP A CE3   1 
ATOM   1446 C CZ2   . TRP A 1 188 ? -10.693 -6.210  -5.754  1.00 15.00 ? 188 TRP A CZ2   1 
ATOM   1447 C CZ3   . TRP A 1 188 ? -8.632  -6.906  -4.691  1.00 15.00 ? 188 TRP A CZ3   1 
ATOM   1448 C CH2   . TRP A 1 188 ? -9.323  -6.219  -5.704  1.00 15.00 ? 188 TRP A CH2   1 
ATOM   1449 N N     . GLY A 1 189 ? -11.193 -10.744 -4.510  1.00 15.00 ? 189 GLY A N     1 
ATOM   1450 C CA    . GLY A 1 189 ? -10.361 -10.990 -5.672  1.00 15.00 ? 189 GLY A CA    1 
ATOM   1451 C C     . GLY A 1 189 ? -9.564  -12.282 -5.586  1.00 15.00 ? 189 GLY A C     1 
ATOM   1452 O O     . GLY A 1 189 ? -10.055 -13.307 -5.102  1.00 15.00 ? 189 GLY A O     1 
ATOM   1453 N N     . ASN A 1 190 ? -8.306  -12.212 -6.007  1.00 15.00 ? 190 ASN A N     1 
ATOM   1454 C CA    . ASN A 1 190 ? -7.416  -13.371 -6.002  1.00 15.00 ? 190 ASN A CA    1 
ATOM   1455 C C     . ASN A 1 190 ? -6.698  -13.479 -4.661  1.00 15.00 ? 190 ASN A C     1 
ATOM   1456 O O     . ASN A 1 190 ? -5.587  -12.980 -4.495  1.00 15.00 ? 190 ASN A O     1 
ATOM   1457 C CB    . ASN A 1 190 ? -6.396  -13.255 -7.147  1.00 15.00 ? 190 ASN A CB    1 
ATOM   1458 C CG    . ASN A 1 190 ? -5.774  -14.590 -7.525  1.00 15.00 ? 190 ASN A CG    1 
ATOM   1459 O OD1   . ASN A 1 190 ? -5.467  -15.423 -6.670  1.00 15.00 ? 190 ASN A OD1   1 
ATOM   1460 N ND2   . ASN A 1 190 ? -5.581  -14.794 -8.814  1.00 15.00 ? 190 ASN A ND2   1 
ATOM   1461 N N     . LYS A 1 191 ? -7.355  -14.092 -3.689  1.00 15.00 ? 191 LYS A N     1 
ATOM   1462 C CA    . LYS A 1 191 ? -6.776  -14.263 -2.364  1.00 15.00 ? 191 LYS A CA    1 
ATOM   1463 C C     . LYS A 1 191 ? -6.226  -12.967 -1.772  1.00 15.00 ? 191 LYS A C     1 
ATOM   1464 O O     . LYS A 1 191 ? -5.212  -12.972 -1.076  1.00 15.00 ? 191 LYS A O     1 
ATOM   1465 C CB    . LYS A 1 191 ? -5.707  -15.355 -2.394  1.00 15.00 ? 191 LYS A CB    1 
ATOM   1466 C CG    . LYS A 1 191 ? -6.268  -16.733 -2.733  1.00 15.00 ? 191 LYS A CG    1 
ATOM   1467 C CD    . LYS A 1 191 ? -7.131  -17.285 -1.590  1.00 15.00 ? 191 LYS A CD    1 
ATOM   1468 C CE    . LYS A 1 191 ? -8.444  -17.931 -2.082  1.00 15.00 ? 191 LYS A CE    1 
ATOM   1469 N NZ    . LYS A 1 191 ? -9.518  -16.920 -2.415  1.00 15.00 ? 191 LYS A NZ    1 
ATOM   1470 N N     . GLY A 1 192 ? -6.916  -11.864 -2.039  1.00 15.00 ? 192 GLY A N     1 
ATOM   1471 C CA    . GLY A 1 192 ? -6.514  -10.580 -1.504  1.00 15.00 ? 192 GLY A CA    1 
ATOM   1472 C C     . GLY A 1 192 ? -5.716  -9.675  -2.421  1.00 15.00 ? 192 GLY A C     1 
ATOM   1473 O O     . GLY A 1 192 ? -5.455  -8.518  -2.073  1.00 15.00 ? 192 GLY A O     1 
ATOM   1474 N N     . TYR A 1 193 ? -5.325  -10.181 -3.585  1.00 15.00 ? 193 TYR A N     1 
ATOM   1475 C CA    . TYR A 1 193 ? -4.543  -9.391  -4.526  1.00 15.00 ? 193 TYR A CA    1 
ATOM   1476 C C     . TYR A 1 193 ? -5.284  -9.175  -5.820  1.00 15.00 ? 193 TYR A C     1 
ATOM   1477 O O     . TYR A 1 193 ? -6.314  -9.799  -6.067  1.00 15.00 ? 193 TYR A O     1 
ATOM   1478 C CB    . TYR A 1 193 ? -3.215  -10.078 -4.845  1.00 15.00 ? 193 TYR A CB    1 
ATOM   1479 C CG    . TYR A 1 193 ? -2.257  -10.111 -3.697  1.00 15.00 ? 193 TYR A CG    1 
ATOM   1480 C CD1   . TYR A 1 193 ? -2.395  -11.045 -2.675  1.00 15.00 ? 193 TYR A CD1   1 
ATOM   1481 C CD2   . TYR A 1 193 ? -1.213  -9.207  -3.623  1.00 15.00 ? 193 TYR A CD2   1 
ATOM   1482 C CE1   . TYR A 1 193 ? -1.515  -11.068 -1.604  1.00 15.00 ? 193 TYR A CE1   1 
ATOM   1483 C CE2   . TYR A 1 193 ? -0.324  -9.224  -2.558  1.00 15.00 ? 193 TYR A CE2   1 
ATOM   1484 C CZ    . TYR A 1 193 ? -0.482  -10.152 -1.555  1.00 15.00 ? 193 TYR A CZ    1 
ATOM   1485 O OH    . TYR A 1 193 ? 0.401   -10.153 -0.505  1.00 15.00 ? 193 TYR A OH    1 
ATOM   1486 N N     . ILE A 1 194 ? -4.718  -8.323  -6.667  1.00 15.00 ? 194 ILE A N     1 
ATOM   1487 C CA    . ILE A 1 194 ? -5.299  -8.029  -7.960  1.00 15.00 ? 194 ILE A CA    1 
ATOM   1488 C C     . ILE A 1 194 ? -4.223  -7.616  -8.943  1.00 15.00 ? 194 ILE A C     1 
ATOM   1489 O O     . ILE A 1 194 ? -3.357  -6.818  -8.628  1.00 15.00 ? 194 ILE A O     1 
ATOM   1490 C CB    . ILE A 1 194 ? -6.369  -6.923  -7.880  1.00 15.00 ? 194 ILE A CB    1 
ATOM   1491 C CG1   . ILE A 1 194 ? -6.852  -6.579  -9.288  1.00 15.00 ? 194 ILE A CG1   1 
ATOM   1492 C CG2   . ILE A 1 194 ? -5.825  -5.699  -7.177  1.00 15.00 ? 194 ILE A CG2   1 
ATOM   1493 C CD1   . ILE A 1 194 ? -8.031  -5.672  -9.323  1.00 15.00 ? 194 ILE A CD1   1 
ATOM   1494 N N     . LEU A 1 195 ? -4.269  -8.207  -10.125 1.00 15.00 ? 195 LEU A N     1 
ATOM   1495 C CA    . LEU A 1 195 ? -3.327  -7.907  -11.177 1.00 15.00 ? 195 LEU A CA    1 
ATOM   1496 C C     . LEU A 1 195 ? -3.928  -6.820  -12.053 1.00 15.00 ? 195 LEU A C     1 
ATOM   1497 O O     . LEU A 1 195 ? -4.885  -7.058  -12.782 1.00 15.00 ? 195 LEU A O     1 
ATOM   1498 C CB    . LEU A 1 195 ? -3.032  -9.170  -11.989 1.00 15.00 ? 195 LEU A CB    1 
ATOM   1499 C CG    . LEU A 1 195 ? -1.817  -10.010 -11.569 1.00 15.00 ? 195 LEU A CG    1 
ATOM   1500 C CD1   . LEU A 1 195 ? -1.676  -10.089 -10.064 1.00 15.00 ? 195 LEU A CD1   1 
ATOM   1501 C CD2   . LEU A 1 195 ? -1.931  -11.396 -12.157 1.00 15.00 ? 195 LEU A CD2   1 
ATOM   1502 N N     . MET A 1 196 ? -3.397  -5.611  -11.929 1.00 15.00 ? 196 MET A N     1 
ATOM   1503 C CA    . MET A 1 196 ? -3.872  -4.489  -12.715 1.00 15.00 ? 196 MET A CA    1 
ATOM   1504 C C     . MET A 1 196 ? -2.941  -4.280  -13.902 1.00 15.00 ? 196 MET A C     1 
ATOM   1505 O O     . MET A 1 196 ? -1.803  -4.733  -13.880 1.00 15.00 ? 196 MET A O     1 
ATOM   1506 C CB    . MET A 1 196 ? -3.952  -3.250  -11.841 1.00 15.00 ? 196 MET A CB    1 
ATOM   1507 C CG    . MET A 1 196 ? -5.020  -3.350  -10.773 1.00 15.00 ? 196 MET A CG    1 
ATOM   1508 S SD    . MET A 1 196 ? -5.009  -1.977  -9.637  1.00 15.00 ? 196 MET A SD    1 
ATOM   1509 C CE    . MET A 1 196 ? -5.685  -0.682  -10.653 1.00 15.00 ? 196 MET A CE    1 
ATOM   1510 N N     . ALA A 1 197 ? -3.435  -3.626  -14.948 1.00 15.00 ? 197 ALA A N     1 
ATOM   1511 C CA    . ALA A 1 197 ? -2.653  -3.382  -16.167 1.00 15.00 ? 197 ALA A CA    1 
ATOM   1512 C C     . ALA A 1 197 ? -1.509  -2.379  -16.028 1.00 15.00 ? 197 ALA A C     1 
ATOM   1513 O O     . ALA A 1 197 ? -1.660  -1.320  -15.421 1.00 15.00 ? 197 ALA A O     1 
ATOM   1514 C CB    . ALA A 1 197 ? -3.578  -2.961  -17.316 1.00 15.00 ? 197 ALA A CB    1 
ATOM   1515 N N     . ARG A 1 198 ? -0.393  -2.698  -16.673 1.00 15.00 ? 198 ARG A N     1 
ATOM   1516 C CA    . ARG A 1 198 ? 0.795   -1.854  -16.655 1.00 15.00 ? 198 ARG A CA    1 
ATOM   1517 C C     . ARG A 1 198 ? 1.094   -1.342  -18.052 1.00 15.00 ? 198 ARG A C     1 
ATOM   1518 O O     . ARG A 1 198 ? 1.060   -2.098  -19.023 1.00 15.00 ? 198 ARG A O     1 
ATOM   1519 C CB    . ARG A 1 198 ? 1.998   -2.640  -16.128 1.00 15.00 ? 198 ARG A CB    1 
ATOM   1520 C CG    . ARG A 1 198 ? 3.320   -1.913  -16.241 1.00 15.00 ? 198 ARG A CG    1 
ATOM   1521 C CD    . ARG A 1 198 ? 4.351   -2.485  -15.284 1.00 15.00 ? 198 ARG A CD    1 
ATOM   1522 N NE    . ARG A 1 198 ? 4.651   -3.888  -15.539 1.00 15.00 ? 198 ARG A NE    1 
ATOM   1523 C CZ    . ARG A 1 198 ? 5.570   -4.300  -16.405 1.00 15.00 ? 198 ARG A CZ    1 
ATOM   1524 N NH1   . ARG A 1 198 ? 6.274   -3.413  -17.105 1.00 15.00 ? 198 ARG A NH1   1 
ATOM   1525 N NH2   . ARG A 1 198 ? 5.807   -5.595  -16.553 1.00 15.00 ? 198 ARG A NH2   1 
ATOM   1526 N N     . ASN A 1 199 ? 1.376   -0.048  -18.144 1.00 15.00 ? 199 ASN A N     1 
ATOM   1527 C CA    . ASN A 1 199 ? 1.687   0.598   -19.416 1.00 15.00 ? 199 ASN A CA    1 
ATOM   1528 C C     . ASN A 1 199 ? 0.465   0.871   -20.286 1.00 15.00 ? 199 ASN A C     1 
ATOM   1529 O O     . ASN A 1 199 ? 0.590   1.268   -21.450 1.00 15.00 ? 199 ASN A O     1 
ATOM   1530 C CB    . ASN A 1 199 ? 2.759   -0.175  -20.198 1.00 15.00 ? 199 ASN A CB    1 
ATOM   1531 C CG    . ASN A 1 199 ? 4.151   -0.002  -19.606 1.00 15.00 ? 199 ASN A CG    1 
ATOM   1532 O OD1   . ASN A 1 199 ? 4.989   -0.902  -19.688 1.00 15.00 ? 199 ASN A OD1   1 
ATOM   1533 N ND2   . ASN A 1 199 ? 4.404   1.165   -19.000 1.00 15.00 ? 199 ASN A ND2   1 
ATOM   1534 N N     . LYS A 1 200 ? -0.719  0.684   -19.716 1.00 15.00 ? 200 LYS A N     1 
ATOM   1535 C CA    . LYS A 1 200 ? -1.954  0.963   -20.435 1.00 15.00 ? 200 LYS A CA    1 
ATOM   1536 C C     . LYS A 1 200 ? -2.291  2.425   -20.169 1.00 15.00 ? 200 LYS A C     1 
ATOM   1537 O O     . LYS A 1 200 ? -3.319  2.732   -19.565 1.00 15.00 ? 200 LYS A O     1 
ATOM   1538 C CB    . LYS A 1 200 ? -3.096  0.056   -19.955 1.00 15.00 ? 200 LYS A CB    1 
ATOM   1539 C CG    . LYS A 1 200 ? -3.117  -1.334  -20.577 1.00 15.00 ? 200 LYS A CG    1 
ATOM   1540 C CD    . LYS A 1 200 ? -3.257  -1.237  -22.089 1.00 15.00 ? 200 LYS A CD    1 
ATOM   1541 C CE    . LYS A 1 200 ? -3.224  -2.602  -22.755 1.00 15.00 ? 200 LYS A CE    1 
ATOM   1542 N NZ    . LYS A 1 200 ? -3.077  -2.476  -24.235 1.00 15.00 ? 200 LYS A NZ    1 
ATOM   1543 N N     . ASN A 1 201 ? -1.366  3.315   -20.514 1.00 15.00 ? 201 ASN A N     1 
ATOM   1544 C CA    . ASN A 1 201 ? -1.572  4.752   -20.334 1.00 15.00 ? 201 ASN A CA    1 
ATOM   1545 C C     . ASN A 1 201 ? -2.099  5.111   -18.931 1.00 15.00 ? 201 ASN A C     1 
ATOM   1546 O O     . ASN A 1 201 ? -3.207  5.644   -18.787 1.00 15.00 ? 201 ASN A O     1 
ATOM   1547 C CB    . ASN A 1 201 ? -2.541  5.258   -21.417 1.00 15.00 ? 201 ASN A CB    1 
ATOM   1548 C CG    . ASN A 1 201 ? -2.543  6.786   -21.567 1.00 15.00 ? 201 ASN A CG    1 
ATOM   1549 O OD1   . ASN A 1 201 ? -2.793  7.310   -22.674 1.00 15.00 ? 201 ASN A OD1   1 
ATOM   1550 N ND2   . ASN A 1 201 ? -2.319  7.510   -20.465 1.00 15.00 ? 201 ASN A ND2   1 
ATOM   1551 N N     . ASN A 1 202 ? -1.302  4.814   -17.907 1.00 15.00 ? 202 ASN A N     1 
ATOM   1552 C CA    . ASN A 1 202 ? -1.642  5.117   -16.511 1.00 15.00 ? 202 ASN A CA    1 
ATOM   1553 C C     . ASN A 1 202 ? -3.067  4.712   -16.119 1.00 15.00 ? 202 ASN A C     1 
ATOM   1554 O O     . ASN A 1 202 ? -3.833  5.516   -15.560 1.00 15.00 ? 202 ASN A O     1 
ATOM   1555 C CB    . ASN A 1 202 ? -1.417  6.608   -16.223 1.00 15.00 ? 202 ASN A CB    1 
ATOM   1556 C CG    . ASN A 1 202 ? -1.097  6.879   -14.772 1.00 15.00 ? 202 ASN A CG    1 
ATOM   1557 O OD1   . ASN A 1 202 ? -0.712  5.976   -14.034 1.00 15.00 ? 202 ASN A OD1   1 
ATOM   1558 N ND2   . ASN A 1 202 ? -1.243  8.128   -14.355 1.00 15.00 ? 202 ASN A ND2   1 
ATOM   1559 N N     . ALA A 1 203 ? -3.390  3.450   -16.377 1.00 15.00 ? 203 ALA A N     1 
ATOM   1560 C CA    . ALA A 1 203 ? -4.717  2.896   -16.113 1.00 15.00 ? 203 ALA A CA    1 
ATOM   1561 C C     . ALA A 1 203 ? -5.066  3.064   -14.625 1.00 15.00 ? 203 ALA A C     1 
ATOM   1562 O O     . ALA A 1 203 ? -4.384  2.560   -13.747 1.00 15.00 ? 203 ALA A O     1 
ATOM   1563 C CB    . ALA A 1 203 ? -4.756  1.400   -16.417 1.00 15.00 ? 203 ALA A CB    1 
ATOM   1564 N N     . CYS A 1 204 ? -6.165  3.772   -14.378 1.00 15.00 ? 204 CYS A N     1 
ATOM   1565 C CA    . CYS A 1 204 ? -6.647  3.991   -13.022 1.00 15.00 ? 204 CYS A CA    1 
ATOM   1566 C C     . CYS A 1 204 ? -5.730  4.855   -12.166 1.00 15.00 ? 204 CYS A C     1 
ATOM   1567 O O     . CYS A 1 204 ? -5.867  4.861   -10.946 1.00 15.00 ? 204 CYS A O     1 
ATOM   1568 C CB    . CYS A 1 204 ? -6.896  2.660   -12.302 1.00 15.00 ? 204 CYS A CB    1 
ATOM   1569 S SG    . CYS A 1 204 ? -8.175  1.577   -13.024 1.00 15.00 ? 204 CYS A SG    1 
ATOM   1570 N N     . GLY A 1 205 ? -4.809  5.587   -12.794 1.00 15.00 ? 205 GLY A N     1 
ATOM   1571 C CA    . GLY A 1 205 ? -3.899  6.453   -12.052 1.00 15.00 ? 205 GLY A CA    1 
ATOM   1572 C C     . GLY A 1 205 ? -2.933  5.754   -11.103 1.00 15.00 ? 205 GLY A C     1 
ATOM   1573 O O     . GLY A 1 205 ? -2.489  6.331   -10.110 1.00 15.00 ? 205 GLY A O     1 
ATOM   1574 N N     . ILE A 1 206 ? -2.562  4.529   -11.442 1.00 15.00 ? 206 ILE A N     1 
ATOM   1575 C CA    . ILE A 1 206 ? -1.655  3.738   -10.630 1.00 15.00 ? 206 ILE A CA    1 
ATOM   1576 C C     . ILE A 1 206 ? -0.389  4.490   -10.222 1.00 15.00 ? 206 ILE A C     1 
ATOM   1577 O O     . ILE A 1 206 ? 0.079   4.344   -9.089  1.00 15.00 ? 206 ILE A O     1 
ATOM   1578 C CB    . ILE A 1 206 ? -1.303  2.413   -11.350 1.00 15.00 ? 206 ILE A CB    1 
ATOM   1579 C CG1   . ILE A 1 206 ? -0.237  1.637   -10.580 1.00 15.00 ? 206 ILE A CG1   1 
ATOM   1580 C CG2   . ILE A 1 206 ? -0.873  2.686   -12.774 1.00 15.00 ? 206 ILE A CG2   1 
ATOM   1581 C CD1   . ILE A 1 206 ? -0.703  1.106   -9.257  1.00 15.00 ? 206 ILE A CD1   1 
ATOM   1582 N N     . ALA A 1 207 ? 0.147   5.319   -11.117 1.00 15.00 ? 207 ALA A N     1 
ATOM   1583 C CA    . ALA A 1 207 ? 1.359   6.083   -10.811 1.00 15.00 ? 207 ALA A CA    1 
ATOM   1584 C C     . ALA A 1 207 ? 1.071   7.560   -10.618 1.00 15.00 ? 207 ALA A C     1 
ATOM   1585 O O     . ALA A 1 207 ? 1.926   8.396   -10.873 1.00 15.00 ? 207 ALA A O     1 
ATOM   1586 C CB    . ALA A 1 207 ? 2.377   5.911   -11.910 1.00 15.00 ? 207 ALA A CB    1 
ATOM   1587 N N     . ASN A 1 208 ? -0.117  7.884   -10.127 1.00 15.00 ? 208 ASN A N     1 
ATOM   1588 C CA    . ASN A 1 208 ? -0.510  9.275   -9.929  1.00 15.00 ? 208 ASN A CA    1 
ATOM   1589 C C     . ASN A 1 208 ? -0.296  9.825   -8.520  1.00 15.00 ? 208 ASN A C     1 
ATOM   1590 O O     . ASN A 1 208 ? -0.360  11.033  -8.305  1.00 15.00 ? 208 ASN A O     1 
ATOM   1591 C CB    . ASN A 1 208 ? -1.981  9.448   -10.325 1.00 15.00 ? 208 ASN A CB    1 
ATOM   1592 C CG    . ASN A 1 208 ? -2.166  10.416  -11.472 1.00 15.00 ? 208 ASN A CG    1 
ATOM   1593 O OD1   . ASN A 1 208 ? -1.832  10.115  -12.620 1.00 15.00 ? 208 ASN A OD1   1 
ATOM   1594 N ND2   . ASN A 1 208 ? -2.705  11.588  -11.172 1.00 15.00 ? 208 ASN A ND2   1 
ATOM   1595 N N     . LEU A 1 209 ? -0.048  8.949   -7.555  1.00 15.00 ? 209 LEU A N     1 
ATOM   1596 C CA    . LEU A 1 209 ? 0.141   9.392   -6.183  1.00 15.00 ? 209 LEU A CA    1 
ATOM   1597 C C     . LEU A 1 209 ? 1.010   8.393   -5.426  1.00 15.00 ? 209 LEU A C     1 
ATOM   1598 O O     . LEU A 1 209 ? 0.788   8.140   -4.240  1.00 15.00 ? 209 LEU A O     1 
ATOM   1599 C CB    . LEU A 1 209 ? -1.229  9.527   -5.514  1.00 15.00 ? 209 LEU A CB    1 
ATOM   1600 C CG    . LEU A 1 209 ? -1.385  10.181  -4.139  1.00 15.00 ? 209 LEU A CG    1 
ATOM   1601 C CD1   . LEU A 1 209 ? -0.976  11.642  -4.193  1.00 15.00 ? 209 LEU A CD1   1 
ATOM   1602 C CD2   . LEU A 1 209 ? -2.827  10.076  -3.703  1.00 15.00 ? 209 LEU A CD2   1 
ATOM   1603 N N     . ALA A 1 210 ? 2.020   7.849   -6.099  1.00 15.00 ? 210 ALA A N     1 
ATOM   1604 C CA    . ALA A 1 210 ? 2.890   6.834   -5.509  1.00 15.00 ? 210 ALA A CA    1 
ATOM   1605 C C     . ALA A 1 210 ? 3.901   7.499   -4.561  1.00 15.00 ? 210 ALA A C     1 
ATOM   1606 O O     . ALA A 1 210 ? 4.240   8.666   -4.660  1.00 15.00 ? 210 ALA A O     1 
ATOM   1607 C CB    . ALA A 1 210 ? 3.671   6.104   -6.559  1.00 15.00 ? 210 ALA A CB    1 
ATOM   1608 N N     . SER A 1 211 ? 4.378   6.688   -3.589  1.00 15.00 ? 211 SER A N     1 
ATOM   1609 C CA    . SER A 1 211 ? 5.381   7.131   -2.617  1.00 15.00 ? 211 SER A CA    1 
ATOM   1610 C C     . SER A 1 211 ? 5.856   5.930   -1.810  1.00 15.00 ? 211 SER A C     1 
ATOM   1611 O O     . SER A 1 211 ? 5.212   4.880   -1.798  1.00 15.00 ? 211 SER A O     1 
ATOM   1612 C CB    . SER A 1 211 ? 4.808   8.188   -1.676  1.00 15.00 ? 211 SER A CB    1 
ATOM   1613 O OG    . SER A 1 211 ? 3.814   7.646   -0.830  1.00 15.00 ? 211 SER A OG    1 
ATOM   1614 N N     . PHE A 1 212 ? 6.995   6.075   -1.159  1.00 15.00 ? 212 PHE A N     1 
ATOM   1615 C CA    . PHE A 1 212 ? 7.550   5.008   -0.347  1.00 15.00 ? 212 PHE A CA    1 
ATOM   1616 C C     . PHE A 1 212 ? 8.399   5.660   0.742   1.00 15.00 ? 212 PHE A C     1 
ATOM   1617 O O     . PHE A 1 212 ? 8.939   6.750   0.540   1.00 15.00 ? 212 PHE A O     1 
ATOM   1618 C CB    . PHE A 1 212 ? 8.381   4.057   -1.222  1.00 15.00 ? 212 PHE A CB    1 
ATOM   1619 C CG    . PHE A 1 212 ? 9.468   4.739   -2.018  1.00 15.00 ? 212 PHE A CG    1 
ATOM   1620 C CD1   . PHE A 1 212 ? 10.655  5.158   -1.400  1.00 15.00 ? 212 PHE A CD1   1 
ATOM   1621 C CD2   . PHE A 1 212 ? 9.326   4.936   -3.382  1.00 15.00 ? 212 PHE A CD2   1 
ATOM   1622 C CE1   . PHE A 1 212 ? 11.680  5.758   -2.135  1.00 15.00 ? 212 PHE A CE1   1 
ATOM   1623 C CE2   . PHE A 1 212 ? 10.336  5.529   -4.118  1.00 15.00 ? 212 PHE A CE2   1 
ATOM   1624 C CZ    . PHE A 1 212 ? 11.516  5.943   -3.495  1.00 15.00 ? 212 PHE A CZ    1 
ATOM   1625 N N     . PRO A 1 213 ? 8.478   5.042   1.928   1.00 15.00 ? 213 PRO A N     1 
ATOM   1626 C CA    . PRO A 1 213 ? 9.266   5.597   3.031   1.00 15.00 ? 213 PRO A CA    1 
ATOM   1627 C C     . PRO A 1 213 ? 10.750  5.253   2.922   1.00 15.00 ? 213 PRO A C     1 
ATOM   1628 O O     . PRO A 1 213 ? 11.118  4.257   2.309   1.00 15.00 ? 213 PRO A O     1 
ATOM   1629 C CB    . PRO A 1 213 ? 8.641   4.918   4.237   1.00 15.00 ? 213 PRO A CB    1 
ATOM   1630 C CG    . PRO A 1 213 ? 8.388   3.553   3.722   1.00 15.00 ? 213 PRO A CG    1 
ATOM   1631 C CD    . PRO A 1 213 ? 7.835   3.781   2.331   1.00 15.00 ? 213 PRO A CD    1 
ATOM   1632 N N     . LYS A 1 214 ? 11.603  6.073   3.521   1.00 15.00 ? 214 LYS A N     1 
ATOM   1633 C CA    . LYS A 1 214 ? 13.043  5.817   3.495   1.00 15.00 ? 214 LYS A CA    1 
ATOM   1634 C C     . LYS A 1 214 ? 13.513  5.302   4.840   1.00 15.00 ? 214 LYS A C     1 
ATOM   1635 O O     . LYS A 1 214 ? 13.110  5.829   5.878   1.00 15.00 ? 214 LYS A O     1 
ATOM   1636 C CB    . LYS A 1 214 ? 13.813  7.082   3.132   1.00 15.00 ? 214 LYS A CB    1 
ATOM   1637 C CG    . LYS A 1 214 ? 13.662  7.470   1.681   1.00 15.00 ? 214 LYS A CG    1 
ATOM   1638 C CD    . LYS A 1 214 ? 14.586  8.616   1.284   1.00 15.00 ? 214 LYS A CD    1 
ATOM   1639 C CE    . LYS A 1 214 ? 14.228  9.931   1.969   1.00 15.00 ? 214 LYS A CE    1 
ATOM   1640 N NZ    . LYS A 1 214 ? 14.772  10.040  3.355   1.00 15.00 ? 214 LYS A NZ    1 
ATOM   1641 N N     . MET A 1 215 ? 14.339  4.262   4.814   1.00 15.00 ? 215 MET A N     1 
ATOM   1642 C CA    . MET A 1 215 ? 14.887  3.664   6.029   1.00 15.00 ? 215 MET A CA    1 
ATOM   1643 C C     . MET A 1 215 ? 16.407  3.853   6.120   1.00 15.00 ? 215 MET A C     1 
ATOM   1644 O O     . MET A 1 215 ? 17.055  4.140   5.083   1.00 15.00 ? 215 MET A O     1 
ATOM   1645 C CB    . MET A 1 215 ? 14.559  2.174   6.076   1.00 15.00 ? 215 MET A CB    1 
ATOM   1646 C CG    . MET A 1 215 ? 13.127  1.858   6.403   1.00 15.00 ? 215 MET A CG    1 
ATOM   1647 S SD    . MET A 1 215 ? 12.878  1.573   8.154   1.00 15.00 ? 215 MET A SD    1 
ATOM   1648 C CE    . MET A 1 215 ? 13.364  -0.145  8.292   1.00 15.00 ? 215 MET A CE    1 
ATOM   1649 O OXT   . MET A 1 215 ? 16.946  3.698   7.238   1.00 15.00 ? 215 MET A OXT   1 
HETATM 1650 C C1    . IN3 B 2 .   ? -14.156 -5.308  2.556   1.00 15.00 ? 300 IN3 A C1    1 
HETATM 1651 C C2    . IN3 B 2 .   ? -13.308 -4.583  3.397   1.00 15.00 ? 300 IN3 A C2    1 
HETATM 1652 C C3    . IN3 B 2 .   ? -13.512 -3.219  3.583   1.00 15.00 ? 300 IN3 A C3    1 
HETATM 1653 C C4    . IN3 B 2 .   ? -14.562 -2.559  2.941   1.00 15.00 ? 300 IN3 A C4    1 
HETATM 1654 C C5    . IN3 B 2 .   ? -15.405 -3.295  2.105   1.00 15.00 ? 300 IN3 A C5    1 
HETATM 1655 C C6    . IN3 B 2 .   ? -15.209 -4.662  1.907   1.00 15.00 ? 300 IN3 A C6    1 
HETATM 1656 C C7    . IN3 B 2 .   ? -14.795 -1.083  3.160   1.00 15.00 ? 300 IN3 A C7    1 
HETATM 1657 O O8    . IN3 B 2 .   ? -13.973 -0.099  2.522   1.00 15.00 ? 300 IN3 A O8    1 
HETATM 1658 C C9    . IN3 B 2 .   ? -14.458 0.808   1.534   1.00 15.00 ? 300 IN3 A C9    1 
HETATM 1659 C C10   . IN3 B 2 .   ? -15.771 1.235   1.348   1.00 15.00 ? 300 IN3 A C10   1 
HETATM 1660 C C11   . IN3 B 2 .   ? -13.769 2.199   -0.341  1.00 15.00 ? 300 IN3 A C11   1 
HETATM 1661 C C12   . IN3 B 2 .   ? -15.084 2.615   -0.524  1.00 15.00 ? 300 IN3 A C12   1 
HETATM 1662 C C14   . IN3 B 2 .   ? -16.091 2.139   0.320   1.00 15.00 ? 300 IN3 A C14   1 
HETATM 1663 C C17   . IN3 B 2 .   ? -12.533 2.619   -1.023  1.00 15.00 ? 300 IN3 A C17   1 
HETATM 1664 O O18   . IN3 B 2 .   ? -12.202 2.350   -2.183  1.00 15.00 ? 300 IN3 A O18   1 
HETATM 1665 N N19   . IN3 B 2 .   ? -11.882 3.346   -0.038  1.00 15.00 ? 300 IN3 A N19   1 
HETATM 1666 N N20   . IN3 B 2 .   ? -10.591 3.996   -0.131  1.00 15.00 ? 300 IN3 A N20   1 
HETATM 1667 C C24   . IN3 B 2 .   ? -13.481 1.297   0.682   1.00 15.00 ? 300 IN3 A C24   1 
HETATM 1668 C C21   . IN3 B 2 .   ? -10.031 4.220   1.254   1.00 15.00 ? 300 IN3 A C21   1 
HETATM 1669 O O22   . IN3 B 2 .   ? -10.716 3.631   2.120   1.00 15.00 ? 300 IN3 A O22   1 
HETATM 1670 C "C1'" . IN3 B 2 .   ? -6.308  12.955  -6.988  1.00 15.00 ? 300 IN3 A "C1'" 1 
HETATM 1671 C "C2'" . IN3 B 2 .   ? -5.450  13.022  -5.892  1.00 15.00 ? 300 IN3 A "C2'" 1 
HETATM 1672 C "C3'" . IN3 B 2 .   ? -5.926  12.697  -4.614  1.00 15.00 ? 300 IN3 A "C3'" 1 
HETATM 1673 C "C4'" . IN3 B 2 .   ? -7.255  12.307  -4.418  1.00 15.00 ? 300 IN3 A "C4'" 1 
HETATM 1674 C "C5'" . IN3 B 2 .   ? -8.107  12.243  -5.524  1.00 15.00 ? 300 IN3 A "C5'" 1 
HETATM 1675 C "C6'" . IN3 B 2 .   ? -7.647  12.566  -6.804  1.00 15.00 ? 300 IN3 A "C6'" 1 
HETATM 1676 C "C7'" . IN3 B 2 .   ? -7.760  11.965  -3.032  1.00 15.00 ? 300 IN3 A "C7'" 1 
HETATM 1677 O "O8'" . IN3 B 2 .   ? -8.229  10.646  -2.726  1.00 15.00 ? 300 IN3 A "O8'" 1 
HETATM 1678 C "C9'" . IN3 B 2 .   ? -7.732  9.981   -1.584  1.00 15.00 ? 300 IN3 A "C9'" 1 
HETATM 1679 O "OA'" . IN3 B 2 .   ? -7.166  10.618  -0.685  1.00 15.00 ? 300 IN3 A "OA'" 1 
HETATM 1680 C "CB'" . IN3 B 2 .   ? -7.461  7.756   -0.479  1.00 15.00 ? 300 IN3 A "CB'" 1 
HETATM 1681 C "CC'" . IN3 B 2 .   ? -6.117  8.199   0.103   1.00 15.00 ? 300 IN3 A "CC'" 1 
HETATM 1682 C "CE'" . IN3 B 2 .   ? -4.858  8.077   -0.754  1.00 15.00 ? 300 IN3 A "CE'" 1 
HETATM 1683 C "CF'" . IN3 B 2 .   ? -5.171  7.436   -2.097  1.00 15.00 ? 300 IN3 A "CF'" 1 
HETATM 1684 C "CG'" . IN3 B 2 .   ? -4.253  9.452   -0.937  1.00 15.00 ? 300 IN3 A "CG'" 1 
HETATM 1685 C "CH'" . IN3 B 2 .   ? -8.420  7.464   0.678   1.00 15.00 ? 300 IN3 A "CH'" 1 
HETATM 1686 O "OI'" . IN3 B 2 .   ? -8.561  8.253   1.614   1.00 15.00 ? 300 IN3 A "OI'" 1 
HETATM 1687 N "NJ'" . IN3 B 2 .   ? -9.033  6.289   0.568   1.00 15.00 ? 300 IN3 A "NJ'" 1 
HETATM 1688 N "NK'" . IN3 B 2 .   ? -9.986  5.708   1.505   1.00 15.00 ? 300 IN3 A "NK'" 1 
HETATM 1689 N "NO'" . IN3 B 2 .   ? -7.911  8.651   -1.563  1.00 15.00 ? 300 IN3 A "NO'" 1 
HETATM 1690 O O     . HOH C 3 .   ? 19.067  13.175  9.218   1.00 15.00 ? 302 HOH A O     1 
HETATM 1691 O O     . HOH C 3 .   ? -1.778  -5.445  4.412   1.00 15.00 ? 303 HOH A O     1 
HETATM 1692 O O     . HOH C 3 .   ? -2.554  -2.399  0.714   1.00 15.00 ? 304 HOH A O     1 
HETATM 1693 O O     . HOH C 3 .   ? -21.438 12.738  15.601  1.00 15.00 ? 305 HOH A O     1 
HETATM 1694 O O     . HOH C 3 .   ? -12.233 1.256   20.457  1.00 15.00 ? 306 HOH A O     1 
HETATM 1695 O O     . HOH C 3 .   ? 4.740   -5.340  1.860   1.00 15.00 ? 307 HOH A O     1 
HETATM 1696 O O     . HOH C 3 .   ? 3.244   15.472  2.228   1.00 15.00 ? 308 HOH A O     1 
HETATM 1697 O O     . HOH C 3 .   ? -13.842 -2.764  17.847  1.00 15.00 ? 309 HOH A O     1 
HETATM 1698 O O     . HOH C 3 .   ? 1.245   8.989   -1.900  1.00 15.00 ? 310 HOH A O     1 
HETATM 1699 O O     . HOH C 3 .   ? -23.160 11.336  23.836  1.00 15.00 ? 311 HOH A O     1 
HETATM 1700 O O     . HOH C 3 .   ? -6.023  10.326  11.090  1.00 15.00 ? 312 HOH A O     1 
HETATM 1701 O O     . HOH C 3 .   ? 1.343   -6.120  -22.199 1.00 15.00 ? 313 HOH A O     1 
HETATM 1702 O O     . HOH C 3 .   ? 8.875   -2.094  -19.575 1.00 15.00 ? 314 HOH A O     1 
HETATM 1703 O O     . HOH C 3 .   ? -3.379  -14.253 0.192   1.00 15.00 ? 315 HOH A O     1 
HETATM 1704 O O     . HOH C 3 .   ? 3.361   6.210   -17.888 1.00 15.00 ? 317 HOH A O     1 
HETATM 1705 O O     . HOH C 3 .   ? 7.771   17.214  0.757   1.00 15.00 ? 318 HOH A O     1 
HETATM 1706 O O     . HOH C 3 .   ? -1.121  -3.094  2.828   1.00 15.00 ? 319 HOH A O     1 
HETATM 1707 O O     . HOH C 3 .   ? -4.828  -0.760  0.927   1.00 15.00 ? 320 HOH A O     1 
HETATM 1708 O O     . HOH C 3 .   ? -0.053  10.675  -0.272  1.00 15.00 ? 321 HOH A O     1 
HETATM 1709 O O     . HOH C 3 .   ? -5.389  -16.147 17.853  1.00 15.00 ? 322 HOH A O     1 
HETATM 1710 O O     . HOH C 3 .   ? 18.958  -3.547  11.987  1.00 15.00 ? 323 HOH A O     1 
HETATM 1711 O O     . HOH C 3 .   ? 12.292  -4.795  14.671  1.00 15.00 ? 324 HOH A O     1 
HETATM 1712 O O     . HOH C 3 .   ? -11.203 -8.588  -14.673 1.00 15.00 ? 325 HOH A O     1 
HETATM 1713 O O     . HOH C 3 .   ? -8.643  0.720   -16.191 1.00 15.00 ? 326 HOH A O     1 
HETATM 1714 O O     . HOH C 3 .   ? 8.409   -4.593  -18.867 1.00 15.00 ? 327 HOH A O     1 
HETATM 1715 O O     . HOH C 3 .   ? -17.486 -6.512  2.098   1.00 15.00 ? 329 HOH A O     1 
HETATM 1716 O O     . HOH C 3 .   ? -2.712  -14.149 -5.113  1.00 15.00 ? 330 HOH A O     1 
HETATM 1717 O O     . HOH C 3 .   ? -12.717 -6.235  9.975   1.00 15.00 ? 331 HOH A O     1 
HETATM 1718 O O     . HOH C 3 .   ? 8.120   -1.489  0.808   1.00 15.00 ? 332 HOH A O     1 
HETATM 1719 O O     . HOH C 3 .   ? 16.904  -8.989  4.379   1.00 15.00 ? 333 HOH A O     1 
HETATM 1720 O O     . HOH C 3 .   ? 4.402   3.292   26.883  1.00 15.00 ? 334 HOH A O     1 
HETATM 1721 O O     . HOH C 3 .   ? -11.114 9.921   24.531  1.00 15.00 ? 335 HOH A O     1 
HETATM 1722 O O     . HOH C 3 .   ? 0.709   9.265   22.556  1.00 15.00 ? 336 HOH A O     1 
HETATM 1723 O O     . HOH C 3 .   ? 3.285   9.947   -7.513  1.00 15.00 ? 338 HOH A O     1 
HETATM 1724 O O     . HOH C 3 .   ? -13.378 -9.905  -5.805  1.00 15.00 ? 339 HOH A O     1 
HETATM 1725 O O     . HOH C 3 .   ? -6.906  5.450   -16.549 1.00 15.00 ? 341 HOH A O     1 
HETATM 1726 O O     . HOH C 3 .   ? -19.901 -13.658 -19.082 1.00 15.00 ? 342 HOH A O     1 
HETATM 1727 O O     . HOH C 3 .   ? 6.228   -0.212  -16.941 1.00 15.00 ? 343 HOH A O     1 
HETATM 1728 O O     . HOH C 3 .   ? 0.699   -16.268 -4.286  1.00 15.00 ? 351 HOH A O     1 
HETATM 1729 O O     . HOH C 3 .   ? -8.163  -7.626  -0.253  1.00 15.00 ? 352 HOH A O     1 
HETATM 1730 O O     . HOH C 3 .   ? -9.659  -19.126 1.460   1.00 15.00 ? 353 HOH A O     1 
HETATM 1731 O O     . HOH C 3 .   ? -5.202  -5.548  11.635  1.00 15.00 ? 354 HOH A O     1 
HETATM 1732 O O     . HOH C 3 .   ? -10.835 -12.100 5.275   1.00 15.00 ? 356 HOH A O     1 
HETATM 1733 O O     . HOH C 3 .   ? -15.421 -1.915  10.669  1.00 15.00 ? 357 HOH A O     1 
HETATM 1734 O O     . HOH C 3 .   ? 2.964   -6.089  3.709   1.00 15.00 ? 359 HOH A O     1 
HETATM 1735 O O     . HOH C 3 .   ? 3.159   10.288  19.551  1.00 15.00 ? 361 HOH A O     1 
HETATM 1736 O O     . HOH C 3 .   ? -0.660  11.186  20.918  1.00 15.00 ? 362 HOH A O     1 
HETATM 1737 O O     . HOH C 3 .   ? 4.331   16.485  22.663  1.00 15.00 ? 363 HOH A O     1 
HETATM 1738 O O     . HOH C 3 .   ? -0.003  15.595  -5.899  1.00 15.00 ? 364 HOH A O     1 
HETATM 1739 O O     . HOH C 3 .   ? 12.453  19.271  -12.434 1.00 15.00 ? 365 HOH A O     1 
HETATM 1740 O O     . HOH C 3 .   ? 3.593   16.244  8.478   1.00 15.00 ? 366 HOH A O     1 
HETATM 1741 O O     . HOH C 3 .   ? 2.291   12.456  17.630  1.00 15.00 ? 367 HOH A O     1 
HETATM 1742 O O     . HOH C 3 .   ? 12.517  7.483   21.201  1.00 15.00 ? 368 HOH A O     1 
HETATM 1743 O O     . HOH C 3 .   ? 10.838  13.226  2.576   1.00 15.00 ? 369 HOH A O     1 
HETATM 1744 O O     . HOH C 3 .   ? -16.002 7.113   14.651  1.00 15.00 ? 371 HOH A O     1 
HETATM 1745 O O     . HOH C 3 .   ? -3.372  13.470  17.882  1.00 15.00 ? 372 HOH A O     1 
HETATM 1746 O O     . HOH C 3 .   ? -12.453 0.902   -10.468 1.00 15.00 ? 374 HOH A O     1 
HETATM 1747 O O     . HOH C 3 .   ? -14.468 14.386  -17.819 1.00 15.00 ? 375 HOH A O     1 
HETATM 1748 O O     . HOH C 3 .   ? 0.557   8.908   -18.702 1.00 15.00 ? 377 HOH A O     1 
HETATM 1749 O O     . HOH C 3 .   ? -14.343 7.349   -17.460 1.00 15.00 ? 378 HOH A O     1 
HETATM 1750 O O     . HOH C 3 .   ? -6.432  3.284   -20.789 1.00 15.00 ? 379 HOH A O     1 
HETATM 1751 O O     . HOH C 3 .   ? -1.081  0.864   -17.043 1.00 15.00 ? 380 HOH A O     1 
# 
